data_7VUA
#
_entry.id   7VUA
#
_cell.length_a   117.841
_cell.length_b   218.212
_cell.length_c   168.174
_cell.angle_alpha   90.000
_cell.angle_beta   90.000
_cell.angle_gamma   90.000
#
_symmetry.space_group_name_H-M   'C 2 2 21'
#
loop_
_entity.id
_entity.type
_entity.pdbx_description
1 polymer HplG
2 non-polymer (4S)-4-hydroxy-D-proline
3 water water
#
_entity_poly.entity_id   1
_entity_poly.type   'polypeptide(L)'
_entity_poly.pdbx_seq_one_letter_code
;MISKRIARLSDKVRNTQPTIDLDRARLITEFYSRPSMDNYILRRAKAFDYYLENREIFIDEDSQIAGHQGGCWEAVVMHP
DVTKWLYDDFDTLDKRPSDNLAFRSAAAKEELRQIVETWKGQTFGDFAATLVDEDMKPMLDVGIFTHGISNQSTMNHSPD
YDNLIKRGYRYYIDECKEKLAEHQVNDVYDMEQQIAWKAMIIAMEAVIKFAHRYADLANKQAAECIDPKRKEELLIMAEN
CRTVPENPPKTFLQATQLVWFNHLAISLEAAGGDHNLGRYDQYMLPFFEKETAEGKPEEYFADIIHEFKLKVAEMWNIRC
YNESVADPGNPLWMHIMLAGQLENGKDACNELTNVFLRCMRDLQTDEPCITFRFHPNINEETFRLAIEVARDSGGHPAFY
NDTAAITYLLSLGFTLKEARNWGICGCIEPQVLGKTDFQSNPGYFNPLKVFDVMLHNGYDPVIGKKIGIESGEVSSFTSI
DDVMRAYEKQLDFFMEKFVTLANRTLAGHAFTLPTIMGSCFSVGCVEKGKLLQQKGSDHHYSAVGVAGIANMIDSFAAME
ECVFNKNYLTMEELVRLLDTNFEGKENMRQLLLNKAPKFGNDIEQVDKYSYWLIDALDTSMKRFHDAQGGPYTVLVATQA
YNVEMGKNVGATPDGRMAGTPLADNASPMVGMDVNGPTAVVNSLACCDELVPQSGLLLNQRFDPAVVAGEKGIDIIESVF
RAHFAQNGFHIQINVLDDETLRAAQKNPDDHRNILVRVAGYSAYFVDLSEEIQNNIIERTIQRGL
;
_entity_poly.pdbx_strand_id   A,B
#
# COMPACT_ATOMS: atom_id res chain seq x y z
N MET A 1 5.62 -37.87 39.42
CA MET A 1 4.44 -37.25 40.00
C MET A 1 3.42 -36.86 38.93
N ILE A 2 3.86 -36.64 37.69
CA ILE A 2 2.97 -36.03 36.72
C ILE A 2 1.91 -37.03 36.26
N SER A 3 0.75 -36.52 35.91
CA SER A 3 -0.36 -37.33 35.44
C SER A 3 0.02 -38.18 34.21
N LYS A 4 -0.76 -39.23 33.97
CA LYS A 4 -0.45 -40.09 32.83
C LYS A 4 -0.82 -39.41 31.52
N ARG A 5 -1.90 -38.62 31.52
CA ARG A 5 -2.23 -37.80 30.35
C ARG A 5 -1.08 -36.86 29.99
N ILE A 6 -0.54 -36.15 30.98
CA ILE A 6 0.54 -35.21 30.71
C ILE A 6 1.81 -35.96 30.30
N ALA A 7 2.02 -37.17 30.80
CA ALA A 7 3.23 -37.89 30.40
C ALA A 7 3.18 -38.27 28.93
N ARG A 8 2.00 -38.62 28.42
CA ARG A 8 1.88 -38.92 26.99
C ARG A 8 1.96 -37.67 26.13
N LEU A 9 1.23 -36.59 26.50
CA LEU A 9 1.35 -35.32 25.79
C LEU A 9 2.79 -34.83 25.76
N SER A 10 3.42 -34.77 26.93
CA SER A 10 4.83 -34.39 26.94
C SER A 10 5.63 -35.25 25.97
N ASP A 11 5.45 -36.56 26.04
CA ASP A 11 6.24 -37.45 25.19
C ASP A 11 6.05 -37.15 23.72
N LYS A 12 4.83 -36.84 23.30
CA LYS A 12 4.58 -36.52 21.89
C LYS A 12 5.37 -35.28 21.48
N VAL A 13 5.35 -34.24 22.31
CA VAL A 13 6.13 -33.04 22.04
C VAL A 13 7.62 -33.35 22.01
N ARG A 14 8.12 -33.98 23.06
CA ARG A 14 9.57 -34.09 23.15
C ARG A 14 10.16 -35.11 22.17
N ASN A 15 9.37 -36.08 21.69
CA ASN A 15 9.91 -37.23 20.97
C ASN A 15 9.37 -37.43 19.57
N THR A 16 8.30 -36.73 19.17
CA THR A 16 7.90 -36.79 17.78
C THR A 16 8.94 -36.05 16.95
N GLN A 17 9.42 -36.69 15.92
CA GLN A 17 10.44 -36.06 15.12
C GLN A 17 9.81 -34.87 14.40
N PRO A 18 10.41 -33.68 14.49
CA PRO A 18 9.77 -32.50 13.89
C PRO A 18 9.84 -32.51 12.37
N THR A 19 8.69 -32.39 11.74
CA THR A 19 8.57 -32.46 10.28
C THR A 19 8.13 -31.12 9.68
N ILE A 20 8.79 -30.74 8.58
CA ILE A 20 8.43 -29.56 7.81
C ILE A 20 7.05 -29.73 7.20
N ASP A 21 6.16 -28.76 7.43
CA ASP A 21 4.77 -28.84 7.00
C ASP A 21 4.57 -28.04 5.72
N LEU A 22 3.85 -28.62 4.75
CA LEU A 22 3.57 -27.95 3.49
C LEU A 22 2.17 -27.37 3.42
N ASP A 23 1.32 -27.58 4.42
CA ASP A 23 -0.01 -27.00 4.37
C ASP A 23 0.05 -25.50 4.08
N ARG A 24 0.69 -24.74 4.99
CA ARG A 24 0.69 -23.29 4.84
C ARG A 24 1.39 -22.88 3.56
N ALA A 25 2.61 -23.39 3.34
CA ALA A 25 3.37 -23.08 2.14
C ALA A 25 2.55 -23.35 0.87
N ARG A 26 1.90 -24.50 0.80
CA ARG A 26 1.12 -24.81 -0.38
C ARG A 26 -0.04 -23.83 -0.53
N LEU A 27 -0.79 -23.58 0.55
CA LEU A 27 -2.04 -22.85 0.42
C LEU A 27 -1.79 -21.36 0.22
N ILE A 28 -0.83 -20.79 0.96
CA ILE A 28 -0.45 -19.40 0.77
C ILE A 28 0.10 -19.18 -0.62
N THR A 29 0.97 -20.09 -1.10
CA THR A 29 1.50 -19.93 -2.46
C THR A 29 0.39 -19.99 -3.50
N GLU A 30 -0.64 -20.78 -3.26
CA GLU A 30 -1.71 -20.86 -4.25
C GLU A 30 -2.59 -19.62 -4.22
N PHE A 31 -2.79 -19.03 -3.03
CA PHE A 31 -3.62 -17.83 -2.94
C PHE A 31 -2.98 -16.65 -3.65
N TYR A 32 -1.67 -16.43 -3.42
CA TYR A 32 -0.92 -15.34 -4.02
C TYR A 32 -0.62 -15.56 -5.48
N SER A 33 -0.87 -16.75 -6.00
CA SER A 33 -0.73 -17.00 -7.43
C SER A 33 -2.03 -16.71 -8.18
N ARG A 34 -3.11 -16.36 -7.48
CA ARG A 34 -4.31 -15.86 -8.14
C ARG A 34 -4.15 -14.36 -8.38
N PRO A 35 -4.10 -13.90 -9.63
CA PRO A 35 -3.92 -12.47 -9.87
C PRO A 35 -4.98 -11.66 -9.13
N SER A 36 -4.54 -10.56 -8.53
CA SER A 36 -5.49 -9.71 -7.83
C SER A 36 -4.96 -8.30 -7.74
N MET A 37 -5.88 -7.35 -7.78
CA MET A 37 -5.55 -5.95 -7.50
C MET A 37 -6.12 -5.49 -6.16
N ASP A 38 -6.63 -6.40 -5.34
CA ASP A 38 -7.11 -5.99 -4.04
C ASP A 38 -5.98 -5.31 -3.30
N ASN A 39 -6.32 -4.42 -2.38
CA ASN A 39 -5.25 -3.82 -1.60
C ASN A 39 -4.51 -4.91 -0.82
N TYR A 40 -3.19 -4.80 -0.74
CA TYR A 40 -2.41 -5.93 -0.22
C TYR A 40 -2.73 -6.28 1.24
N ILE A 41 -3.29 -5.34 2.02
CA ILE A 41 -3.61 -5.69 3.38
C ILE A 41 -4.88 -6.54 3.43
N LEU A 42 -5.91 -6.14 2.66
CA LEU A 42 -7.08 -6.99 2.54
C LEU A 42 -6.71 -8.35 1.94
N ARG A 43 -5.85 -8.36 0.92
CA ARG A 43 -5.42 -9.64 0.34
C ARG A 43 -4.83 -10.54 1.41
N ARG A 44 -4.13 -9.95 2.40
CA ARG A 44 -3.42 -10.78 3.38
C ARG A 44 -4.36 -11.34 4.42
N ALA A 45 -5.34 -10.55 4.85
CA ALA A 45 -6.41 -11.09 5.67
C ALA A 45 -7.09 -12.25 4.94
N LYS A 46 -7.43 -12.04 3.67
CA LYS A 46 -8.12 -13.08 2.90
C LYS A 46 -7.24 -14.30 2.66
N ALA A 47 -5.93 -14.11 2.50
CA ALA A 47 -5.05 -15.25 2.41
C ALA A 47 -5.00 -16.01 3.73
N PHE A 48 -5.05 -15.27 4.84
CA PHE A 48 -5.08 -15.91 6.15
C PHE A 48 -6.35 -16.71 6.30
N ASP A 49 -7.49 -16.12 5.92
CA ASP A 49 -8.77 -16.82 6.00
C ASP A 49 -8.74 -18.08 5.15
N TYR A 50 -8.30 -17.97 3.90
CA TYR A 50 -8.24 -19.13 3.02
C TYR A 50 -7.34 -20.22 3.62
N TYR A 51 -6.20 -19.84 4.19
CA TYR A 51 -5.32 -20.87 4.76
C TYR A 51 -5.96 -21.58 5.96
N LEU A 52 -6.63 -20.84 6.85
CA LEU A 52 -7.22 -21.50 8.01
C LEU A 52 -8.45 -22.30 7.62
N GLU A 53 -8.99 -22.08 6.43
CA GLU A 53 -10.18 -22.78 6.03
C GLU A 53 -9.85 -24.17 5.50
N ASN A 54 -8.63 -24.35 4.99
CA ASN A 54 -8.26 -25.56 4.27
C ASN A 54 -7.10 -26.33 4.89
N ARG A 55 -6.50 -25.86 5.97
CA ARG A 55 -5.33 -26.57 6.45
C ARG A 55 -5.74 -27.80 7.26
N GLU A 56 -4.80 -28.73 7.42
CA GLU A 56 -5.08 -29.95 8.15
C GLU A 56 -5.18 -29.66 9.64
N ILE A 57 -6.06 -30.37 10.34
CA ILE A 57 -6.20 -30.24 11.78
C ILE A 57 -6.44 -31.62 12.37
N PHE A 58 -5.81 -31.88 13.52
CA PHE A 58 -6.06 -33.09 14.28
C PHE A 58 -6.31 -32.72 15.74
N ILE A 59 -6.98 -33.61 16.45
CA ILE A 59 -7.14 -33.53 17.90
C ILE A 59 -6.56 -34.80 18.48
N ASP A 60 -5.50 -34.66 19.24
CA ASP A 60 -4.89 -35.84 19.82
C ASP A 60 -5.71 -36.35 21.01
N GLU A 61 -5.69 -37.67 21.17
CA GLU A 61 -6.47 -38.40 22.17
C GLU A 61 -6.42 -37.78 23.55
N ASP A 62 -5.25 -37.34 23.97
CA ASP A 62 -5.05 -36.88 25.33
C ASP A 62 -5.29 -35.39 25.51
N SER A 63 -5.57 -34.65 24.43
CA SER A 63 -5.64 -33.19 24.49
C SER A 63 -6.98 -32.73 25.01
N GLN A 64 -6.97 -31.85 26.00
CA GLN A 64 -8.18 -31.13 26.39
C GLN A 64 -8.32 -29.79 25.68
N ILE A 65 -7.23 -29.28 25.11
CA ILE A 65 -7.20 -28.01 24.40
C ILE A 65 -7.06 -28.28 22.89
N ALA A 66 -7.95 -27.70 22.10
CA ALA A 66 -7.84 -27.79 20.64
C ALA A 66 -6.67 -26.95 20.09
N GLY A 67 -6.02 -27.44 19.04
CA GLY A 67 -5.19 -26.62 18.19
C GLY A 67 -3.68 -26.85 18.21
N HIS A 68 -3.09 -27.08 17.03
CA HIS A 68 -1.63 -27.15 16.87
C HIS A 68 -1.25 -26.29 15.68
N GLN A 69 0.04 -26.08 15.48
CA GLN A 69 0.45 -25.31 14.30
C GLN A 69 0.22 -26.11 13.04
N GLY A 70 0.51 -27.42 13.09
CA GLY A 70 0.30 -28.30 11.96
C GLY A 70 -0.93 -29.19 12.13
N GLY A 71 -1.04 -30.15 11.22
CA GLY A 71 -2.04 -31.18 11.28
C GLY A 71 -1.51 -32.48 11.87
N CYS A 72 -0.33 -32.44 12.46
CA CYS A 72 0.26 -33.57 13.15
C CYS A 72 1.17 -33.04 14.25
N TRP A 73 1.57 -33.90 15.17
CA TRP A 73 2.43 -33.46 16.25
C TRP A 73 3.72 -32.87 15.69
N GLU A 74 4.12 -31.73 16.24
CA GLU A 74 5.46 -31.21 16.00
C GLU A 74 5.65 -30.85 14.52
N ALA A 75 4.62 -30.28 13.90
CA ALA A 75 4.74 -29.74 12.56
C ALA A 75 5.53 -28.43 12.58
N VAL A 76 6.35 -28.22 11.55
CA VAL A 76 7.20 -27.05 11.42
C VAL A 76 6.66 -26.22 10.24
N VAL A 77 6.01 -25.08 10.55
CA VAL A 77 5.28 -24.33 9.53
C VAL A 77 6.24 -23.39 8.81
N MET A 78 5.96 -23.18 7.52
CA MET A 78 6.84 -22.53 6.55
C MET A 78 6.24 -21.23 6.04
N HIS A 79 7.13 -20.30 5.70
CA HIS A 79 6.74 -18.94 5.30
C HIS A 79 7.50 -18.51 4.06
N PRO A 80 7.34 -19.23 2.95
CA PRO A 80 8.10 -18.88 1.74
C PRO A 80 7.74 -17.53 1.20
N ASP A 81 6.59 -16.98 1.62
CA ASP A 81 6.16 -15.65 1.22
C ASP A 81 7.02 -14.55 1.85
N VAL A 82 7.60 -14.80 3.02
CA VAL A 82 8.34 -13.81 3.77
C VAL A 82 9.85 -14.10 3.74
N THR A 83 10.24 -15.35 3.77
CA THR A 83 11.61 -15.70 4.14
C THR A 83 12.41 -16.01 2.89
N LYS A 84 13.31 -15.11 2.53
CA LYS A 84 14.13 -15.32 1.36
C LYS A 84 15.17 -16.41 1.62
N TRP A 85 15.64 -16.55 2.87
CA TRP A 85 16.61 -17.58 3.20
C TRP A 85 16.11 -18.98 2.86
N LEU A 86 14.80 -19.16 2.73
CA LEU A 86 14.30 -20.47 2.33
C LEU A 86 14.68 -20.82 0.91
N TYR A 87 15.18 -19.84 0.15
CA TYR A 87 15.78 -20.12 -1.15
C TYR A 87 17.27 -20.40 -1.00
N ASP A 88 18.03 -19.45 -0.44
CA ASP A 88 19.47 -19.64 -0.38
C ASP A 88 19.85 -20.81 0.52
N ASP A 89 19.12 -21.02 1.61
CA ASP A 89 19.46 -21.99 2.64
C ASP A 89 18.66 -23.28 2.50
N PHE A 90 17.93 -23.44 1.39
CA PHE A 90 17.06 -24.60 1.25
C PHE A 90 17.80 -25.91 1.44
N ASP A 91 19.01 -26.04 0.90
CA ASP A 91 19.63 -27.37 0.84
C ASP A 91 20.06 -27.87 2.21
N THR A 92 20.29 -26.99 3.18
CA THR A 92 20.65 -27.38 4.54
C THR A 92 19.45 -27.42 5.47
N LEU A 93 18.24 -27.24 4.93
CA LEU A 93 17.08 -27.20 5.80
C LEU A 93 16.96 -28.49 6.63
N ASP A 94 17.26 -29.64 6.04
CA ASP A 94 17.13 -30.91 6.74
C ASP A 94 18.48 -31.49 7.10
N LYS A 95 19.50 -30.64 7.19
CA LYS A 95 20.85 -31.02 7.64
C LYS A 95 21.38 -29.96 8.59
N ARG A 96 20.56 -29.53 9.52
CA ARG A 96 21.15 -28.42 10.25
C ARG A 96 21.89 -28.89 11.50
N PRO A 97 22.83 -28.07 11.98
CA PRO A 97 23.60 -28.42 13.18
C PRO A 97 23.02 -27.83 14.45
N SER A 98 21.71 -27.66 14.52
CA SER A 98 21.12 -26.92 15.63
C SER A 98 19.62 -27.13 15.68
N ASP A 99 19.03 -27.45 14.52
CA ASP A 99 17.59 -27.50 14.31
C ASP A 99 17.28 -28.79 13.57
N ASN A 100 16.97 -29.84 14.31
CA ASN A 100 16.71 -31.13 13.68
C ASN A 100 15.36 -31.11 12.97
N LEU A 101 15.37 -30.91 11.65
CA LEU A 101 14.15 -30.89 10.85
C LEU A 101 14.24 -31.97 9.76
N ALA A 102 13.10 -32.58 9.48
CA ALA A 102 13.03 -33.62 8.48
C ALA A 102 11.84 -33.38 7.59
N PHE A 103 11.97 -33.76 6.32
CA PHE A 103 10.80 -33.79 5.45
C PHE A 103 10.01 -35.07 5.71
N ARG A 104 8.71 -35.01 5.45
CA ARG A 104 7.89 -36.19 5.70
C ARG A 104 8.14 -37.25 4.64
N SER A 105 8.43 -36.86 3.40
CA SER A 105 8.23 -37.81 2.32
C SER A 105 8.82 -37.44 0.98
N ALA A 106 9.97 -36.78 0.91
CA ALA A 106 10.46 -36.36 -0.42
C ALA A 106 9.32 -35.69 -1.24
N ALA A 107 8.42 -35.02 -0.52
CA ALA A 107 7.89 -33.72 -0.92
C ALA A 107 8.80 -32.59 -0.39
N ALA A 108 10.09 -32.90 -0.14
CA ALA A 108 11.10 -31.87 -0.26
C ALA A 108 10.99 -31.20 -1.62
N LYS A 109 10.50 -31.92 -2.62
CA LYS A 109 10.45 -31.36 -3.97
C LYS A 109 9.24 -30.46 -4.15
N GLU A 110 8.08 -30.83 -3.63
CA GLU A 110 6.95 -29.91 -3.68
C GLU A 110 7.38 -28.56 -3.15
N GLU A 111 8.31 -28.57 -2.22
CA GLU A 111 8.71 -27.28 -1.69
C GLU A 111 9.86 -26.70 -2.47
N LEU A 112 10.93 -27.47 -2.74
CA LEU A 112 11.94 -26.99 -3.67
C LEU A 112 11.25 -26.31 -4.83
N ARG A 113 10.32 -27.03 -5.44
CA ARG A 113 9.72 -26.58 -6.69
C ARG A 113 8.53 -25.73 -6.36
N GLN A 114 7.35 -26.29 -6.67
CA GLN A 114 6.05 -25.63 -6.72
C GLN A 114 5.96 -24.36 -5.88
N ILE A 115 6.97 -24.09 -5.01
CA ILE A 115 6.84 -23.10 -3.94
C ILE A 115 8.05 -22.18 -3.84
N VAL A 116 9.17 -22.68 -3.30
CA VAL A 116 10.28 -21.79 -3.01
C VAL A 116 10.84 -21.22 -4.31
N GLU A 117 10.96 -22.03 -5.35
CA GLU A 117 11.36 -21.49 -6.64
C GLU A 117 10.30 -20.54 -7.18
N THR A 118 9.03 -20.84 -6.95
CA THR A 118 7.95 -19.96 -7.42
C THR A 118 8.07 -18.58 -6.81
N TRP A 119 8.54 -18.49 -5.58
CA TRP A 119 8.66 -17.25 -4.86
C TRP A 119 9.98 -16.55 -5.12
N LYS A 120 10.92 -17.20 -5.80
CA LYS A 120 12.26 -16.66 -6.01
C LYS A 120 12.22 -15.18 -6.36
N GLY A 121 12.88 -14.36 -5.53
CA GLY A 121 13.03 -12.95 -5.75
C GLY A 121 11.87 -12.08 -5.33
N GLN A 122 10.71 -12.67 -4.99
CA GLN A 122 9.50 -11.91 -4.66
C GLN A 122 9.08 -12.07 -3.21
N THR A 123 9.94 -12.58 -2.34
CA THR A 123 9.55 -12.72 -0.95
C THR A 123 9.73 -11.39 -0.21
N PHE A 124 9.09 -11.26 0.95
CA PHE A 124 9.34 -10.07 1.74
C PHE A 124 10.83 -9.84 1.88
N GLY A 125 11.56 -10.88 2.32
CA GLY A 125 12.99 -10.75 2.52
C GLY A 125 13.70 -10.23 1.29
N ASP A 126 13.14 -10.48 0.10
CA ASP A 126 13.71 -9.94 -1.13
C ASP A 126 13.48 -8.44 -1.24
N PHE A 127 12.30 -7.96 -0.83
CA PHE A 127 12.09 -6.53 -0.70
C PHE A 127 13.05 -5.93 0.32
N ALA A 128 13.17 -6.56 1.49
CA ALA A 128 14.04 -6.00 2.52
C ALA A 128 15.47 -5.87 2.01
N ALA A 129 15.92 -6.80 1.16
CA ALA A 129 17.30 -6.73 0.68
C ALA A 129 17.54 -5.46 -0.15
N THR A 130 16.53 -4.97 -0.85
CA THR A 130 16.74 -3.79 -1.68
C THR A 130 17.01 -2.53 -0.87
N LEU A 131 16.91 -2.59 0.46
CA LEU A 131 17.09 -1.43 1.33
C LEU A 131 18.50 -1.35 1.89
N VAL A 132 19.40 -2.17 1.39
CA VAL A 132 20.75 -2.28 1.92
C VAL A 132 21.67 -1.60 0.93
N ASP A 133 22.28 -0.47 1.32
CA ASP A 133 23.27 0.20 0.47
C ASP A 133 24.54 -0.63 0.35
N GLU A 134 25.25 -0.42 -0.77
CA GLU A 134 26.46 -1.18 -1.07
C GLU A 134 27.47 -1.14 0.07
N ASP A 135 27.72 0.06 0.61
CA ASP A 135 28.69 0.16 1.69
C ASP A 135 28.29 -0.68 2.89
N MET A 136 26.99 -0.93 3.07
CA MET A 136 26.54 -1.65 4.26
C MET A 136 26.85 -3.13 4.18
N LYS A 137 26.94 -3.67 2.97
CA LYS A 137 27.11 -5.12 2.81
C LYS A 137 28.40 -5.64 3.45
N PRO A 138 29.57 -5.03 3.26
CA PRO A 138 30.73 -5.45 4.07
C PRO A 138 30.48 -5.32 5.57
N MET A 139 29.81 -4.26 6.00
CA MET A 139 29.49 -4.12 7.42
C MET A 139 28.70 -5.33 7.91
N LEU A 140 27.65 -5.70 7.18
CA LEU A 140 26.88 -6.89 7.54
C LEU A 140 27.74 -8.15 7.42
N ASP A 141 28.64 -8.19 6.43
CA ASP A 141 29.44 -9.39 6.21
C ASP A 141 30.34 -9.67 7.42
N VAL A 142 31.09 -8.66 7.88
CA VAL A 142 32.01 -8.89 8.98
C VAL A 142 31.35 -8.84 10.34
N GLY A 143 30.06 -8.53 10.42
CA GLY A 143 29.34 -8.67 11.66
C GLY A 143 29.35 -7.46 12.56
N ILE A 144 29.49 -6.25 12.00
CA ILE A 144 29.33 -5.03 12.79
C ILE A 144 27.90 -4.91 13.30
N PHE A 145 26.93 -5.21 12.42
CA PHE A 145 25.54 -5.32 12.84
C PHE A 145 24.85 -6.33 11.95
N THR A 146 23.66 -6.74 12.37
CA THR A 146 22.80 -7.62 11.60
C THR A 146 21.61 -6.83 11.09
N HIS A 147 20.91 -7.41 10.14
CA HIS A 147 19.76 -6.77 9.52
C HIS A 147 18.52 -7.43 10.10
N GLY A 148 18.03 -6.91 11.20
CA GLY A 148 16.90 -7.53 11.84
C GLY A 148 15.64 -7.34 11.01
N ILE A 149 14.58 -8.00 11.48
CA ILE A 149 13.29 -8.07 10.81
C ILE A 149 13.41 -7.85 9.31
N SER A 150 14.35 -8.57 8.67
CA SER A 150 14.45 -8.63 7.23
C SER A 150 14.02 -9.97 6.66
N ASN A 151 13.79 -10.97 7.50
CA ASN A 151 13.16 -12.21 7.05
C ASN A 151 12.03 -12.63 8.00
N GLN A 152 11.48 -11.69 8.76
CA GLN A 152 10.35 -11.95 9.62
C GLN A 152 9.47 -10.69 9.63
N SER A 153 8.24 -10.87 10.10
CA SER A 153 7.34 -9.74 10.30
C SER A 153 7.83 -8.92 11.49
N THR A 154 7.13 -7.84 11.80
CA THR A 154 7.64 -7.11 12.96
C THR A 154 7.44 -7.84 14.28
N MET A 155 6.67 -8.92 14.32
CA MET A 155 6.67 -9.82 15.48
C MET A 155 6.24 -9.08 16.74
N ASN A 156 6.76 -9.61 17.86
CA ASN A 156 6.73 -8.98 19.17
C ASN A 156 5.34 -8.49 19.52
N HIS A 157 4.37 -9.39 19.46
CA HIS A 157 3.00 -8.98 19.69
C HIS A 157 2.66 -9.15 21.16
N SER A 158 2.00 -8.13 21.71
CA SER A 158 1.64 -8.05 23.12
C SER A 158 0.14 -7.81 23.18
N PRO A 159 -0.67 -8.85 23.12
CA PRO A 159 -2.13 -8.65 23.12
C PRO A 159 -2.66 -8.25 24.49
N ASP A 160 -3.68 -7.40 24.47
CA ASP A 160 -4.31 -6.96 25.70
C ASP A 160 -5.09 -8.10 26.35
N TYR A 161 -4.39 -9.12 26.86
CA TYR A 161 -5.11 -10.28 27.36
C TYR A 161 -5.96 -9.95 28.58
N ASP A 162 -5.52 -9.02 29.44
CA ASP A 162 -6.33 -8.61 30.59
C ASP A 162 -7.76 -8.23 30.15
N ASN A 163 -7.91 -7.52 29.02
CA ASN A 163 -9.25 -7.13 28.61
C ASN A 163 -9.88 -8.12 27.64
N LEU A 164 -9.08 -8.75 26.80
CA LEU A 164 -9.61 -9.70 25.84
C LEU A 164 -10.29 -10.86 26.55
N ILE A 165 -9.70 -11.31 27.66
CA ILE A 165 -10.25 -12.40 28.45
C ILE A 165 -11.67 -12.07 28.91
N LYS A 166 -12.01 -10.79 29.04
CA LYS A 166 -13.34 -10.41 29.48
C LYS A 166 -14.33 -10.17 28.34
N ARG A 167 -13.86 -10.10 27.08
CA ARG A 167 -14.68 -9.56 25.99
C ARG A 167 -14.84 -10.49 24.81
N GLY A 168 -13.77 -11.15 24.37
CA GLY A 168 -13.80 -12.02 23.21
C GLY A 168 -13.76 -11.25 21.91
N TYR A 169 -13.43 -11.97 20.84
CA TYR A 169 -13.31 -11.32 19.54
C TYR A 169 -14.51 -10.45 19.23
N ARG A 170 -15.72 -10.95 19.48
CA ARG A 170 -16.92 -10.22 19.03
C ARG A 170 -16.98 -8.81 19.59
N TYR A 171 -16.35 -8.57 20.74
CA TYR A 171 -16.28 -7.20 21.22
C TYR A 171 -15.52 -6.30 20.24
N TYR A 172 -14.32 -6.73 19.84
CA TYR A 172 -13.49 -5.92 18.93
C TYR A 172 -14.07 -5.89 17.52
N ILE A 173 -14.62 -7.00 17.04
CA ILE A 173 -15.28 -6.97 15.74
C ILE A 173 -16.36 -5.89 15.72
N ASP A 174 -17.16 -5.81 16.78
CA ASP A 174 -18.26 -4.84 16.78
C ASP A 174 -17.72 -3.42 16.88
N GLU A 175 -16.60 -3.25 17.57
CA GLU A 175 -15.93 -1.96 17.63
C GLU A 175 -15.48 -1.50 16.24
N CYS A 176 -14.77 -2.38 15.50
CA CYS A 176 -14.39 -2.06 14.13
C CYS A 176 -15.61 -1.72 13.28
N LYS A 177 -16.70 -2.47 13.43
CA LYS A 177 -17.91 -2.17 12.67
C LYS A 177 -18.47 -0.80 13.07
N GLU A 178 -18.54 -0.52 14.37
CA GLU A 178 -19.02 0.78 14.82
C GLU A 178 -18.09 1.90 14.34
N LYS A 179 -16.78 1.70 14.47
CA LYS A 179 -15.82 2.63 13.88
C LYS A 179 -16.10 2.85 12.39
N LEU A 180 -16.34 1.75 11.66
CA LEU A 180 -16.46 1.81 10.20
C LEU A 180 -17.70 2.61 9.78
N ALA A 181 -18.76 2.55 10.58
CA ALA A 181 -20.03 3.15 10.19
C ALA A 181 -20.07 4.63 10.48
N GLU A 182 -19.29 5.12 11.43
CA GLU A 182 -19.26 6.56 11.69
C GLU A 182 -18.08 7.26 11.02
N HIS A 183 -17.23 6.53 10.29
CA HIS A 183 -16.01 7.07 9.71
C HIS A 183 -16.24 7.68 8.32
N GLN A 184 -15.67 8.85 8.07
CA GLN A 184 -15.79 9.50 6.78
C GLN A 184 -14.43 9.56 6.08
N VAL A 185 -14.44 9.21 4.79
CA VAL A 185 -13.27 9.40 3.93
C VAL A 185 -13.39 10.79 3.35
N ASN A 186 -12.65 11.73 3.92
CA ASN A 186 -12.50 13.05 3.34
C ASN A 186 -11.20 13.19 2.56
N ASP A 187 -10.16 12.45 2.93
CA ASP A 187 -8.85 12.58 2.32
C ASP A 187 -8.37 11.21 1.89
N VAL A 188 -7.55 11.16 0.83
CA VAL A 188 -7.13 9.87 0.31
C VAL A 188 -6.60 9.01 1.43
N TYR A 189 -5.82 9.59 2.34
CA TYR A 189 -5.19 8.76 3.36
C TYR A 189 -6.19 8.23 4.40
N ASP A 190 -7.45 8.69 4.38
CA ASP A 190 -8.45 8.13 5.27
C ASP A 190 -8.78 6.67 4.94
N MET A 191 -8.55 6.25 3.70
CA MET A 191 -8.74 4.86 3.34
C MET A 191 -7.92 3.94 4.24
N GLU A 192 -6.83 4.43 4.81
CA GLU A 192 -6.03 3.59 5.69
C GLU A 192 -6.88 3.03 6.83
N GLN A 193 -7.73 3.86 7.43
CA GLN A 193 -8.53 3.38 8.55
C GLN A 193 -9.56 2.36 8.09
N GLN A 194 -10.15 2.58 6.92
CA GLN A 194 -11.08 1.61 6.36
C GLN A 194 -10.43 0.25 6.16
N ILE A 195 -9.28 0.23 5.50
CA ILE A 195 -8.57 -1.03 5.29
C ILE A 195 -8.25 -1.70 6.62
N ALA A 196 -7.80 -0.94 7.61
CA ALA A 196 -7.34 -1.57 8.84
C ALA A 196 -8.48 -2.26 9.57
N TRP A 197 -9.60 -1.56 9.75
CA TRP A 197 -10.74 -2.15 10.45
C TRP A 197 -11.26 -3.38 9.69
N LYS A 198 -11.46 -3.23 8.38
CA LYS A 198 -11.95 -4.34 7.56
C LYS A 198 -11.03 -5.55 7.67
N ALA A 199 -9.72 -5.34 7.46
CA ALA A 199 -8.78 -6.45 7.55
C ALA A 199 -8.85 -7.13 8.92
N MET A 200 -8.94 -6.34 9.99
CA MET A 200 -8.99 -6.94 11.32
C MET A 200 -10.27 -7.74 11.53
N ILE A 201 -11.39 -7.21 11.03
CA ILE A 201 -12.64 -7.97 11.02
C ILE A 201 -12.45 -9.29 10.28
N ILE A 202 -12.04 -9.24 9.02
CA ILE A 202 -11.86 -10.47 8.25
C ILE A 202 -11.03 -11.48 9.03
N ALA A 203 -9.93 -11.03 9.64
CA ALA A 203 -9.04 -11.98 10.30
C ALA A 203 -9.66 -12.54 11.59
N MET A 204 -10.34 -11.70 12.37
CA MET A 204 -10.96 -12.22 13.59
C MET A 204 -12.06 -13.22 13.26
N GLU A 205 -12.90 -12.93 12.25
CA GLU A 205 -13.87 -13.93 11.85
C GLU A 205 -13.17 -15.17 11.29
N ALA A 206 -11.97 -15.02 10.74
CA ALA A 206 -11.24 -16.19 10.27
C ALA A 206 -10.94 -17.12 11.42
N VAL A 207 -10.40 -16.60 12.51
CA VAL A 207 -10.04 -17.48 13.63
C VAL A 207 -11.30 -18.13 14.21
N ILE A 208 -12.40 -17.39 14.30
CA ILE A 208 -13.62 -18.00 14.80
C ILE A 208 -14.01 -19.20 13.96
N LYS A 209 -14.04 -19.02 12.63
CA LYS A 209 -14.20 -20.14 11.72
C LYS A 209 -13.20 -21.26 12.04
N PHE A 210 -11.93 -20.91 12.23
CA PHE A 210 -10.93 -21.92 12.57
C PHE A 210 -11.32 -22.67 13.84
N ALA A 211 -11.74 -21.96 14.88
CA ALA A 211 -12.17 -22.66 16.09
C ALA A 211 -13.37 -23.55 15.81
N HIS A 212 -14.31 -23.10 14.97
CA HIS A 212 -15.47 -23.93 14.65
C HIS A 212 -15.07 -25.19 13.90
N ARG A 213 -13.98 -25.13 13.13
CA ARG A 213 -13.45 -26.35 12.54
C ARG A 213 -13.05 -27.35 13.63
N TYR A 214 -12.35 -26.91 14.67
CA TYR A 214 -12.03 -27.85 15.74
C TYR A 214 -13.29 -28.32 16.46
N ALA A 215 -14.28 -27.43 16.63
CA ALA A 215 -15.50 -27.85 17.30
C ALA A 215 -16.18 -28.97 16.52
N ASP A 216 -16.25 -28.86 15.20
CA ASP A 216 -16.91 -29.91 14.44
C ASP A 216 -16.08 -31.19 14.46
N LEU A 217 -14.77 -31.09 14.27
CA LEU A 217 -13.95 -32.27 14.45
C LEU A 217 -14.21 -32.90 15.81
N ALA A 218 -14.16 -32.09 16.89
CA ALA A 218 -14.33 -32.64 18.22
C ALA A 218 -15.67 -33.35 18.34
N ASN A 219 -16.68 -32.79 17.71
CA ASN A 219 -18.04 -33.33 17.81
C ASN A 219 -18.20 -34.62 17.02
N LYS A 220 -17.61 -34.73 15.81
CA LYS A 220 -17.65 -36.01 15.12
C LYS A 220 -16.93 -37.10 15.92
N GLN A 221 -15.73 -36.78 16.46
CA GLN A 221 -15.01 -37.74 17.28
C GLN A 221 -15.82 -38.16 18.50
N ALA A 222 -16.55 -37.22 19.11
CA ALA A 222 -17.36 -37.55 20.28
C ALA A 222 -18.45 -38.56 19.92
N ALA A 223 -19.06 -38.42 18.74
CA ALA A 223 -20.14 -39.32 18.36
C ALA A 223 -19.67 -40.76 18.21
N GLU A 224 -18.40 -40.97 17.85
CA GLU A 224 -17.81 -42.30 17.70
C GLU A 224 -16.96 -42.70 18.91
N CYS A 225 -17.24 -42.18 20.10
CA CYS A 225 -16.37 -42.41 21.25
C CYS A 225 -17.08 -43.32 22.25
N ILE A 226 -16.38 -44.38 22.67
CA ILE A 226 -17.01 -45.33 23.59
C ILE A 226 -16.54 -45.06 25.02
N ASP A 227 -15.33 -44.55 25.19
CA ASP A 227 -14.91 -44.18 26.53
C ASP A 227 -15.76 -43.00 27.00
N PRO A 228 -16.53 -43.14 28.08
CA PRO A 228 -17.33 -41.99 28.54
C PRO A 228 -16.48 -40.81 28.97
N LYS A 229 -15.31 -41.04 29.56
CA LYS A 229 -14.52 -39.91 30.01
C LYS A 229 -13.99 -39.10 28.82
N ARG A 230 -13.52 -39.76 27.77
CA ARG A 230 -13.05 -39.02 26.61
C ARG A 230 -14.22 -38.38 25.87
N LYS A 231 -15.32 -39.12 25.71
CA LYS A 231 -16.48 -38.54 25.05
C LYS A 231 -16.86 -37.21 25.69
N GLU A 232 -16.69 -37.10 27.01
CA GLU A 232 -17.03 -35.88 27.73
C GLU A 232 -15.98 -34.80 27.52
N GLU A 233 -14.70 -35.18 27.50
CA GLU A 233 -13.67 -34.23 27.15
C GLU A 233 -13.91 -33.60 25.79
N LEU A 234 -14.40 -34.38 24.82
CA LEU A 234 -14.54 -33.86 23.47
C LEU A 234 -15.78 -33.00 23.32
N LEU A 235 -16.87 -33.36 23.98
CA LEU A 235 -18.06 -32.51 23.94
C LEU A 235 -17.79 -31.21 24.67
N ILE A 236 -16.91 -31.24 25.67
CA ILE A 236 -16.52 -30.01 26.34
C ILE A 236 -15.61 -29.20 25.43
N MET A 237 -14.68 -29.86 24.74
CA MET A 237 -13.87 -29.16 23.75
C MET A 237 -14.75 -28.54 22.66
N ALA A 238 -15.58 -29.35 22.00
CA ALA A 238 -16.43 -28.82 20.94
C ALA A 238 -17.24 -27.65 21.46
N GLU A 239 -17.68 -27.72 22.71
CA GLU A 239 -18.44 -26.63 23.29
C GLU A 239 -17.54 -25.41 23.54
N ASN A 240 -16.35 -25.65 24.07
CA ASN A 240 -15.38 -24.58 24.22
C ASN A 240 -15.10 -23.90 22.88
N CYS A 241 -14.92 -24.67 21.81
CA CYS A 241 -14.51 -24.07 20.55
C CYS A 241 -15.65 -23.36 19.84
N ARG A 242 -16.88 -23.51 20.31
CA ARG A 242 -17.98 -22.71 19.80
C ARG A 242 -18.23 -21.51 20.69
N THR A 243 -17.75 -21.56 21.92
CA THR A 243 -17.87 -20.42 22.81
C THR A 243 -16.78 -19.38 22.53
N VAL A 244 -15.53 -19.85 22.44
CA VAL A 244 -14.34 -19.01 22.53
C VAL A 244 -13.54 -19.26 21.26
N PRO A 245 -12.74 -18.31 20.76
CA PRO A 245 -12.43 -16.95 21.20
C PRO A 245 -13.48 -15.89 20.89
N GLU A 246 -14.53 -16.25 20.15
CA GLU A 246 -15.52 -15.25 19.79
C GLU A 246 -16.09 -14.54 21.03
N ASN A 247 -16.38 -15.31 22.10
CA ASN A 247 -17.05 -14.77 23.28
C ASN A 247 -16.16 -14.84 24.51
N PRO A 248 -16.53 -14.14 25.56
CA PRO A 248 -15.82 -14.26 26.84
C PRO A 248 -15.77 -15.70 27.32
N PRO A 249 -14.63 -16.17 27.83
CA PRO A 249 -14.60 -17.47 28.49
C PRO A 249 -15.49 -17.48 29.72
N LYS A 250 -16.23 -18.57 29.90
CA LYS A 250 -16.97 -18.83 31.13
C LYS A 250 -16.19 -19.67 32.13
N THR A 251 -15.20 -20.46 31.68
CA THR A 251 -14.51 -21.43 32.52
C THR A 251 -13.00 -21.27 32.37
N PHE A 252 -12.27 -21.81 33.35
CA PHE A 252 -10.80 -21.75 33.32
C PHE A 252 -10.26 -22.41 32.06
N LEU A 253 -10.88 -23.51 31.63
CA LEU A 253 -10.42 -24.17 30.41
C LEU A 253 -10.70 -23.33 29.18
N GLN A 254 -11.88 -22.69 29.10
CA GLN A 254 -12.17 -21.81 27.99
C GLN A 254 -11.20 -20.64 27.92
N ALA A 255 -10.91 -20.02 29.07
CA ALA A 255 -9.95 -18.92 29.10
C ALA A 255 -8.60 -19.34 28.54
N THR A 256 -8.12 -20.53 28.94
CA THR A 256 -6.86 -21.01 28.38
C THR A 256 -7.01 -21.29 26.90
N GLN A 257 -8.17 -21.80 26.50
CA GLN A 257 -8.45 -22.13 25.11
C GLN A 257 -8.57 -20.87 24.25
N LEU A 258 -9.04 -19.77 24.83
CA LEU A 258 -9.02 -18.51 24.10
C LEU A 258 -7.60 -18.02 23.92
N VAL A 259 -6.82 -17.92 24.99
CA VAL A 259 -5.46 -17.41 24.86
C VAL A 259 -4.66 -18.24 23.87
N TRP A 260 -4.77 -19.58 23.97
CA TRP A 260 -4.04 -20.42 23.03
C TRP A 260 -4.46 -20.13 21.59
N PHE A 261 -5.76 -20.18 21.32
CA PHE A 261 -6.26 -19.89 19.98
C PHE A 261 -5.65 -18.58 19.46
N ASN A 262 -5.75 -17.50 20.24
CA ASN A 262 -5.23 -16.22 19.78
C ASN A 262 -3.72 -16.29 19.55
N HIS A 263 -2.99 -16.83 20.51
CA HIS A 263 -1.55 -17.04 20.33
C HIS A 263 -1.27 -17.79 19.03
N LEU A 264 -1.92 -18.94 18.85
CA LEU A 264 -1.66 -19.77 17.68
C LEU A 264 -1.94 -18.99 16.39
N ALA A 265 -3.09 -18.31 16.33
CA ALA A 265 -3.45 -17.59 15.10
C ALA A 265 -2.40 -16.55 14.75
N ILE A 266 -1.88 -15.84 15.75
CA ILE A 266 -0.80 -14.90 15.51
C ILE A 266 0.41 -15.63 14.96
N SER A 267 0.66 -16.85 15.46
CA SER A 267 1.89 -17.53 15.07
C SER A 267 1.86 -17.93 13.61
N LEU A 268 0.68 -18.13 13.04
CA LEU A 268 0.57 -18.69 11.71
C LEU A 268 0.39 -17.63 10.60
N GLU A 269 0.05 -16.39 10.97
CA GLU A 269 -0.22 -15.39 9.95
C GLU A 269 1.05 -14.89 9.29
N ALA A 270 2.12 -14.74 10.06
CA ALA A 270 3.34 -14.19 9.49
C ALA A 270 4.53 -14.78 10.19
N ALA A 271 5.64 -14.90 9.48
CA ALA A 271 6.85 -15.38 10.12
C ALA A 271 7.24 -14.42 11.24
N GLY A 272 7.58 -14.97 12.39
CA GLY A 272 8.05 -14.18 13.50
C GLY A 272 7.81 -14.90 14.81
N GLY A 273 8.39 -14.35 15.87
CA GLY A 273 8.25 -14.93 17.18
C GLY A 273 8.04 -13.90 18.27
N ASP A 274 8.48 -14.23 19.48
CA ASP A 274 8.65 -13.28 20.58
C ASP A 274 7.32 -12.70 21.07
N HIS A 275 6.19 -13.37 20.81
CA HIS A 275 4.89 -12.91 21.30
C HIS A 275 4.66 -13.44 22.71
N ASN A 276 4.17 -12.58 23.60
CA ASN A 276 3.98 -12.94 25.01
C ASN A 276 2.55 -13.32 25.31
N LEU A 277 2.38 -14.04 26.43
CA LEU A 277 1.10 -14.59 26.84
C LEU A 277 0.52 -13.87 28.06
N GLY A 278 1.11 -12.74 28.45
CA GLY A 278 0.55 -12.00 29.56
C GLY A 278 0.81 -12.62 30.92
N ARG A 279 0.08 -12.10 31.90
CA ARG A 279 0.24 -12.47 33.31
C ARG A 279 -0.82 -13.53 33.59
N TYR A 280 -0.46 -14.79 33.35
CA TYR A 280 -1.41 -15.89 33.40
C TYR A 280 -2.04 -16.01 34.78
N ASP A 281 -1.22 -15.96 35.84
CA ASP A 281 -1.73 -16.02 37.20
C ASP A 281 -2.64 -14.87 37.54
N GLN A 282 -2.73 -13.84 36.72
CA GLN A 282 -3.63 -12.72 36.99
C GLN A 282 -4.95 -12.91 36.25
N TYR A 283 -4.94 -12.83 34.91
CA TYR A 283 -6.22 -12.87 34.21
C TYR A 283 -6.94 -14.20 34.38
N MET A 284 -6.21 -15.25 34.77
CA MET A 284 -6.83 -16.55 34.99
C MET A 284 -7.47 -16.66 36.37
N LEU A 285 -7.14 -15.76 37.30
CA LEU A 285 -7.48 -15.98 38.70
C LEU A 285 -8.98 -16.04 38.99
N PRO A 286 -9.83 -15.23 38.38
CA PRO A 286 -11.26 -15.38 38.66
C PRO A 286 -11.77 -16.77 38.35
N PHE A 287 -11.16 -17.44 37.38
CA PHE A 287 -11.64 -18.75 36.98
C PHE A 287 -11.14 -19.83 37.93
N PHE A 288 -9.86 -19.80 38.23
CA PHE A 288 -9.32 -20.72 39.23
C PHE A 288 -10.06 -20.56 40.56
N GLU A 289 -10.27 -19.32 41.00
CA GLU A 289 -10.91 -19.10 42.28
C GLU A 289 -12.35 -19.61 42.28
N LYS A 290 -13.06 -19.39 41.18
CA LYS A 290 -14.46 -19.81 41.14
C LYS A 290 -14.58 -21.33 41.10
N GLU A 291 -13.93 -21.96 40.12
CA GLU A 291 -14.04 -23.40 39.98
C GLU A 291 -13.39 -24.14 41.15
N THR A 292 -12.39 -23.55 41.79
CA THR A 292 -11.82 -24.18 42.97
C THR A 292 -12.86 -24.27 44.07
N ALA A 293 -13.56 -23.17 44.34
CA ALA A 293 -14.66 -23.19 45.29
C ALA A 293 -15.79 -24.12 44.86
N GLU A 294 -15.87 -24.47 43.57
CA GLU A 294 -16.86 -25.42 43.08
C GLU A 294 -16.46 -26.88 43.33
N GLY A 295 -15.29 -27.13 43.94
CA GLY A 295 -14.87 -28.48 44.28
C GLY A 295 -13.69 -29.00 43.48
N LYS A 296 -13.35 -28.38 42.35
CA LYS A 296 -12.31 -28.93 41.50
C LYS A 296 -10.97 -28.91 42.24
N PRO A 297 -10.20 -29.98 42.15
CA PRO A 297 -8.93 -30.05 42.89
C PRO A 297 -7.78 -29.39 42.10
N GLU A 298 -6.67 -29.16 42.82
CA GLU A 298 -5.54 -28.51 42.16
C GLU A 298 -5.14 -29.22 40.87
N GLU A 299 -5.26 -30.55 40.81
CA GLU A 299 -4.73 -31.22 39.63
C GLU A 299 -5.59 -30.97 38.40
N TYR A 300 -6.87 -30.66 38.56
CA TYR A 300 -7.65 -30.26 37.38
C TYR A 300 -6.91 -29.18 36.63
N PHE A 301 -6.59 -28.10 37.35
CA PHE A 301 -5.92 -26.95 36.76
C PHE A 301 -4.48 -27.27 36.36
N ALA A 302 -3.77 -28.05 37.17
CA ALA A 302 -2.40 -28.39 36.82
C ALA A 302 -2.31 -29.04 35.43
N ASP A 303 -3.19 -30.00 35.15
CA ASP A 303 -3.09 -30.69 33.87
C ASP A 303 -3.33 -29.74 32.70
N ILE A 304 -4.24 -28.77 32.88
CA ILE A 304 -4.50 -27.79 31.83
C ILE A 304 -3.30 -26.88 31.62
N ILE A 305 -2.72 -26.38 32.70
CA ILE A 305 -1.52 -25.55 32.59
C ILE A 305 -0.43 -26.32 31.86
N HIS A 306 -0.22 -27.58 32.22
CA HIS A 306 0.78 -28.42 31.57
C HIS A 306 0.51 -28.57 30.07
N GLU A 307 -0.73 -28.91 29.69
CA GLU A 307 -1.04 -29.00 28.27
C GLU A 307 -0.81 -27.65 27.59
N PHE A 308 -1.29 -26.57 28.22
CA PHE A 308 -1.05 -25.22 27.71
C PHE A 308 0.43 -24.96 27.50
N LYS A 309 1.25 -25.16 28.54
CA LYS A 309 2.67 -24.94 28.35
C LYS A 309 3.19 -25.77 27.19
N LEU A 310 2.73 -27.03 27.08
CA LEU A 310 3.20 -27.91 26.01
C LEU A 310 2.69 -27.49 24.64
N LYS A 311 1.54 -26.82 24.58
CA LYS A 311 1.09 -26.24 23.31
C LYS A 311 2.12 -25.29 22.76
N VAL A 312 2.79 -24.54 23.65
CA VAL A 312 3.76 -23.54 23.22
C VAL A 312 5.08 -24.21 22.91
N ALA A 313 5.49 -25.18 23.71
CA ALA A 313 6.77 -25.83 23.50
C ALA A 313 6.85 -26.49 22.12
N GLU A 314 5.69 -26.90 21.59
CA GLU A 314 5.63 -27.60 20.33
C GLU A 314 5.85 -26.69 19.14
N MET A 315 5.76 -25.37 19.34
CA MET A 315 5.82 -24.38 18.28
C MET A 315 7.25 -24.18 17.79
N TRP A 316 7.36 -23.71 16.55
CA TRP A 316 8.63 -23.41 15.94
C TRP A 316 8.56 -22.02 15.32
N ASN A 317 9.71 -21.35 15.28
CA ASN A 317 9.92 -20.15 14.47
C ASN A 317 11.27 -20.36 13.77
N ILE A 318 11.23 -21.02 12.60
CA ILE A 318 12.45 -21.34 11.86
C ILE A 318 13.04 -20.08 11.25
N ARG A 319 14.35 -19.92 11.38
CA ARG A 319 15.09 -18.77 10.86
C ARG A 319 16.12 -19.22 9.83
N CYS A 320 16.68 -18.25 9.10
CA CYS A 320 17.76 -18.54 8.17
C CYS A 320 18.82 -19.41 8.85
N TYR A 321 19.50 -20.23 8.06
CA TYR A 321 20.47 -21.17 8.60
C TYR A 321 21.41 -20.48 9.58
N ASN A 322 21.77 -19.22 9.30
CA ASN A 322 22.78 -18.52 10.10
C ASN A 322 22.22 -18.03 11.42
N GLU A 323 20.98 -17.53 11.44
CA GLU A 323 20.36 -17.15 12.72
C GLU A 323 20.07 -18.36 13.59
N SER A 324 19.98 -19.55 12.99
CA SER A 324 19.71 -20.78 13.71
C SER A 324 20.96 -21.35 14.34
N VAL A 325 22.14 -20.91 13.91
CA VAL A 325 23.38 -21.28 14.57
C VAL A 325 23.64 -20.36 15.75
N ALA A 326 23.40 -19.06 15.57
CA ALA A 326 23.57 -18.07 16.62
C ALA A 326 22.37 -17.96 17.54
N ASP A 327 21.22 -18.52 17.14
CA ASP A 327 20.05 -18.68 18.01
C ASP A 327 19.74 -20.18 18.16
N PRO A 328 20.68 -20.97 18.67
CA PRO A 328 20.49 -22.42 18.65
C PRO A 328 19.47 -22.88 19.68
N GLY A 329 18.78 -23.97 19.35
CA GLY A 329 17.67 -24.43 20.16
C GLY A 329 16.34 -23.80 19.83
N ASN A 330 16.32 -22.83 18.91
CA ASN A 330 15.14 -22.20 18.33
C ASN A 330 14.28 -21.49 19.37
N PRO A 331 14.79 -20.43 20.00
CA PRO A 331 13.97 -19.66 20.94
C PRO A 331 12.70 -19.15 20.28
N LEU A 332 11.60 -19.24 21.01
CA LEU A 332 10.38 -18.56 20.64
C LEU A 332 10.21 -17.25 21.38
N TRP A 333 10.91 -17.10 22.51
CA TRP A 333 10.85 -15.93 23.37
C TRP A 333 9.40 -15.53 23.66
N MET A 334 8.60 -16.51 24.04
CA MET A 334 7.18 -16.30 24.35
C MET A 334 7.01 -16.39 25.87
N HIS A 335 6.81 -15.24 26.51
CA HIS A 335 6.86 -15.19 27.97
C HIS A 335 5.48 -15.38 28.59
N ILE A 336 5.47 -16.05 29.74
CA ILE A 336 4.37 -15.96 30.70
C ILE A 336 4.93 -15.27 31.92
N MET A 337 4.22 -14.27 32.41
CA MET A 337 4.65 -13.48 33.55
C MET A 337 3.93 -13.96 34.79
N LEU A 338 4.67 -14.04 35.91
CA LEU A 338 4.11 -14.42 37.18
C LEU A 338 4.49 -13.39 38.23
N ALA A 339 3.68 -13.31 39.28
CA ALA A 339 4.05 -12.55 40.47
C ALA A 339 3.90 -11.05 40.24
N GLY A 340 4.95 -10.26 40.52
CA GLY A 340 4.89 -8.82 40.42
C GLY A 340 3.80 -8.19 41.30
N GLN A 341 3.41 -6.97 40.96
CA GLN A 341 2.49 -6.20 41.80
C GLN A 341 1.26 -5.78 41.01
N LEU A 342 0.20 -5.45 41.75
CA LEU A 342 -1.04 -4.98 41.15
C LEU A 342 -0.95 -3.47 40.92
N GLU A 343 -1.98 -2.92 40.28
CA GLU A 343 -2.04 -1.48 39.99
C GLU A 343 -1.57 -0.63 41.17
N ASN A 344 -2.11 -0.90 42.36
CA ASN A 344 -1.84 -0.11 43.56
C ASN A 344 -0.52 -0.45 44.23
N GLY A 345 0.24 -1.40 43.71
CA GLY A 345 1.56 -1.71 44.25
C GLY A 345 1.58 -2.85 45.25
N LYS A 346 0.41 -3.37 45.65
CA LYS A 346 0.35 -4.51 46.56
C LYS A 346 0.74 -5.81 45.82
N ASP A 347 1.14 -6.83 46.59
CA ASP A 347 1.61 -8.08 46.01
C ASP A 347 0.55 -8.69 45.11
N ALA A 348 0.99 -9.16 43.94
CA ALA A 348 0.11 -9.82 42.99
C ALA A 348 0.26 -11.34 43.01
N CYS A 349 1.15 -11.89 43.83
CA CYS A 349 1.20 -13.33 44.03
C CYS A 349 -0.14 -13.82 44.57
N ASN A 350 -0.61 -14.95 44.04
CA ASN A 350 -1.87 -15.55 44.48
C ASN A 350 -1.72 -17.08 44.51
N GLU A 351 -2.82 -17.77 44.81
CA GLU A 351 -2.74 -19.23 44.90
C GLU A 351 -2.34 -19.83 43.55
N LEU A 352 -2.88 -19.28 42.46
CA LEU A 352 -2.60 -19.78 41.13
C LEU A 352 -1.14 -19.59 40.76
N THR A 353 -0.51 -18.53 41.28
CA THR A 353 0.93 -18.41 41.13
C THR A 353 1.63 -19.67 41.63
N ASN A 354 1.19 -20.16 42.79
CA ASN A 354 1.82 -21.33 43.39
C ASN A 354 1.46 -22.59 42.62
N VAL A 355 0.17 -22.76 42.27
CA VAL A 355 -0.23 -23.87 41.40
C VAL A 355 0.66 -23.95 40.16
N PHE A 356 0.94 -22.80 39.54
CA PHE A 356 1.75 -22.79 38.32
C PHE A 356 3.19 -23.20 38.61
N LEU A 357 3.76 -22.67 39.70
CA LEU A 357 5.13 -22.99 40.05
C LEU A 357 5.28 -24.46 40.44
N ARG A 358 4.26 -25.04 41.05
CA ARG A 358 4.32 -26.47 41.37
C ARG A 358 4.23 -27.32 40.12
N CYS A 359 3.47 -26.88 39.11
CA CYS A 359 3.55 -27.53 37.80
C CYS A 359 4.98 -27.53 37.29
N MET A 360 5.65 -26.37 37.31
CA MET A 360 7.02 -26.34 36.82
C MET A 360 7.91 -27.22 37.68
N ARG A 361 7.60 -27.35 38.97
CA ARG A 361 8.35 -28.25 39.84
C ARG A 361 8.34 -29.68 39.28
N ASP A 362 7.19 -30.11 38.75
CA ASP A 362 6.98 -31.46 38.23
C ASP A 362 7.32 -31.63 36.75
N LEU A 363 7.25 -30.58 35.93
CA LEU A 363 7.54 -30.74 34.49
C LEU A 363 7.92 -29.41 33.86
N GLN A 364 9.15 -29.32 33.39
CA GLN A 364 9.68 -28.13 32.74
C GLN A 364 9.67 -28.29 31.23
N THR A 365 9.21 -27.24 30.53
CA THR A 365 9.19 -27.19 29.07
C THR A 365 10.15 -26.11 28.60
N ASP A 366 10.86 -26.38 27.49
CA ASP A 366 11.81 -25.42 26.93
C ASP A 366 11.19 -24.03 26.85
N GLU A 367 9.99 -23.94 26.28
CA GLU A 367 9.17 -22.75 26.28
C GLU A 367 7.80 -23.12 26.81
N PRO A 368 7.03 -22.14 27.30
CA PRO A 368 7.38 -20.71 27.24
C PRO A 368 8.44 -20.25 28.22
N CYS A 369 8.99 -19.07 27.96
CA CYS A 369 9.84 -18.39 28.92
C CYS A 369 8.96 -17.97 30.09
N ILE A 370 9.30 -18.42 31.29
CA ILE A 370 8.55 -18.07 32.49
C ILE A 370 9.28 -16.93 33.16
N THR A 371 8.58 -15.82 33.36
CA THR A 371 9.19 -14.59 33.82
C THR A 371 8.62 -14.26 35.17
N PHE A 372 9.44 -14.43 36.22
CA PHE A 372 8.99 -14.24 37.60
C PHE A 372 9.32 -12.81 38.03
N ARG A 373 8.30 -12.10 38.48
CA ARG A 373 8.44 -10.68 38.81
C ARG A 373 8.63 -10.53 40.32
N PHE A 374 9.86 -10.23 40.72
CA PHE A 374 10.19 -9.90 42.10
C PHE A 374 9.81 -8.46 42.43
N HIS A 375 9.37 -8.24 43.65
CA HIS A 375 9.33 -6.88 44.16
C HIS A 375 9.53 -6.91 45.66
N PRO A 376 9.76 -5.74 46.27
CA PRO A 376 10.08 -5.71 47.71
C PRO A 376 9.07 -6.42 48.60
N ASN A 377 7.77 -6.29 48.34
CA ASN A 377 6.77 -6.97 49.15
C ASN A 377 6.30 -8.28 48.52
N ILE A 378 7.19 -8.95 47.79
CA ILE A 378 6.89 -10.25 47.22
C ILE A 378 6.69 -11.27 48.34
N ASN A 379 5.61 -12.04 48.24
CA ASN A 379 5.43 -13.17 49.16
C ASN A 379 6.70 -13.99 49.25
N GLU A 380 7.21 -14.18 50.47
CA GLU A 380 8.48 -14.90 50.64
C GLU A 380 8.31 -16.39 50.33
N GLU A 381 7.25 -17.01 50.84
CA GLU A 381 6.91 -18.38 50.45
C GLU A 381 7.07 -18.52 48.94
N THR A 382 6.29 -17.73 48.19
CA THR A 382 6.23 -17.86 46.73
C THR A 382 7.58 -17.56 46.09
N PHE A 383 8.26 -16.51 46.55
CA PHE A 383 9.57 -16.20 45.99
C PHE A 383 10.51 -17.40 46.10
N ARG A 384 10.64 -17.98 47.31
CA ARG A 384 11.62 -19.03 47.50
C ARG A 384 11.25 -20.27 46.69
N LEU A 385 9.95 -20.57 46.61
CA LEU A 385 9.46 -21.59 45.69
C LEU A 385 10.04 -21.40 44.30
N ALA A 386 9.84 -20.22 43.70
CA ALA A 386 10.38 -20.02 42.37
C ALA A 386 11.88 -20.27 42.33
N ILE A 387 12.58 -19.99 43.43
CA ILE A 387 14.02 -20.27 43.48
C ILE A 387 14.24 -21.78 43.49
N GLU A 388 13.49 -22.49 44.34
CA GLU A 388 13.49 -23.95 44.35
C GLU A 388 13.48 -24.51 42.92
N VAL A 389 12.46 -24.13 42.13
CA VAL A 389 12.26 -24.80 40.86
C VAL A 389 13.31 -24.39 39.84
N ALA A 390 13.82 -23.15 39.92
CA ALA A 390 14.91 -22.78 39.01
C ALA A 390 16.14 -23.65 39.23
N ARG A 391 16.39 -24.07 40.47
CA ARG A 391 17.56 -24.92 40.76
C ARG A 391 17.26 -26.39 40.46
N ASP A 392 16.10 -26.87 40.89
CA ASP A 392 15.77 -28.28 40.78
C ASP A 392 15.45 -28.69 39.33
N SER A 393 14.21 -28.52 38.88
CA SER A 393 13.85 -28.92 37.52
C SER A 393 14.72 -28.21 36.49
N GLY A 394 15.11 -26.97 36.79
CA GLY A 394 16.04 -26.25 35.94
C GLY A 394 15.37 -25.65 34.73
N GLY A 395 15.93 -24.55 34.22
CA GLY A 395 15.38 -23.93 33.03
C GLY A 395 14.63 -22.64 33.29
N HIS A 396 13.67 -22.67 34.20
CA HIS A 396 12.79 -21.55 34.50
C HIS A 396 12.50 -21.49 35.98
N PRO A 397 12.07 -20.32 36.50
CA PRO A 397 11.96 -19.09 35.73
C PRO A 397 13.21 -18.25 35.85
N ALA A 398 13.43 -17.32 34.93
CA ALA A 398 14.35 -16.25 35.21
C ALA A 398 13.72 -15.30 36.23
N PHE A 399 14.54 -14.44 36.81
CA PHE A 399 14.08 -13.55 37.86
C PHE A 399 14.27 -12.10 37.46
N TYR A 400 13.27 -11.27 37.77
CA TYR A 400 13.24 -9.88 37.30
C TYR A 400 12.77 -8.94 38.41
N ASN A 401 13.39 -7.77 38.46
CA ASN A 401 13.21 -6.78 39.53
C ASN A 401 12.20 -5.72 39.10
N ASP A 402 11.00 -5.73 39.71
CA ASP A 402 9.95 -4.78 39.33
C ASP A 402 10.39 -3.33 39.51
N THR A 403 11.27 -3.06 40.46
CA THR A 403 11.65 -1.67 40.71
C THR A 403 12.53 -1.13 39.59
N ALA A 404 13.44 -1.95 39.07
CA ALA A 404 14.22 -1.52 37.92
C ALA A 404 13.34 -1.41 36.68
N ALA A 405 12.45 -2.39 36.47
CA ALA A 405 11.66 -2.40 35.25
C ALA A 405 10.71 -1.19 35.21
N ILE A 406 10.16 -0.82 36.36
CA ILE A 406 9.23 0.31 36.38
C ILE A 406 9.98 1.63 36.14
N THR A 407 11.22 1.73 36.61
CA THR A 407 12.06 2.88 36.27
C THR A 407 12.28 2.96 34.77
N TYR A 408 12.68 1.84 34.14
CA TYR A 408 12.86 1.89 32.68
C TYR A 408 11.58 2.39 32.02
N LEU A 409 10.43 1.83 32.41
CA LEU A 409 9.22 2.10 31.67
C LEU A 409 8.77 3.53 31.85
N LEU A 410 8.79 4.06 33.09
CA LEU A 410 8.51 5.48 33.29
C LEU A 410 9.44 6.35 32.44
N SER A 411 10.71 6.00 32.38
CA SER A 411 11.61 6.79 31.54
C SER A 411 11.25 6.68 30.08
N LEU A 412 10.33 5.79 29.72
CA LEU A 412 9.95 5.59 28.32
C LEU A 412 8.57 6.17 28.02
N GLY A 413 7.96 6.87 28.96
CA GLY A 413 6.70 7.54 28.70
C GLY A 413 5.47 6.85 29.26
N PHE A 414 5.63 5.72 29.94
CA PHE A 414 4.48 5.03 30.51
C PHE A 414 4.09 5.64 31.85
N THR A 415 2.79 5.55 32.19
CA THR A 415 2.40 6.01 33.52
C THR A 415 2.73 4.96 34.56
N LEU A 416 2.66 5.35 35.83
CA LEU A 416 2.99 4.42 36.89
C LEU A 416 2.11 3.18 36.83
N LYS A 417 0.81 3.39 36.64
CA LYS A 417 -0.11 2.25 36.61
C LYS A 417 0.22 1.34 35.44
N GLU A 418 0.51 1.93 34.29
CA GLU A 418 0.91 1.12 33.15
C GLU A 418 2.18 0.34 33.44
N ALA A 419 3.17 1.00 34.04
CA ALA A 419 4.45 0.35 34.27
C ALA A 419 4.31 -0.86 35.20
N ARG A 420 3.33 -0.85 36.09
CA ARG A 420 3.18 -1.97 37.00
C ARG A 420 2.69 -3.21 36.29
N ASN A 421 2.25 -3.08 35.04
CA ASN A 421 1.68 -4.21 34.35
C ASN A 421 2.57 -4.64 33.19
N TRP A 422 3.84 -4.87 33.48
CA TRP A 422 4.82 -5.09 32.43
C TRP A 422 5.10 -6.57 32.19
N GLY A 423 5.62 -6.85 31.00
CA GLY A 423 6.08 -8.16 30.62
C GLY A 423 7.18 -8.01 29.60
N ILE A 424 7.42 -9.09 28.84
CA ILE A 424 8.51 -9.13 27.88
C ILE A 424 8.02 -9.70 26.56
N CYS A 425 8.41 -9.05 25.46
CA CYS A 425 8.53 -9.67 24.15
C CYS A 425 10.00 -9.62 23.79
N GLY A 426 10.61 -10.77 23.59
CA GLY A 426 12.04 -10.87 23.38
C GLY A 426 12.70 -11.61 24.52
N CYS A 427 14.00 -11.35 24.67
CA CYS A 427 14.71 -12.03 25.75
C CYS A 427 14.32 -11.44 27.13
N ILE A 428 14.65 -10.17 27.38
CA ILE A 428 14.47 -9.58 28.70
C ILE A 428 13.82 -8.22 28.70
N GLU A 429 13.45 -7.68 27.54
CA GLU A 429 13.12 -6.25 27.44
C GLU A 429 11.76 -5.89 28.05
N PRO A 430 11.70 -4.99 29.03
CA PRO A 430 10.42 -4.62 29.64
C PRO A 430 9.53 -3.81 28.73
N GLN A 431 8.22 -3.93 28.96
CA GLN A 431 7.20 -3.29 28.14
C GLN A 431 5.88 -3.45 28.86
N VAL A 432 4.89 -2.69 28.45
CA VAL A 432 3.62 -2.68 29.16
C VAL A 432 2.66 -3.58 28.40
N LEU A 433 2.28 -4.69 29.03
CA LEU A 433 1.45 -5.69 28.36
C LEU A 433 0.23 -5.03 27.76
N GLY A 434 -0.08 -5.40 26.52
CA GLY A 434 -1.27 -4.91 25.87
C GLY A 434 -1.15 -3.54 25.23
N LYS A 435 -0.10 -2.78 25.54
CA LYS A 435 -0.05 -1.41 25.03
C LYS A 435 1.29 -1.04 24.42
N THR A 436 2.13 -2.02 24.07
CA THR A 436 3.43 -1.73 23.51
C THR A 436 3.62 -2.48 22.21
N ASP A 437 4.19 -1.79 21.23
CA ASP A 437 4.67 -2.41 20.01
C ASP A 437 6.19 -2.33 20.07
N PHE A 438 6.79 -3.20 20.86
CA PHE A 438 8.25 -3.20 21.05
C PHE A 438 8.94 -3.94 19.90
N GLN A 439 9.91 -3.29 19.27
CA GLN A 439 10.70 -3.93 18.22
C GLN A 439 11.97 -4.47 18.87
N SER A 440 11.98 -5.78 19.13
CA SER A 440 13.09 -6.50 19.75
C SER A 440 14.21 -6.84 18.80
N ASN A 441 14.07 -6.58 17.49
CA ASN A 441 15.08 -7.03 16.54
C ASN A 441 15.31 -6.03 15.42
N PRO A 442 15.61 -4.76 15.72
CA PRO A 442 16.17 -3.92 14.66
C PRO A 442 17.44 -4.53 14.10
N GLY A 443 18.08 -5.42 14.85
CA GLY A 443 19.40 -5.92 14.56
C GLY A 443 20.26 -5.92 15.82
N TYR A 444 21.49 -6.40 15.63
CA TYR A 444 22.48 -6.41 16.69
C TYR A 444 23.62 -5.46 16.33
N PHE A 445 24.31 -4.97 17.35
CA PHE A 445 25.45 -4.08 17.16
C PHE A 445 26.66 -4.67 17.88
N ASN A 446 27.81 -4.68 17.23
CA ASN A 446 29.00 -5.36 17.73
C ASN A 446 30.07 -4.36 18.14
N PRO A 447 30.02 -3.82 19.36
CA PRO A 447 31.01 -2.80 19.75
C PRO A 447 32.45 -3.27 19.55
N LEU A 448 32.71 -4.57 19.66
CA LEU A 448 34.10 -5.04 19.59
C LEU A 448 34.60 -5.02 18.15
N LYS A 449 33.74 -5.33 17.17
CA LYS A 449 34.16 -5.20 15.78
C LYS A 449 34.44 -3.75 15.43
N VAL A 450 33.66 -2.82 16.00
CA VAL A 450 33.89 -1.41 15.77
C VAL A 450 35.25 -1.01 16.33
N PHE A 451 35.54 -1.46 17.56
CA PHE A 451 36.83 -1.24 18.18
C PHE A 451 37.97 -1.81 17.32
N ASP A 452 37.80 -3.06 16.85
CA ASP A 452 38.76 -3.63 15.90
C ASP A 452 38.99 -2.68 14.72
N VAL A 453 37.91 -2.16 14.14
CA VAL A 453 38.02 -1.24 13.02
C VAL A 453 38.64 0.08 13.43
N MET A 454 38.56 0.44 14.71
CA MET A 454 39.18 1.68 15.17
C MET A 454 40.67 1.49 15.41
N LEU A 455 41.06 0.32 15.93
CA LEU A 455 42.47 0.00 16.11
C LEU A 455 43.25 0.00 14.81
N HIS A 456 42.57 0.05 13.65
CA HIS A 456 43.23 0.13 12.36
C HIS A 456 42.84 1.39 11.60
N ASN A 457 42.37 2.41 12.31
CA ASN A 457 41.93 3.69 11.73
C ASN A 457 41.02 3.51 10.51
N GLY A 458 40.07 2.56 10.62
CA GLY A 458 39.01 2.42 9.65
C GLY A 458 39.14 1.25 8.70
N TYR A 459 40.34 0.71 8.52
CA TYR A 459 40.49 -0.46 7.67
C TYR A 459 40.15 -1.71 8.47
N ASP A 460 39.69 -2.76 7.77
CA ASP A 460 39.41 -4.02 8.44
C ASP A 460 40.41 -5.07 8.02
N PRO A 461 41.22 -5.58 8.95
CA PRO A 461 42.11 -6.70 8.57
C PRO A 461 41.35 -7.88 8.00
N VAL A 462 40.31 -8.36 8.70
CA VAL A 462 39.59 -9.58 8.33
C VAL A 462 39.26 -9.62 6.84
N ILE A 463 38.41 -8.70 6.37
CA ILE A 463 38.01 -8.69 4.97
C ILE A 463 38.88 -7.74 4.15
N GLY A 464 39.92 -7.18 4.78
CA GLY A 464 40.82 -6.27 4.10
C GLY A 464 40.12 -5.26 3.22
N LYS A 465 39.85 -4.07 3.77
CA LYS A 465 39.20 -2.99 3.03
C LYS A 465 38.90 -1.85 3.99
N LYS A 466 38.64 -0.65 3.47
CA LYS A 466 38.28 0.50 4.31
C LYS A 466 36.77 0.56 4.43
N ILE A 467 36.26 0.29 5.63
CA ILE A 467 34.82 0.33 5.87
C ILE A 467 34.41 1.35 6.92
N GLY A 468 35.30 1.77 7.81
CA GLY A 468 35.03 2.81 8.78
C GLY A 468 35.53 4.17 8.32
N ILE A 469 35.96 4.99 9.28
CA ILE A 469 36.53 6.30 9.02
C ILE A 469 37.87 6.40 9.73
N GLU A 470 38.52 7.55 9.59
CA GLU A 470 39.79 7.81 10.27
C GLU A 470 39.46 8.40 11.64
N SER A 471 39.36 7.53 12.65
CA SER A 471 39.18 7.96 14.03
C SER A 471 40.47 8.46 14.67
N GLY A 472 41.60 8.24 14.00
CA GLY A 472 42.89 8.70 14.48
C GLY A 472 43.92 7.59 14.41
N GLU A 473 45.06 7.86 13.77
CA GLU A 473 46.15 6.89 13.78
C GLU A 473 46.53 6.57 15.22
N VAL A 474 46.93 5.32 15.46
CA VAL A 474 47.05 4.85 16.84
C VAL A 474 48.28 5.41 17.54
N SER A 475 49.29 5.85 16.77
CA SER A 475 50.49 6.38 17.39
C SER A 475 50.23 7.72 18.07
N SER A 476 49.27 8.51 17.57
CA SER A 476 48.96 9.85 18.08
C SER A 476 48.23 9.83 19.44
N PHE A 477 47.98 8.66 20.01
CA PHE A 477 47.18 8.56 21.22
C PHE A 477 48.05 8.85 22.43
N THR A 478 47.71 9.88 23.19
CA THR A 478 48.43 10.17 24.42
C THR A 478 47.95 9.33 25.59
N SER A 479 46.66 8.97 25.62
CA SER A 479 46.03 8.47 26.84
C SER A 479 44.96 7.45 26.50
N ILE A 480 44.55 6.69 27.53
CA ILE A 480 43.30 5.95 27.42
C ILE A 480 42.20 6.90 26.97
N ASP A 481 42.19 8.12 27.51
CA ASP A 481 41.14 9.06 27.13
C ASP A 481 41.22 9.38 25.65
N ASP A 482 42.42 9.39 25.08
CA ASP A 482 42.52 9.67 23.65
C ASP A 482 41.94 8.55 22.82
N VAL A 483 42.15 7.30 23.23
CA VAL A 483 41.61 6.17 22.48
C VAL A 483 40.11 6.04 22.72
N MET A 484 39.61 6.44 23.89
CA MET A 484 38.17 6.51 24.11
C MET A 484 37.50 7.43 23.09
N ARG A 485 38.08 8.62 22.88
CA ARG A 485 37.50 9.54 21.91
C ARG A 485 37.55 8.95 20.51
N ALA A 486 38.68 8.35 20.14
CA ALA A 486 38.78 7.73 18.82
C ALA A 486 37.74 6.66 18.63
N TYR A 487 37.45 5.90 19.70
CA TYR A 487 36.40 4.90 19.61
C TYR A 487 35.04 5.55 19.42
N GLU A 488 34.71 6.52 20.28
CA GLU A 488 33.44 7.22 20.15
C GLU A 488 33.23 7.75 18.74
N LYS A 489 34.30 8.18 18.08
CA LYS A 489 34.13 8.64 16.70
C LYS A 489 33.78 7.48 15.77
N GLN A 490 34.44 6.32 15.92
CA GLN A 490 34.10 5.17 15.08
C GLN A 490 32.71 4.63 15.43
N LEU A 491 32.39 4.52 16.73
CA LEU A 491 31.06 4.06 17.14
C LEU A 491 29.96 4.93 16.53
N ASP A 492 30.16 6.25 16.51
CA ASP A 492 29.09 7.14 16.04
C ASP A 492 28.76 6.89 14.57
N PHE A 493 29.77 6.57 13.76
CA PHE A 493 29.57 6.37 12.33
C PHE A 493 28.81 5.07 12.06
N PHE A 494 29.21 3.99 12.73
CA PHE A 494 28.56 2.71 12.52
C PHE A 494 27.17 2.65 13.16
N MET A 495 26.98 3.30 14.31
CA MET A 495 25.64 3.38 14.87
C MET A 495 24.67 4.06 13.91
N GLU A 496 25.19 4.90 13.02
CA GLU A 496 24.31 5.64 12.14
C GLU A 496 24.08 4.92 10.81
N LYS A 497 25.05 4.14 10.33
CA LYS A 497 24.73 3.21 9.25
C LYS A 497 23.66 2.22 9.71
N PHE A 498 23.79 1.69 10.93
CA PHE A 498 22.86 0.68 11.40
C PHE A 498 21.45 1.27 11.57
N VAL A 499 21.35 2.42 12.23
CA VAL A 499 20.03 3.01 12.43
C VAL A 499 19.40 3.40 11.08
N THR A 500 20.20 3.77 10.08
CA THR A 500 19.61 4.06 8.78
C THR A 500 18.99 2.80 8.19
N LEU A 501 19.71 1.69 8.22
CA LEU A 501 19.14 0.44 7.72
C LEU A 501 17.89 0.05 8.51
N ALA A 502 17.94 0.14 9.83
CA ALA A 502 16.82 -0.27 10.66
C ALA A 502 15.61 0.61 10.40
N ASN A 503 15.80 1.92 10.33
CA ASN A 503 14.68 2.80 10.09
C ASN A 503 14.07 2.54 8.73
N ARG A 504 14.90 2.34 7.72
CA ARG A 504 14.42 2.00 6.38
C ARG A 504 13.59 0.71 6.40
N THR A 505 14.08 -0.30 7.11
CA THR A 505 13.43 -1.61 7.11
C THR A 505 12.09 -1.53 7.80
N LEU A 506 12.05 -0.98 9.00
CA LEU A 506 10.76 -0.82 9.65
C LEU A 506 9.79 0.01 8.80
N ALA A 507 10.28 0.97 8.04
CA ALA A 507 9.39 1.70 7.13
C ALA A 507 8.89 0.80 6.00
N GLY A 508 9.76 -0.03 5.43
CA GLY A 508 9.32 -0.89 4.34
C GLY A 508 8.22 -1.84 4.75
N HIS A 509 8.29 -2.38 5.97
CA HIS A 509 7.20 -3.20 6.47
C HIS A 509 5.87 -2.51 6.27
N ALA A 510 5.84 -1.19 6.44
CA ALA A 510 4.61 -0.40 6.39
C ALA A 510 4.05 -0.30 4.99
N PHE A 511 4.73 -0.85 3.99
CA PHE A 511 4.24 -0.85 2.63
C PHE A 511 4.22 -2.23 2.02
N THR A 512 4.45 -3.28 2.82
CA THR A 512 4.54 -4.60 2.21
C THR A 512 3.97 -5.70 3.10
N LEU A 513 4.18 -5.62 4.41
CA LEU A 513 3.94 -6.77 5.29
C LEU A 513 3.16 -6.42 6.55
N PRO A 514 1.84 -6.54 6.52
CA PRO A 514 1.05 -6.31 7.74
C PRO A 514 1.19 -7.45 8.74
N THR A 515 0.62 -7.22 9.92
CA THR A 515 0.39 -8.24 10.95
C THR A 515 -0.96 -7.90 11.55
N ILE A 516 -2.01 -8.54 11.05
CA ILE A 516 -3.37 -8.16 11.41
C ILE A 516 -3.76 -8.72 12.77
N MET A 517 -3.64 -10.03 12.95
CA MET A 517 -4.03 -10.63 14.22
C MET A 517 -3.29 -9.97 15.37
N GLY A 518 -2.00 -9.71 15.22
CA GLY A 518 -1.23 -9.08 16.27
C GLY A 518 -1.58 -7.63 16.53
N SER A 519 -2.33 -7.00 15.61
CA SER A 519 -2.80 -5.64 15.83
C SER A 519 -4.09 -5.61 16.61
N CYS A 520 -4.93 -6.62 16.40
CA CYS A 520 -6.33 -6.55 16.86
C CYS A 520 -6.43 -6.14 18.31
N PHE A 521 -5.57 -6.69 19.17
CA PHE A 521 -5.73 -6.53 20.62
C PHE A 521 -4.53 -5.81 21.23
N SER A 522 -3.73 -5.17 20.39
CA SER A 522 -2.79 -4.14 20.85
C SER A 522 -3.53 -2.82 20.99
N VAL A 523 -3.50 -2.26 22.19
CA VAL A 523 -4.25 -1.02 22.43
C VAL A 523 -3.76 0.10 21.52
N GLY A 524 -4.69 0.73 20.83
CA GLY A 524 -4.35 1.75 19.85
C GLY A 524 -4.88 1.40 18.48
N CYS A 525 -4.71 0.13 18.08
CA CYS A 525 -4.94 -0.23 16.69
C CYS A 525 -6.41 -0.12 16.32
N VAL A 526 -7.28 -0.81 17.05
CA VAL A 526 -8.70 -0.73 16.74
C VAL A 526 -9.23 0.68 16.98
N GLU A 527 -8.68 1.39 17.98
CA GLU A 527 -9.21 2.69 18.33
C GLU A 527 -8.82 3.74 17.31
N LYS A 528 -7.57 3.68 16.85
CA LYS A 528 -7.10 4.55 15.79
C LYS A 528 -7.45 4.05 14.40
N GLY A 529 -7.86 2.78 14.25
CA GLY A 529 -7.97 2.19 12.93
C GLY A 529 -6.64 2.16 12.20
N LYS A 530 -5.58 1.72 12.88
CA LYS A 530 -4.26 1.62 12.27
C LYS A 530 -3.65 0.30 12.72
N LEU A 531 -3.19 -0.50 11.75
CA LEU A 531 -2.45 -1.68 12.08
C LEU A 531 -1.11 -1.29 12.72
N LEU A 532 -0.42 -2.26 13.29
CA LEU A 532 0.79 -1.95 14.01
C LEU A 532 1.81 -1.24 13.12
N GLN A 533 1.98 -1.70 11.88
CA GLN A 533 3.05 -1.13 11.06
C GLN A 533 2.77 0.32 10.68
N GLN A 534 1.50 0.76 10.74
CA GLN A 534 1.11 2.15 10.54
C GLN A 534 1.02 2.94 11.83
N LYS A 535 1.80 2.57 12.85
CA LYS A 535 1.93 3.33 14.11
C LYS A 535 0.69 3.20 14.98
N GLY A 536 0.05 2.02 14.93
CA GLY A 536 -1.19 1.82 15.65
C GLY A 536 -1.05 1.95 17.17
N SER A 537 0.04 1.43 17.72
CA SER A 537 0.26 1.48 19.16
C SER A 537 0.66 2.87 19.63
N ASP A 538 0.30 3.20 20.87
CA ASP A 538 0.77 4.46 21.46
C ASP A 538 2.24 4.41 21.84
N HIS A 539 2.89 3.25 21.79
CA HIS A 539 4.25 3.13 22.32
C HIS A 539 5.10 2.25 21.41
N HIS A 540 6.04 2.86 20.70
CA HIS A 540 7.01 2.10 19.96
C HIS A 540 8.40 2.45 20.45
N TYR A 541 9.26 1.44 20.59
CA TYR A 541 10.69 1.67 20.76
C TYR A 541 11.42 0.41 20.32
N SER A 542 12.71 0.56 20.03
CA SER A 542 13.55 -0.49 19.43
C SER A 542 14.78 -0.70 20.28
N ALA A 543 15.01 -1.95 20.71
CA ALA A 543 16.19 -2.29 21.48
C ALA A 543 17.32 -2.72 20.54
N VAL A 544 18.44 -2.01 20.60
CA VAL A 544 19.64 -2.42 19.89
C VAL A 544 20.27 -3.59 20.64
N GLY A 545 20.48 -4.71 19.94
CA GLY A 545 21.15 -5.84 20.54
C GLY A 545 22.66 -5.64 20.59
N VAL A 546 23.19 -5.18 21.71
CA VAL A 546 24.62 -4.90 21.83
C VAL A 546 25.32 -6.18 22.25
N ALA A 547 26.13 -6.74 21.33
CA ALA A 547 26.69 -8.08 21.50
C ALA A 547 27.90 -8.03 22.41
N GLY A 548 27.62 -7.87 23.70
CA GLY A 548 28.58 -8.00 24.76
C GLY A 548 29.20 -6.68 25.18
N ILE A 549 29.63 -6.63 26.45
CA ILE A 549 30.38 -5.49 26.95
C ILE A 549 31.70 -5.99 27.54
N ALA A 550 31.72 -7.24 28.02
CA ALA A 550 32.86 -7.71 28.82
C ALA A 550 34.16 -7.58 28.04
N ASN A 551 34.17 -7.95 26.77
CA ASN A 551 35.41 -7.92 26.03
C ASN A 551 35.91 -6.50 25.85
N MET A 552 34.98 -5.57 25.64
CA MET A 552 35.36 -4.17 25.46
C MET A 552 35.87 -3.59 26.77
N ILE A 553 35.17 -3.84 27.86
CA ILE A 553 35.64 -3.37 29.16
C ILE A 553 37.05 -3.88 29.42
N ASP A 554 37.28 -5.19 29.24
CA ASP A 554 38.58 -5.77 29.58
C ASP A 554 39.67 -5.26 28.64
N SER A 555 39.42 -5.21 27.33
CA SER A 555 40.47 -4.69 26.46
C SER A 555 40.75 -3.22 26.68
N PHE A 556 39.88 -2.46 27.35
CA PHE A 556 40.21 -1.07 27.65
C PHE A 556 40.97 -0.94 28.96
N ALA A 557 40.59 -1.71 29.99
CA ALA A 557 41.43 -1.79 31.18
C ALA A 557 42.82 -2.30 30.83
N ALA A 558 42.90 -3.23 29.86
CA ALA A 558 44.19 -3.76 29.45
C ALA A 558 45.03 -2.69 28.75
N MET A 559 44.41 -1.85 27.91
CA MET A 559 45.17 -0.80 27.26
C MET A 559 45.63 0.28 28.24
N GLU A 560 44.79 0.61 29.23
CA GLU A 560 45.19 1.65 30.18
C GLU A 560 46.35 1.17 31.04
N GLU A 561 46.22 0.00 31.69
CA GLU A 561 47.24 -0.43 32.65
C GLU A 561 48.51 -0.92 31.97
N CYS A 562 48.42 -1.40 30.73
CA CYS A 562 49.55 -2.01 30.04
C CYS A 562 50.19 -1.12 28.98
N VAL A 563 49.55 -0.02 28.59
CA VAL A 563 50.08 0.84 27.55
C VAL A 563 50.43 2.22 28.06
N PHE A 564 49.63 2.77 28.98
CA PHE A 564 49.78 4.17 29.37
C PHE A 564 50.30 4.37 30.79
N ASN A 565 50.10 3.41 31.69
CA ASN A 565 50.69 3.48 33.03
C ASN A 565 52.05 2.79 33.04
N LYS A 566 52.05 1.47 32.95
CA LYS A 566 53.27 0.68 33.04
C LYS A 566 54.07 0.67 31.74
N ASN A 567 53.51 1.20 30.65
CA ASN A 567 54.23 1.35 29.37
C ASN A 567 54.99 0.08 28.98
N TYR A 568 54.35 -1.08 29.15
CA TYR A 568 54.91 -2.33 28.65
C TYR A 568 55.01 -2.39 27.14
N LEU A 569 54.36 -1.47 26.43
CA LEU A 569 54.31 -1.52 24.97
C LEU A 569 53.57 -0.31 24.43
N THR A 570 54.01 0.21 23.30
CA THR A 570 53.27 1.27 22.63
C THR A 570 52.01 0.65 22.02
N MET A 571 51.31 1.43 21.19
CA MET A 571 50.10 0.91 20.55
C MET A 571 50.39 0.29 19.20
N GLU A 572 51.31 0.88 18.42
CA GLU A 572 51.71 0.23 17.18
C GLU A 572 52.19 -1.20 17.45
N GLU A 573 52.81 -1.43 18.62
CA GLU A 573 53.24 -2.77 19.00
C GLU A 573 52.04 -3.68 19.28
N LEU A 574 50.93 -3.10 19.75
CA LEU A 574 49.74 -3.89 20.06
C LEU A 574 49.01 -4.31 18.79
N VAL A 575 48.81 -3.39 17.85
CA VAL A 575 48.19 -3.79 16.58
C VAL A 575 49.04 -4.84 15.89
N ARG A 576 50.37 -4.70 15.96
CA ARG A 576 51.23 -5.73 15.37
C ARG A 576 51.05 -7.05 16.11
N LEU A 577 51.00 -7.00 17.45
CA LEU A 577 50.71 -8.20 18.23
C LEU A 577 49.32 -8.75 17.90
N LEU A 578 48.34 -7.85 17.73
CA LEU A 578 46.97 -8.27 17.47
C LEU A 578 46.83 -8.82 16.06
N ASP A 579 47.27 -8.06 15.06
CA ASP A 579 47.38 -8.55 13.70
C ASP A 579 47.97 -9.97 13.67
N THR A 580 49.15 -10.12 14.23
CA THR A 580 49.87 -11.39 14.22
C THR A 580 49.34 -12.38 15.27
N ASN A 581 48.14 -12.16 15.80
CA ASN A 581 47.45 -13.13 16.65
C ASN A 581 48.35 -13.69 17.76
N PHE A 582 49.25 -12.87 18.30
CA PHE A 582 50.19 -13.25 19.36
C PHE A 582 51.16 -14.35 18.94
N GLU A 583 51.28 -14.64 17.64
CA GLU A 583 52.18 -15.68 17.16
C GLU A 583 53.60 -15.39 17.65
N GLY A 584 54.03 -16.08 18.69
CA GLY A 584 55.36 -15.89 19.23
C GLY A 584 55.32 -15.26 20.60
N LYS A 585 54.90 -14.00 20.65
CA LYS A 585 54.90 -13.21 21.88
C LYS A 585 53.81 -13.64 22.88
N GLU A 586 53.54 -14.95 22.98
CA GLU A 586 52.54 -15.46 23.92
C GLU A 586 52.89 -15.16 25.38
N ASN A 587 54.15 -14.87 25.70
CA ASN A 587 54.46 -14.30 27.01
C ASN A 587 53.69 -12.99 27.21
N MET A 588 53.66 -12.14 26.18
CA MET A 588 53.01 -10.85 26.27
C MET A 588 51.50 -11.00 26.37
N ARG A 589 50.92 -11.95 25.63
CA ARG A 589 49.49 -12.23 25.77
C ARG A 589 49.13 -12.47 27.23
N GLN A 590 49.99 -13.18 27.97
CA GLN A 590 49.71 -13.47 29.37
C GLN A 590 49.86 -12.24 30.26
N LEU A 591 50.65 -11.26 29.81
CA LEU A 591 50.78 -9.98 30.50
C LEU A 591 49.46 -9.21 30.48
N LEU A 592 48.82 -9.12 29.31
CA LEU A 592 47.53 -8.46 29.19
C LEU A 592 46.44 -9.22 29.92
N LEU A 593 46.55 -10.54 29.99
CA LEU A 593 45.46 -11.33 30.55
C LEU A 593 45.50 -11.34 32.07
N ASN A 594 46.68 -11.26 32.66
CA ASN A 594 46.84 -11.36 34.11
C ASN A 594 47.19 -10.04 34.77
N LYS A 595 48.05 -9.23 34.13
CA LYS A 595 48.58 -8.00 34.74
C LYS A 595 47.58 -6.85 34.80
N ALA A 596 46.47 -6.92 34.02
CA ALA A 596 45.39 -5.94 34.10
C ALA A 596 44.13 -6.59 34.66
N PRO A 597 43.36 -5.88 35.47
CA PRO A 597 42.18 -6.51 36.09
C PRO A 597 41.10 -6.78 35.04
N LYS A 598 40.22 -7.72 35.37
CA LYS A 598 39.17 -8.13 34.45
C LYS A 598 37.81 -7.84 35.03
N PHE A 599 36.85 -7.57 34.14
CA PHE A 599 35.51 -7.21 34.54
C PHE A 599 34.88 -8.36 35.34
N GLY A 600 34.07 -8.00 36.33
CA GLY A 600 33.33 -8.98 37.09
C GLY A 600 33.96 -9.41 38.39
N ASN A 601 35.08 -8.78 38.78
CA ASN A 601 35.78 -9.08 40.02
C ASN A 601 35.66 -7.97 41.05
N ASP A 602 34.68 -7.07 40.86
CA ASP A 602 34.46 -5.91 41.73
C ASP A 602 35.72 -5.05 41.85
N ILE A 603 36.38 -4.82 40.70
CA ILE A 603 37.64 -4.08 40.62
C ILE A 603 37.37 -2.75 39.91
N GLU A 604 37.32 -1.66 40.67
CA GLU A 604 36.86 -0.39 40.11
C GLU A 604 37.74 0.08 38.94
N GLN A 605 39.01 -0.31 38.88
CA GLN A 605 39.85 0.22 37.80
C GLN A 605 39.45 -0.32 36.44
N VAL A 606 39.03 -1.57 36.36
CA VAL A 606 38.43 -2.10 35.14
C VAL A 606 36.94 -1.76 35.08
N ASP A 607 36.27 -1.79 36.23
CA ASP A 607 34.82 -1.58 36.29
C ASP A 607 34.41 -0.18 35.85
N LYS A 608 35.32 0.80 35.89
CA LYS A 608 34.94 2.16 35.48
C LYS A 608 34.49 2.18 34.03
N TYR A 609 35.00 1.27 33.20
CA TYR A 609 34.70 1.36 31.78
C TYR A 609 33.32 0.82 31.43
N SER A 610 32.68 0.04 32.31
CA SER A 610 31.29 -0.34 32.06
C SER A 610 30.41 0.90 31.98
N TYR A 611 30.55 1.85 32.93
CA TYR A 611 29.76 3.07 32.85
C TYR A 611 30.01 3.80 31.55
N TRP A 612 31.27 3.87 31.14
CA TRP A 612 31.60 4.67 29.96
C TRP A 612 30.94 4.11 28.71
N LEU A 613 30.98 2.80 28.51
CA LEU A 613 30.52 2.19 27.26
C LEU A 613 29.00 2.16 27.17
N ILE A 614 28.33 1.73 28.24
CA ILE A 614 26.88 1.81 28.25
C ILE A 614 26.43 3.21 27.91
N ASP A 615 27.19 4.21 28.39
CA ASP A 615 26.79 5.60 28.22
C ASP A 615 27.02 6.07 26.78
N ALA A 616 28.16 5.74 26.18
CA ALA A 616 28.37 6.13 24.78
C ALA A 616 27.37 5.43 23.87
N LEU A 617 27.10 4.15 24.12
CA LEU A 617 26.11 3.45 23.32
C LEU A 617 24.75 4.11 23.45
N ASP A 618 24.30 4.38 24.67
CA ASP A 618 23.02 5.05 24.83
C ASP A 618 23.05 6.39 24.13
N THR A 619 24.12 7.14 24.33
CA THR A 619 24.16 8.48 23.74
C THR A 619 24.23 8.40 22.22
N SER A 620 24.95 7.42 21.68
CA SER A 620 25.12 7.39 20.23
C SER A 620 23.80 7.10 19.53
N MET A 621 23.08 6.08 20.00
CA MET A 621 21.83 5.69 19.35
C MET A 621 20.72 6.70 19.63
N LYS A 622 20.75 7.37 20.79
CA LYS A 622 19.73 8.34 21.17
C LYS A 622 19.82 9.66 20.42
N ARG A 623 20.76 9.83 19.48
CA ARG A 623 20.59 10.99 18.62
C ARG A 623 19.66 10.70 17.45
N PHE A 624 18.97 9.56 17.49
CA PHE A 624 18.00 9.15 16.49
C PHE A 624 16.73 8.65 17.17
N HIS A 625 15.64 8.61 16.41
CA HIS A 625 14.44 7.91 16.80
C HIS A 625 14.20 6.77 15.80
N ASP A 626 13.40 5.78 16.17
CA ASP A 626 13.09 4.76 15.17
C ASP A 626 12.03 5.28 14.22
N ALA A 627 11.69 4.47 13.22
CA ALA A 627 10.80 4.88 12.14
C ALA A 627 9.35 5.08 12.59
N GLN A 628 9.02 4.78 13.85
CA GLN A 628 7.71 5.10 14.40
C GLN A 628 7.82 6.16 15.50
N GLY A 629 8.95 6.85 15.55
CA GLY A 629 9.14 8.00 16.41
C GLY A 629 9.55 7.69 17.83
N GLY A 630 9.94 6.46 18.14
CA GLY A 630 10.29 6.08 19.49
C GLY A 630 11.78 6.03 19.73
N PRO A 631 12.16 5.90 21.00
CA PRO A 631 13.60 5.87 21.34
C PRO A 631 14.26 4.56 20.93
N TYR A 632 15.57 4.63 20.73
CA TYR A 632 16.39 3.45 20.61
C TYR A 632 16.93 3.14 22.01
N THR A 633 16.83 1.88 22.43
CA THR A 633 17.26 1.52 23.77
C THR A 633 18.46 0.60 23.71
N VAL A 634 19.15 0.53 24.84
CA VAL A 634 20.30 -0.34 25.00
C VAL A 634 19.83 -1.66 25.59
N LEU A 635 20.24 -2.74 24.96
CA LEU A 635 20.09 -4.08 25.47
C LEU A 635 21.45 -4.73 25.26
N VAL A 636 21.93 -5.42 26.27
CA VAL A 636 23.21 -6.11 26.16
C VAL A 636 22.90 -7.59 26.11
N ALA A 637 23.13 -8.19 24.95
CA ALA A 637 22.82 -9.61 24.78
C ALA A 637 23.46 -10.07 23.50
N THR A 638 23.91 -11.32 23.49
CA THR A 638 24.55 -11.90 22.32
C THR A 638 23.86 -13.15 21.83
N GLN A 639 23.04 -13.80 22.64
CA GLN A 639 22.62 -15.16 22.32
C GLN A 639 23.90 -15.91 21.96
N ALA A 640 23.84 -16.74 20.93
CA ALA A 640 25.05 -17.43 20.47
C ALA A 640 25.92 -16.55 19.57
N TYR A 641 25.56 -15.28 19.39
CA TYR A 641 26.35 -14.40 18.53
C TYR A 641 27.73 -14.13 19.11
N ASN A 642 27.91 -14.32 20.43
CA ASN A 642 29.26 -14.23 20.98
C ASN A 642 30.20 -15.16 20.23
N VAL A 643 29.73 -16.36 19.87
CA VAL A 643 30.53 -17.31 19.08
C VAL A 643 30.62 -16.86 17.63
N GLU A 644 29.46 -16.63 17.00
CA GLU A 644 29.41 -16.39 15.56
C GLU A 644 30.04 -15.04 15.17
N MET A 645 29.75 -13.99 15.94
CA MET A 645 30.42 -12.72 15.72
C MET A 645 31.89 -12.79 16.13
N GLY A 646 32.18 -13.47 17.25
CA GLY A 646 33.57 -13.68 17.64
C GLY A 646 34.43 -14.23 16.52
N LYS A 647 33.86 -15.11 15.69
CA LYS A 647 34.58 -15.68 14.56
C LYS A 647 35.15 -14.61 13.62
N ASN A 648 34.63 -13.39 13.63
CA ASN A 648 35.04 -12.34 12.70
C ASN A 648 35.77 -11.18 13.37
N VAL A 649 36.05 -11.27 14.66
CA VAL A 649 36.82 -10.25 15.37
C VAL A 649 38.22 -10.79 15.57
N GLY A 650 39.22 -10.03 15.12
CA GLY A 650 40.59 -10.42 15.35
C GLY A 650 40.87 -10.46 16.84
N ALA A 651 42.15 -10.60 17.15
CA ALA A 651 42.59 -10.57 18.55
C ALA A 651 42.36 -9.18 19.16
N THR A 652 41.76 -9.17 20.23
CA THR A 652 41.37 -8.10 21.13
C THR A 652 42.45 -7.90 22.18
N PRO A 653 42.66 -6.68 22.70
CA PRO A 653 43.77 -6.48 23.64
C PRO A 653 43.51 -7.04 25.01
N ASP A 654 42.31 -7.53 25.29
CA ASP A 654 42.11 -8.13 26.60
C ASP A 654 42.80 -9.48 26.74
N GLY A 655 43.45 -9.98 25.68
CA GLY A 655 44.01 -11.31 25.65
C GLY A 655 43.25 -12.31 24.80
N ARG A 656 41.98 -12.02 24.50
CA ARG A 656 41.17 -12.89 23.65
C ARG A 656 41.79 -13.06 22.26
N MET A 657 41.80 -14.29 21.77
CA MET A 657 42.47 -14.62 20.52
C MET A 657 41.52 -14.53 19.32
N ALA A 658 42.12 -14.34 18.14
CA ALA A 658 41.35 -14.07 16.92
C ALA A 658 40.34 -15.19 16.64
N GLY A 659 39.12 -14.78 16.30
CA GLY A 659 38.07 -15.74 16.01
C GLY A 659 37.50 -16.47 17.19
N THR A 660 38.07 -16.31 18.39
CA THR A 660 37.50 -16.97 19.55
C THR A 660 36.21 -16.25 19.98
N PRO A 661 35.32 -16.96 20.67
CA PRO A 661 34.05 -16.34 21.09
C PRO A 661 34.27 -15.19 22.07
N LEU A 662 33.33 -14.24 22.04
CA LEU A 662 33.23 -13.15 23.01
C LEU A 662 32.69 -13.69 24.35
N ALA A 663 32.67 -12.83 25.36
CA ALA A 663 31.96 -13.17 26.58
C ALA A 663 30.53 -13.55 26.24
N ASP A 664 29.80 -14.17 27.15
CA ASP A 664 28.38 -14.46 26.89
C ASP A 664 27.55 -13.29 27.41
N ASN A 665 26.80 -12.66 26.48
CA ASN A 665 25.84 -11.58 26.78
C ASN A 665 26.53 -10.51 27.63
N ALA A 666 25.98 -10.16 28.80
CA ALA A 666 26.52 -9.14 29.68
C ALA A 666 27.35 -9.71 30.83
N SER A 667 27.68 -11.00 30.79
CA SER A 667 28.45 -11.64 31.86
C SER A 667 29.95 -11.46 31.61
N PRO A 668 30.77 -11.63 32.65
CA PRO A 668 32.21 -11.48 32.47
C PRO A 668 32.75 -12.54 31.52
N MET A 669 33.95 -12.29 31.00
CA MET A 669 34.58 -13.25 30.10
C MET A 669 34.90 -14.55 30.83
N VAL A 670 34.78 -15.67 30.11
CA VAL A 670 35.04 -16.98 30.69
C VAL A 670 36.39 -16.97 31.40
N GLY A 671 36.40 -17.42 32.66
CA GLY A 671 37.61 -17.55 33.44
C GLY A 671 38.01 -16.34 34.25
N MET A 672 37.43 -15.18 34.00
CA MET A 672 37.88 -13.94 34.62
C MET A 672 37.14 -13.58 35.91
N ASP A 673 35.92 -14.10 36.12
CA ASP A 673 35.21 -13.85 37.36
C ASP A 673 35.62 -14.91 38.39
N VAL A 674 36.74 -14.63 39.07
CA VAL A 674 37.34 -15.58 40.00
C VAL A 674 37.03 -15.21 41.45
N ASN A 675 35.91 -14.50 41.69
CA ASN A 675 35.66 -13.99 43.03
C ASN A 675 34.20 -14.16 43.48
N GLY A 676 33.43 -15.03 42.83
CA GLY A 676 32.10 -15.34 43.30
C GLY A 676 31.03 -14.43 42.70
N PRO A 677 29.77 -14.83 42.84
CA PRO A 677 28.69 -14.14 42.10
C PRO A 677 28.24 -12.82 42.72
N THR A 678 28.43 -12.59 44.02
CA THR A 678 28.15 -11.27 44.57
C THR A 678 29.08 -10.21 43.97
N ALA A 679 30.31 -10.60 43.64
CA ALA A 679 31.23 -9.68 42.96
C ALA A 679 30.84 -9.45 41.51
N VAL A 680 30.34 -10.48 40.82
CA VAL A 680 29.89 -10.30 39.43
C VAL A 680 28.77 -9.27 39.37
N VAL A 681 27.77 -9.41 40.25
CA VAL A 681 26.65 -8.47 40.25
C VAL A 681 27.07 -7.10 40.79
N ASN A 682 28.03 -7.08 41.72
CA ASN A 682 28.61 -5.81 42.16
C ASN A 682 29.29 -5.08 41.00
N SER A 683 29.96 -5.83 40.12
CA SER A 683 30.57 -5.25 38.93
C SER A 683 29.52 -4.68 37.99
N LEU A 684 28.43 -5.43 37.73
CA LEU A 684 27.40 -4.95 36.82
C LEU A 684 26.72 -3.69 37.33
N ALA A 685 26.76 -3.45 38.65
CA ALA A 685 26.15 -2.25 39.21
C ALA A 685 26.92 -0.97 38.88
N CYS A 686 28.14 -1.07 38.33
CA CYS A 686 28.86 0.11 37.88
C CYS A 686 28.41 0.57 36.50
N CYS A 687 27.60 -0.23 35.79
CA CYS A 687 26.96 0.24 34.56
C CYS A 687 25.99 1.37 34.82
N ASP A 688 25.49 1.47 36.05
CA ASP A 688 24.28 2.24 36.33
C ASP A 688 23.14 1.46 35.68
N GLU A 689 22.65 0.45 36.38
CA GLU A 689 21.68 -0.47 35.79
C GLU A 689 20.29 0.14 35.68
N LEU A 690 20.13 1.42 36.04
CA LEU A 690 18.93 2.17 35.76
C LEU A 690 18.93 2.80 34.37
N VAL A 691 20.05 2.70 33.66
CA VAL A 691 20.31 3.36 32.37
C VAL A 691 19.82 2.51 31.19
N PRO A 692 20.29 1.24 31.03
CA PRO A 692 19.89 0.48 29.84
C PRO A 692 18.43 0.04 29.91
N GLN A 693 17.57 0.76 29.17
CA GLN A 693 16.11 0.65 29.32
C GLN A 693 15.54 -0.64 28.73
N SER A 694 16.37 -1.51 28.16
CA SER A 694 15.88 -2.82 27.77
C SER A 694 16.74 -3.96 28.33
N GLY A 695 17.60 -3.69 29.29
CA GLY A 695 18.07 -4.68 30.24
C GLY A 695 19.50 -5.12 29.97
N LEU A 696 20.10 -5.71 31.01
CA LEU A 696 21.38 -6.43 30.94
C LEU A 696 21.10 -7.92 31.12
N LEU A 697 21.30 -8.72 30.06
CA LEU A 697 21.04 -10.16 30.10
C LEU A 697 22.20 -10.85 30.81
N LEU A 698 21.93 -11.41 31.99
CA LEU A 698 22.95 -11.95 32.88
C LEU A 698 22.75 -13.44 33.10
N ASN A 699 23.78 -14.23 32.82
CA ASN A 699 23.78 -15.66 33.13
C ASN A 699 24.68 -15.94 34.32
N GLN A 700 24.16 -16.69 35.29
CA GLN A 700 24.95 -17.20 36.40
C GLN A 700 24.79 -18.71 36.51
N ARG A 701 25.84 -19.38 36.98
CA ARG A 701 25.87 -20.84 37.06
C ARG A 701 26.41 -21.24 38.42
N PHE A 702 25.71 -22.14 39.10
CA PHE A 702 26.09 -22.59 40.44
C PHE A 702 26.38 -24.08 40.45
N ASP A 703 27.29 -24.47 41.34
CA ASP A 703 27.50 -25.88 41.61
C ASP A 703 26.31 -26.43 42.39
N PRO A 704 25.72 -27.56 41.97
CA PRO A 704 24.47 -28.01 42.62
C PRO A 704 24.67 -28.44 44.07
N ALA A 705 25.86 -28.93 44.43
CA ALA A 705 26.10 -29.36 45.80
C ALA A 705 26.14 -28.18 46.76
N VAL A 706 26.79 -27.08 46.35
CA VAL A 706 26.98 -25.95 47.27
C VAL A 706 25.69 -25.19 47.50
N VAL A 707 24.76 -25.23 46.53
CA VAL A 707 23.49 -24.53 46.60
C VAL A 707 22.38 -25.53 46.89
N ALA A 708 22.74 -26.64 47.53
CA ALA A 708 21.80 -27.69 47.86
C ALA A 708 20.96 -27.32 49.08
N GLY A 709 19.83 -28.01 49.23
CA GLY A 709 19.07 -27.91 50.46
C GLY A 709 18.33 -26.60 50.62
N GLU A 710 18.13 -26.22 51.88
CA GLU A 710 17.45 -24.97 52.26
C GLU A 710 18.44 -23.82 52.43
N LYS A 711 19.59 -24.06 53.07
CA LYS A 711 20.63 -23.04 53.08
C LYS A 711 21.10 -22.74 51.66
N GLY A 712 20.94 -23.70 50.74
CA GLY A 712 21.31 -23.42 49.35
C GLY A 712 20.41 -22.40 48.71
N ILE A 713 19.12 -22.39 49.07
CA ILE A 713 18.23 -21.33 48.63
C ILE A 713 18.70 -20.00 49.16
N ASP A 714 19.01 -19.95 50.47
CA ASP A 714 19.46 -18.72 51.10
C ASP A 714 20.65 -18.13 50.36
N ILE A 715 21.57 -18.97 49.87
CA ILE A 715 22.70 -18.47 49.09
C ILE A 715 22.22 -17.80 47.80
N ILE A 716 21.38 -18.52 47.04
CA ILE A 716 20.82 -17.94 45.80
C ILE A 716 19.99 -16.69 46.12
N GLU A 717 19.10 -16.78 47.11
CA GLU A 717 18.28 -15.62 47.45
C GLU A 717 19.14 -14.41 47.84
N SER A 718 20.25 -14.64 48.53
CA SER A 718 21.12 -13.52 48.87
C SER A 718 21.71 -12.90 47.61
N VAL A 719 22.33 -13.73 46.76
CA VAL A 719 22.91 -13.21 45.52
C VAL A 719 21.88 -12.40 44.75
N PHE A 720 20.66 -12.92 44.65
CA PHE A 720 19.53 -12.23 44.05
C PHE A 720 19.28 -10.88 44.72
N ARG A 721 18.81 -10.89 45.97
CA ARG A 721 18.42 -9.64 46.60
C ARG A 721 19.53 -8.59 46.55
N ALA A 722 20.79 -9.04 46.56
CA ALA A 722 21.91 -8.10 46.43
C ALA A 722 21.97 -7.47 45.04
N HIS A 723 21.62 -8.25 44.02
CA HIS A 723 21.47 -7.72 42.66
C HIS A 723 20.38 -6.67 42.61
N PHE A 724 19.21 -7.00 43.16
CA PHE A 724 18.07 -6.10 43.12
C PHE A 724 18.29 -4.84 43.94
N ALA A 725 19.02 -4.95 45.06
CA ALA A 725 19.25 -3.78 45.89
C ALA A 725 20.13 -2.74 45.20
N GLN A 726 20.86 -3.14 44.15
CA GLN A 726 21.66 -2.23 43.35
C GLN A 726 20.97 -1.83 42.06
N ASN A 727 19.66 -2.04 41.98
CA ASN A 727 18.87 -1.82 40.77
C ASN A 727 19.16 -2.84 39.68
N GLY A 728 19.66 -4.02 40.07
CA GLY A 728 19.79 -5.10 39.12
C GLY A 728 18.45 -5.49 38.52
N PHE A 729 18.47 -5.85 37.25
CA PHE A 729 17.22 -6.14 36.58
C PHE A 729 16.95 -7.63 36.51
N HIS A 730 17.76 -8.35 35.74
CA HIS A 730 17.52 -9.74 35.39
C HIS A 730 18.69 -10.63 35.81
N ILE A 731 18.35 -11.80 36.34
CA ILE A 731 19.32 -12.82 36.71
C ILE A 731 18.76 -14.20 36.32
N GLN A 732 19.64 -15.10 35.89
CA GLN A 732 19.26 -16.32 35.19
C GLN A 732 20.22 -17.44 35.57
N ILE A 733 19.66 -18.56 36.04
CA ILE A 733 20.42 -19.57 36.77
C ILE A 733 20.49 -20.87 35.99
N ASN A 734 21.69 -21.46 35.94
CA ASN A 734 21.90 -22.89 35.69
C ASN A 734 22.52 -23.49 36.96
N VAL A 735 21.83 -24.45 37.57
CA VAL A 735 22.39 -25.25 38.65
C VAL A 735 22.81 -26.56 38.01
N LEU A 736 24.03 -26.60 37.46
CA LEU A 736 24.46 -27.76 36.68
C LEU A 736 25.95 -28.03 36.84
N ASP A 737 26.24 -29.32 36.95
CA ASP A 737 27.58 -29.89 37.08
C ASP A 737 28.37 -29.78 35.79
N ASP A 738 29.68 -29.60 35.91
CA ASP A 738 30.55 -29.86 34.76
C ASP A 738 30.45 -31.33 34.31
N GLU A 739 30.48 -32.27 35.27
CA GLU A 739 30.42 -33.69 34.93
C GLU A 739 29.07 -34.08 34.36
N THR A 740 27.97 -33.58 34.95
CA THR A 740 26.64 -33.89 34.42
C THR A 740 26.49 -33.48 32.96
N LEU A 741 27.20 -32.43 32.51
CA LEU A 741 27.03 -31.96 31.14
C LEU A 741 27.83 -32.78 30.13
N ARG A 742 28.98 -33.32 30.54
CA ARG A 742 29.69 -34.26 29.67
C ARG A 742 28.96 -35.59 29.56
N ALA A 743 28.27 -36.02 30.62
CA ALA A 743 27.51 -37.27 30.56
C ALA A 743 26.42 -37.19 29.50
N ALA A 744 25.74 -36.04 29.39
CA ALA A 744 24.74 -35.83 28.35
C ALA A 744 25.35 -35.70 26.95
N GLN A 745 26.61 -35.28 26.85
CA GLN A 745 27.30 -35.28 25.57
C GLN A 745 27.62 -36.71 25.12
N LYS A 746 28.23 -37.52 26.00
CA LYS A 746 28.56 -38.89 25.64
C LYS A 746 27.30 -39.74 25.50
N ASN A 747 26.35 -39.58 26.43
CA ASN A 747 25.09 -40.33 26.42
C ASN A 747 23.92 -39.37 26.36
N PRO A 748 23.68 -38.74 25.21
CA PRO A 748 22.52 -37.84 25.10
C PRO A 748 21.18 -38.51 25.43
N ASP A 749 21.00 -39.80 25.10
CA ASP A 749 19.70 -40.46 25.26
C ASP A 749 19.26 -40.56 26.72
N ASP A 750 20.19 -40.52 27.67
CA ASP A 750 19.87 -40.67 29.08
C ASP A 750 19.79 -39.33 29.83
N HIS A 751 20.00 -38.20 29.15
CA HIS A 751 19.94 -36.87 29.77
C HIS A 751 19.12 -35.89 28.94
N ARG A 752 18.04 -36.37 28.30
CA ARG A 752 17.23 -35.57 27.38
C ARG A 752 16.28 -34.58 28.11
N ASN A 753 16.47 -34.33 29.41
CA ASN A 753 15.65 -33.38 30.16
C ASN A 753 16.44 -32.29 30.88
N ILE A 754 17.78 -32.31 30.82
CA ILE A 754 18.55 -31.19 31.36
C ILE A 754 18.23 -29.95 30.52
N LEU A 755 17.61 -28.96 31.15
CA LEU A 755 17.23 -27.73 30.47
C LEU A 755 18.15 -26.60 30.88
N VAL A 756 18.82 -26.00 29.90
CA VAL A 756 19.78 -24.92 30.15
C VAL A 756 19.15 -23.58 29.76
N ARG A 757 19.47 -22.56 30.53
CA ARG A 757 19.21 -21.17 30.12
C ARG A 757 20.38 -20.76 29.22
N VAL A 758 20.09 -20.50 27.94
CA VAL A 758 21.12 -20.14 26.97
C VAL A 758 21.38 -18.65 27.06
N ALA A 759 20.43 -17.84 26.58
CA ALA A 759 20.44 -16.41 26.81
C ALA A 759 19.14 -16.03 27.51
N GLY A 760 18.23 -15.35 26.83
CA GLY A 760 16.94 -15.08 27.44
C GLY A 760 15.89 -16.13 27.11
N TYR A 761 16.34 -17.37 26.97
CA TYR A 761 15.49 -18.50 26.64
C TYR A 761 16.18 -19.78 27.10
N SER A 762 15.39 -20.86 27.18
CA SER A 762 15.90 -22.14 27.65
C SER A 762 15.80 -23.19 26.56
N ALA A 763 16.76 -24.12 26.60
CA ALA A 763 16.83 -25.18 25.60
C ALA A 763 17.31 -26.48 26.24
N TYR A 764 17.01 -27.57 25.56
CA TYR A 764 17.50 -28.89 25.97
C TYR A 764 18.94 -29.06 25.52
N PHE A 765 19.81 -29.43 26.47
CA PHE A 765 21.23 -29.47 26.19
C PHE A 765 21.56 -30.37 25.01
N VAL A 766 20.82 -31.48 24.87
CA VAL A 766 21.12 -32.44 23.79
C VAL A 766 20.68 -31.89 22.43
N ASP A 767 19.70 -30.99 22.41
CA ASP A 767 19.30 -30.32 21.19
C ASP A 767 20.34 -29.31 20.69
N LEU A 768 21.31 -28.93 21.51
CA LEU A 768 22.30 -27.91 21.13
C LEU A 768 23.53 -28.53 20.47
N SER A 769 24.07 -27.79 19.50
CA SER A 769 25.34 -28.11 18.84
C SER A 769 26.45 -28.41 19.84
N GLU A 770 27.46 -29.18 19.42
CA GLU A 770 28.59 -29.46 20.32
C GLU A 770 29.42 -28.21 20.56
N GLU A 771 29.55 -27.34 19.55
CA GLU A 771 30.26 -26.08 19.72
C GLU A 771 29.56 -25.20 20.75
N ILE A 772 28.23 -25.14 20.70
CA ILE A 772 27.47 -24.33 21.65
C ILE A 772 27.46 -24.99 23.03
N GLN A 773 27.54 -26.32 23.08
CA GLN A 773 27.57 -27.04 24.36
C GLN A 773 28.84 -26.70 25.16
N ASN A 774 29.99 -26.71 24.49
CA ASN A 774 31.26 -26.40 25.15
C ASN A 774 31.33 -24.97 25.62
N ASN A 775 30.61 -24.07 24.93
CA ASN A 775 30.56 -22.66 25.31
C ASN A 775 29.67 -22.44 26.53
N ILE A 776 28.66 -23.31 26.74
CA ILE A 776 27.92 -23.30 27.99
C ILE A 776 28.70 -23.98 29.12
N ILE A 777 29.58 -24.95 28.80
CA ILE A 777 30.36 -25.62 29.84
C ILE A 777 31.52 -24.74 30.31
N GLU A 778 32.04 -23.86 29.44
CA GLU A 778 33.08 -22.88 29.79
C GLU A 778 32.62 -21.85 30.82
N ARG A 779 31.32 -21.74 31.05
CA ARG A 779 30.79 -20.75 31.99
C ARG A 779 31.30 -21.02 33.41
N THR A 780 31.45 -19.94 34.17
CA THR A 780 31.99 -20.04 35.52
C THR A 780 31.02 -20.73 36.47
N ILE A 781 31.56 -21.65 37.28
CA ILE A 781 30.78 -22.38 38.28
C ILE A 781 31.00 -21.68 39.62
N GLN A 782 30.04 -20.84 40.02
CA GLN A 782 30.12 -20.19 41.33
C GLN A 782 29.95 -21.23 42.43
N ARG A 783 30.90 -21.26 43.36
CA ARG A 783 30.83 -22.11 44.55
C ARG A 783 30.37 -21.34 45.78
N GLY A 784 29.95 -20.09 45.62
CA GLY A 784 29.29 -19.35 46.69
C GLY A 784 29.68 -17.90 46.77
N LEU A 785 28.80 -17.11 47.40
CA LEU A 785 29.10 -15.73 47.84
C LEU A 785 27.84 -15.09 48.45
N MET B 1 -6.10 15.41 -52.54
CA MET B 1 -4.94 16.28 -52.56
C MET B 1 -3.97 16.04 -51.39
N ILE B 2 -4.19 14.95 -50.63
CA ILE B 2 -3.25 14.55 -49.58
C ILE B 2 -2.30 13.50 -50.14
N SER B 3 -1.09 13.49 -49.61
CA SER B 3 -0.04 12.57 -50.00
C SER B 3 -0.55 11.13 -50.14
N LYS B 4 0.01 10.39 -51.08
CA LYS B 4 -0.33 8.98 -51.16
C LYS B 4 -0.04 8.29 -49.84
N ARG B 5 1.11 8.60 -49.23
CA ARG B 5 1.46 8.00 -47.94
C ARG B 5 0.38 8.25 -46.89
N ILE B 6 -0.10 9.49 -46.77
CA ILE B 6 -1.14 9.71 -45.77
C ILE B 6 -2.45 9.07 -46.19
N ALA B 7 -2.69 8.90 -47.49
CA ALA B 7 -3.92 8.21 -47.91
C ALA B 7 -3.88 6.74 -47.52
N ARG B 8 -2.75 6.09 -47.78
CA ARG B 8 -2.57 4.71 -47.34
C ARG B 8 -2.67 4.59 -45.83
N LEU B 9 -1.85 5.35 -45.10
CA LEU B 9 -1.95 5.34 -43.63
C LEU B 9 -3.37 5.62 -43.17
N SER B 10 -4.06 6.56 -43.82
CA SER B 10 -5.41 6.86 -43.39
C SER B 10 -6.31 5.66 -43.58
N ASP B 11 -6.16 4.97 -44.71
CA ASP B 11 -6.97 3.78 -44.97
C ASP B 11 -6.66 2.69 -43.97
N LYS B 12 -5.39 2.48 -43.65
CA LYS B 12 -5.07 1.40 -42.71
C LYS B 12 -5.76 1.62 -41.36
N VAL B 13 -5.95 2.88 -40.95
CA VAL B 13 -6.61 3.17 -39.68
C VAL B 13 -8.13 3.14 -39.82
N ARG B 14 -8.65 3.76 -40.88
CA ARG B 14 -10.08 3.89 -41.05
C ARG B 14 -10.78 2.61 -41.53
N ASN B 15 -10.04 1.61 -42.01
CA ASN B 15 -10.67 0.48 -42.67
C ASN B 15 -10.21 -0.89 -42.16
N THR B 16 -9.08 -0.99 -41.47
CA THR B 16 -8.76 -2.22 -40.76
C THR B 16 -9.75 -2.41 -39.63
N GLN B 17 -10.27 -3.62 -39.52
CA GLN B 17 -11.26 -3.91 -38.48
C GLN B 17 -10.62 -3.96 -37.10
N PRO B 18 -11.19 -3.25 -36.12
CA PRO B 18 -10.68 -3.38 -34.74
C PRO B 18 -10.78 -4.83 -34.29
N THR B 19 -9.66 -5.38 -33.85
CA THR B 19 -9.61 -6.75 -33.37
C THR B 19 -9.04 -6.78 -31.95
N ILE B 20 -9.77 -7.42 -31.04
CA ILE B 20 -9.34 -7.52 -29.65
C ILE B 20 -7.97 -8.19 -29.56
N ASP B 21 -7.04 -7.53 -28.89
CA ASP B 21 -5.65 -7.95 -28.75
C ASP B 21 -5.46 -8.66 -27.41
N LEU B 22 -4.57 -9.65 -27.38
CA LEU B 22 -4.35 -10.38 -26.14
C LEU B 22 -2.94 -10.26 -25.58
N ASP B 23 -2.07 -9.45 -26.16
CA ASP B 23 -0.73 -9.33 -25.59
C ASP B 23 -0.77 -8.81 -24.16
N ARG B 24 -1.35 -7.62 -23.95
CA ARG B 24 -1.41 -7.09 -22.59
C ARG B 24 -2.14 -8.05 -21.66
N ALA B 25 -3.36 -8.44 -22.04
CA ALA B 25 -4.12 -9.32 -21.16
C ALA B 25 -3.31 -10.56 -20.80
N ARG B 26 -2.65 -11.15 -21.79
CA ARG B 26 -1.84 -12.34 -21.58
C ARG B 26 -0.64 -12.04 -20.67
N LEU B 27 0.21 -11.11 -21.10
CA LEU B 27 1.44 -10.84 -20.35
C LEU B 27 1.13 -10.30 -18.95
N ILE B 28 0.18 -9.38 -18.84
CA ILE B 28 -0.15 -8.86 -17.51
C ILE B 28 -0.67 -9.97 -16.61
N THR B 29 -1.66 -10.74 -17.08
CA THR B 29 -2.20 -11.80 -16.24
C THR B 29 -1.11 -12.78 -15.85
N GLU B 30 -0.22 -13.10 -16.78
CA GLU B 30 0.89 -13.96 -16.47
C GLU B 30 1.70 -13.42 -15.30
N PHE B 31 1.98 -12.12 -15.31
CA PHE B 31 2.89 -11.50 -14.34
C PHE B 31 2.27 -11.43 -12.95
N TYR B 32 1.01 -11.01 -12.89
CA TYR B 32 0.32 -10.92 -11.60
C TYR B 32 -0.01 -12.29 -11.04
N SER B 33 0.39 -13.34 -11.74
CA SER B 33 0.19 -14.71 -11.31
C SER B 33 1.43 -15.28 -10.67
N ARG B 34 2.55 -14.58 -10.76
CA ARG B 34 3.70 -14.93 -9.96
C ARG B 34 3.51 -14.34 -8.57
N PRO B 35 3.45 -15.16 -7.52
CA PRO B 35 3.29 -14.61 -6.16
C PRO B 35 4.36 -13.58 -5.85
N SER B 36 3.98 -12.54 -5.13
CA SER B 36 4.96 -11.52 -4.75
C SER B 36 4.49 -10.74 -3.54
N MET B 37 5.40 -10.55 -2.60
CA MET B 37 5.21 -9.64 -1.49
C MET B 37 5.80 -8.26 -1.78
N ASP B 38 6.35 -8.03 -2.97
CA ASP B 38 6.81 -6.71 -3.36
C ASP B 38 5.69 -5.68 -3.20
N ASN B 39 6.08 -4.44 -2.91
CA ASN B 39 5.08 -3.39 -2.82
C ASN B 39 4.32 -3.25 -4.14
N TYR B 40 3.02 -2.95 -4.04
CA TYR B 40 2.19 -3.09 -5.23
C TYR B 40 2.50 -2.00 -6.26
N ILE B 41 3.06 -0.87 -5.83
CA ILE B 41 3.44 0.16 -6.79
C ILE B 41 4.71 -0.23 -7.54
N LEU B 42 5.72 -0.69 -6.81
CA LEU B 42 6.88 -1.26 -7.48
C LEU B 42 6.47 -2.40 -8.41
N ARG B 43 5.56 -3.26 -7.95
CA ARG B 43 5.12 -4.40 -8.75
C ARG B 43 4.49 -3.92 -10.06
N ARG B 44 3.58 -2.95 -9.98
CA ARG B 44 2.99 -2.37 -11.18
C ARG B 44 4.06 -1.94 -12.16
N ALA B 45 5.07 -1.23 -11.66
CA ALA B 45 6.09 -0.71 -12.55
C ALA B 45 6.80 -1.86 -13.24
N LYS B 46 7.17 -2.88 -12.47
CA LYS B 46 7.80 -4.08 -13.02
C LYS B 46 6.86 -4.87 -13.92
N ALA B 47 5.58 -4.97 -13.55
CA ALA B 47 4.59 -5.49 -14.51
C ALA B 47 4.64 -4.72 -15.81
N PHE B 48 4.70 -3.39 -15.72
CA PHE B 48 4.67 -2.56 -16.92
C PHE B 48 5.87 -2.84 -17.79
N ASP B 49 7.07 -2.88 -17.17
CA ASP B 49 8.28 -3.19 -17.91
C ASP B 49 8.15 -4.55 -18.62
N TYR B 50 7.74 -5.57 -17.87
CA TYR B 50 7.65 -6.92 -18.43
C TYR B 50 6.78 -6.94 -19.68
N TYR B 51 5.60 -6.34 -19.60
CA TYR B 51 4.72 -6.29 -20.77
C TYR B 51 5.39 -5.60 -21.95
N LEU B 52 6.08 -4.47 -21.70
CA LEU B 52 6.77 -3.76 -22.77
C LEU B 52 7.97 -4.51 -23.32
N GLU B 53 8.53 -5.45 -22.57
CA GLU B 53 9.65 -6.21 -23.07
C GLU B 53 9.22 -7.38 -23.96
N ASN B 54 7.93 -7.74 -23.99
CA ASN B 54 7.46 -8.92 -24.70
C ASN B 54 6.24 -8.70 -25.60
N ARG B 55 5.63 -7.52 -25.60
CA ARG B 55 4.49 -7.37 -26.48
C ARG B 55 4.94 -7.37 -27.94
N GLU B 56 4.02 -7.73 -28.82
CA GLU B 56 4.32 -7.71 -30.24
C GLU B 56 4.48 -6.27 -30.69
N ILE B 57 5.45 -6.02 -31.56
CA ILE B 57 5.55 -4.73 -32.21
C ILE B 57 5.57 -4.92 -33.73
N PHE B 58 5.34 -3.83 -34.45
CA PHE B 58 5.33 -3.84 -35.90
C PHE B 58 5.48 -2.42 -36.41
N ILE B 59 6.07 -2.29 -37.60
CA ILE B 59 6.37 -1.00 -38.22
C ILE B 59 5.83 -1.04 -39.64
N ASP B 60 4.79 -0.26 -39.91
CA ASP B 60 4.24 -0.16 -41.25
C ASP B 60 5.24 0.48 -42.19
N GLU B 61 5.22 0.03 -43.45
CA GLU B 61 6.18 0.56 -44.41
C GLU B 61 5.97 2.05 -44.67
N ASP B 62 4.76 2.57 -44.42
CA ASP B 62 4.42 3.95 -44.73
C ASP B 62 4.56 4.88 -43.53
N SER B 63 5.04 4.37 -42.40
CA SER B 63 5.15 5.12 -41.15
C SER B 63 6.55 5.71 -41.02
N GLN B 64 6.62 6.98 -40.61
CA GLN B 64 7.86 7.58 -40.16
C GLN B 64 7.93 7.69 -38.64
N ILE B 65 6.80 7.51 -37.95
CA ILE B 65 6.75 7.48 -36.49
C ILE B 65 6.54 6.04 -36.03
N ALA B 66 7.37 5.60 -35.08
CA ALA B 66 7.20 4.27 -34.50
C ALA B 66 6.16 4.27 -33.39
N GLY B 67 5.48 3.14 -33.23
CA GLY B 67 4.66 2.76 -32.09
C GLY B 67 3.19 2.66 -32.37
N HIS B 68 2.59 1.56 -31.91
CA HIS B 68 1.15 1.34 -31.93
C HIS B 68 0.76 0.68 -30.62
N GLN B 69 -0.53 0.75 -30.28
CA GLN B 69 -0.98 0.00 -29.10
C GLN B 69 -0.83 -1.52 -29.30
N GLY B 70 -0.96 -2.00 -30.54
CA GLY B 70 -0.90 -3.43 -30.80
C GLY B 70 0.27 -3.88 -31.67
N GLY B 71 0.27 -5.13 -32.09
CA GLY B 71 1.19 -5.64 -33.09
C GLY B 71 0.61 -5.70 -34.48
N CYS B 72 -0.51 -5.03 -34.73
CA CYS B 72 -1.16 -4.97 -36.02
C CYS B 72 -2.00 -3.69 -36.04
N TRP B 73 -2.61 -3.38 -37.17
CA TRP B 73 -3.43 -2.18 -37.25
C TRP B 73 -4.70 -2.36 -36.45
N GLU B 74 -5.08 -1.32 -35.70
CA GLU B 74 -6.39 -1.22 -35.05
C GLU B 74 -6.58 -2.28 -33.96
N ALA B 75 -5.50 -2.59 -33.26
CA ALA B 75 -5.60 -3.50 -32.14
C ALA B 75 -6.33 -2.84 -30.97
N VAL B 76 -7.06 -3.63 -30.20
CA VAL B 76 -7.81 -3.14 -29.06
C VAL B 76 -7.21 -3.78 -27.81
N VAL B 77 -6.45 -3.01 -27.03
CA VAL B 77 -5.71 -3.52 -25.89
C VAL B 77 -6.66 -3.68 -24.70
N MET B 78 -6.56 -4.82 -24.01
CA MET B 78 -7.50 -5.15 -22.95
C MET B 78 -6.85 -4.97 -21.59
N HIS B 79 -7.68 -4.74 -20.57
CA HIS B 79 -7.21 -4.42 -19.22
C HIS B 79 -7.98 -5.25 -18.18
N PRO B 80 -7.87 -6.58 -18.26
CA PRO B 80 -8.63 -7.45 -17.35
C PRO B 80 -8.25 -7.25 -15.88
N ASP B 81 -7.05 -6.72 -15.61
CA ASP B 81 -6.61 -6.40 -14.27
C ASP B 81 -7.39 -5.26 -13.64
N VAL B 82 -8.03 -4.40 -14.44
CA VAL B 82 -8.73 -3.24 -13.92
C VAL B 82 -10.23 -3.33 -14.16
N THR B 83 -10.63 -3.70 -15.36
CA THR B 83 -12.02 -3.53 -15.77
C THR B 83 -12.85 -4.73 -15.30
N LYS B 84 -13.70 -4.49 -14.30
CA LYS B 84 -14.60 -5.53 -13.86
C LYS B 84 -15.63 -5.87 -14.93
N TRP B 85 -16.06 -4.87 -15.70
CA TRP B 85 -17.08 -5.10 -16.70
C TRP B 85 -16.65 -6.14 -17.74
N LEU B 86 -15.36 -6.45 -17.84
CA LEU B 86 -14.92 -7.43 -18.82
C LEU B 86 -15.54 -8.81 -18.57
N TYR B 87 -15.84 -9.14 -17.31
CA TYR B 87 -16.53 -10.38 -16.97
C TYR B 87 -18.01 -10.31 -17.33
N ASP B 88 -18.76 -9.43 -16.65
CA ASP B 88 -20.20 -9.40 -16.87
C ASP B 88 -20.56 -9.13 -18.32
N ASP B 89 -19.73 -8.39 -19.07
CA ASP B 89 -20.04 -7.96 -20.42
C ASP B 89 -19.21 -8.66 -21.48
N PHE B 90 -18.37 -9.63 -21.09
CA PHE B 90 -17.65 -10.44 -22.06
C PHE B 90 -18.51 -10.85 -23.25
N ASP B 91 -19.72 -11.34 -22.99
CA ASP B 91 -20.50 -11.97 -24.04
C ASP B 91 -20.82 -10.99 -25.17
N THR B 92 -21.15 -9.76 -24.82
CA THR B 92 -21.47 -8.76 -25.81
C THR B 92 -20.23 -8.08 -26.41
N LEU B 93 -19.05 -8.32 -25.85
CA LEU B 93 -17.87 -7.55 -26.25
C LEU B 93 -17.72 -7.48 -27.77
N ASP B 94 -18.01 -8.57 -28.49
CA ASP B 94 -17.82 -8.64 -29.93
C ASP B 94 -19.13 -8.50 -30.72
N LYS B 95 -20.17 -7.94 -30.09
CA LYS B 95 -21.48 -7.73 -30.70
C LYS B 95 -22.05 -6.40 -30.21
N ARG B 96 -21.17 -5.40 -30.03
CA ARG B 96 -21.49 -4.08 -29.50
C ARG B 96 -22.13 -3.19 -30.56
N PRO B 97 -23.07 -2.30 -30.13
CA PRO B 97 -23.86 -1.52 -31.09
C PRO B 97 -23.40 -0.09 -31.29
N SER B 98 -22.15 0.21 -30.92
CA SER B 98 -21.56 1.53 -31.17
C SER B 98 -20.03 1.41 -31.13
N ASP B 99 -19.53 0.25 -30.70
CA ASP B 99 -18.09 -0.04 -30.76
C ASP B 99 -17.79 -0.82 -32.04
N ASN B 100 -18.29 -2.05 -32.13
CA ASN B 100 -17.93 -2.93 -33.24
C ASN B 100 -16.50 -3.44 -33.07
N LEU B 101 -16.34 -4.59 -32.43
CA LEU B 101 -15.04 -5.19 -32.24
C LEU B 101 -15.11 -6.63 -32.74
N ALA B 102 -13.95 -7.26 -32.87
CA ALA B 102 -13.93 -8.64 -33.34
C ALA B 102 -12.77 -9.40 -32.72
N PHE B 103 -12.99 -10.69 -32.49
CA PHE B 103 -11.92 -11.60 -32.15
C PHE B 103 -11.29 -12.16 -33.43
N ARG B 104 -9.99 -12.40 -33.38
CA ARG B 104 -9.25 -12.92 -34.52
C ARG B 104 -9.63 -14.38 -34.80
N SER B 105 -9.18 -15.31 -33.95
CA SER B 105 -9.57 -16.70 -34.04
C SER B 105 -10.72 -17.00 -33.08
N ALA B 106 -10.86 -18.26 -32.69
CA ALA B 106 -11.54 -18.58 -31.44
C ALA B 106 -10.52 -18.41 -30.32
N ALA B 107 -10.05 -17.15 -30.21
CA ALA B 107 -9.44 -16.57 -29.03
C ALA B 107 -10.43 -15.73 -28.22
N ALA B 108 -11.71 -15.70 -28.62
CA ALA B 108 -12.76 -15.31 -27.68
C ALA B 108 -12.53 -16.15 -26.43
N LYS B 109 -12.86 -17.43 -26.51
CA LYS B 109 -12.46 -18.34 -25.43
C LYS B 109 -10.95 -18.37 -25.32
N GLU B 110 -10.28 -18.67 -26.45
CA GLU B 110 -8.83 -18.80 -26.46
C GLU B 110 -8.28 -17.66 -25.63
N GLU B 111 -7.95 -17.98 -24.39
CA GLU B 111 -7.24 -17.03 -23.59
C GLU B 111 -8.25 -16.06 -22.99
N LEU B 112 -8.91 -15.21 -23.79
CA LEU B 112 -9.48 -14.01 -23.18
C LEU B 112 -10.64 -14.36 -22.25
N ARG B 113 -11.47 -15.33 -22.61
CA ARG B 113 -12.46 -15.79 -21.64
C ARG B 113 -11.77 -16.38 -20.43
N GLN B 114 -10.81 -17.29 -20.65
CA GLN B 114 -10.14 -17.91 -19.52
C GLN B 114 -9.37 -16.88 -18.69
N ILE B 115 -8.86 -15.82 -19.32
CA ILE B 115 -8.11 -14.80 -18.58
C ILE B 115 -9.04 -14.00 -17.69
N VAL B 116 -10.19 -13.58 -18.22
CA VAL B 116 -11.14 -12.86 -17.39
C VAL B 116 -11.60 -13.72 -16.23
N GLU B 117 -11.79 -15.02 -16.47
CA GLU B 117 -12.20 -15.90 -15.38
C GLU B 117 -11.14 -15.95 -14.31
N THR B 118 -9.86 -16.06 -14.70
CA THR B 118 -8.77 -15.96 -13.75
C THR B 118 -8.94 -14.72 -12.85
N TRP B 119 -9.20 -13.56 -13.46
CA TRP B 119 -9.31 -12.30 -12.72
C TRP B 119 -10.60 -12.19 -11.92
N LYS B 120 -11.60 -13.06 -12.14
CA LYS B 120 -12.93 -12.95 -11.55
C LYS B 120 -12.87 -12.53 -10.08
N GLY B 121 -13.58 -11.44 -9.76
CA GLY B 121 -13.67 -10.95 -8.40
C GLY B 121 -12.43 -10.24 -7.88
N GLN B 122 -11.38 -10.11 -8.68
CA GLN B 122 -10.09 -9.60 -8.21
C GLN B 122 -9.60 -8.41 -9.02
N THR B 123 -10.46 -7.81 -9.84
CA THR B 123 -10.04 -6.67 -10.63
C THR B 123 -10.16 -5.41 -9.77
N PHE B 124 -9.50 -4.33 -10.24
CA PHE B 124 -9.68 -3.07 -9.54
C PHE B 124 -11.15 -2.75 -9.41
N GLY B 125 -11.90 -2.95 -10.49
CA GLY B 125 -13.33 -2.70 -10.45
C GLY B 125 -14.05 -3.47 -9.36
N ASP B 126 -13.59 -4.70 -9.07
CA ASP B 126 -14.16 -5.43 -7.95
C ASP B 126 -13.90 -4.70 -6.65
N PHE B 127 -12.66 -4.26 -6.43
CA PHE B 127 -12.37 -3.53 -5.20
C PHE B 127 -13.19 -2.25 -5.11
N ALA B 128 -13.36 -1.53 -6.22
CA ALA B 128 -14.14 -0.31 -6.14
C ALA B 128 -15.59 -0.62 -5.84
N ALA B 129 -16.07 -1.79 -6.29
CA ALA B 129 -17.44 -2.16 -6.01
C ALA B 129 -17.71 -2.27 -4.51
N THR B 130 -16.67 -2.59 -3.73
CA THR B 130 -16.86 -2.71 -2.30
C THR B 130 -17.14 -1.37 -1.63
N LEU B 131 -16.94 -0.25 -2.32
CA LEU B 131 -17.03 1.05 -1.68
C LEU B 131 -18.43 1.65 -1.76
N VAL B 132 -19.37 0.94 -2.36
CA VAL B 132 -20.74 1.42 -2.53
C VAL B 132 -21.55 0.95 -1.32
N ASP B 133 -22.13 1.90 -0.59
CA ASP B 133 -23.01 1.56 0.51
C ASP B 133 -24.29 0.95 -0.03
N GLU B 134 -24.92 0.09 0.77
CA GLU B 134 -26.16 -0.52 0.33
C GLU B 134 -27.13 0.53 -0.20
N ASP B 135 -27.42 1.54 0.61
CA ASP B 135 -28.43 2.51 0.23
C ASP B 135 -28.07 3.29 -1.02
N MET B 136 -26.79 3.24 -1.47
CA MET B 136 -26.38 3.92 -2.68
C MET B 136 -26.78 3.16 -3.93
N LYS B 137 -27.05 1.86 -3.80
CA LYS B 137 -27.27 0.98 -4.95
C LYS B 137 -28.57 1.33 -5.68
N PRO B 138 -29.67 1.54 -4.96
CA PRO B 138 -30.87 2.07 -5.64
C PRO B 138 -30.62 3.40 -6.33
N MET B 139 -29.82 4.28 -5.71
CA MET B 139 -29.52 5.57 -6.31
C MET B 139 -28.77 5.41 -7.62
N LEU B 140 -27.79 4.52 -7.66
CA LEU B 140 -27.14 4.18 -8.93
C LEU B 140 -28.13 3.53 -9.88
N ASP B 141 -28.99 2.65 -9.36
CA ASP B 141 -29.87 1.87 -10.22
C ASP B 141 -30.80 2.77 -11.02
N VAL B 142 -31.44 3.75 -10.36
CA VAL B 142 -32.33 4.66 -11.07
C VAL B 142 -31.61 5.88 -11.64
N GLY B 143 -30.29 5.94 -11.55
CA GLY B 143 -29.53 6.93 -12.28
C GLY B 143 -29.47 8.31 -11.67
N ILE B 144 -29.63 8.43 -10.35
CA ILE B 144 -29.40 9.71 -9.68
C ILE B 144 -27.97 10.15 -9.88
N PHE B 145 -27.03 9.21 -9.92
CA PHE B 145 -25.68 9.58 -10.29
C PHE B 145 -24.94 8.33 -10.76
N THR B 146 -23.63 8.50 -10.97
CA THR B 146 -22.79 7.52 -11.63
C THR B 146 -21.56 7.29 -10.76
N HIS B 147 -21.10 6.05 -10.74
CA HIS B 147 -19.87 5.74 -10.04
C HIS B 147 -18.74 5.99 -11.02
N GLY B 148 -18.13 7.16 -10.91
CA GLY B 148 -17.01 7.48 -11.77
C GLY B 148 -15.75 6.75 -11.36
N ILE B 149 -14.80 6.73 -12.28
CA ILE B 149 -13.52 6.03 -12.10
C ILE B 149 -13.69 4.82 -11.18
N SER B 150 -14.59 3.92 -11.54
CA SER B 150 -14.69 2.62 -10.89
C SER B 150 -14.21 1.47 -11.76
N ASN B 151 -14.03 1.68 -13.07
CA ASN B 151 -13.34 0.67 -13.86
C ASN B 151 -12.14 1.21 -14.61
N GLN B 152 -11.65 2.41 -14.29
CA GLN B 152 -10.45 2.97 -14.90
C GLN B 152 -9.54 3.52 -13.81
N SER B 153 -8.29 3.79 -14.19
CA SER B 153 -7.39 4.54 -13.33
C SER B 153 -7.84 6.00 -13.22
N THR B 154 -7.23 6.75 -12.32
CA THR B 154 -7.64 8.15 -12.23
C THR B 154 -7.44 8.87 -13.56
N MET B 155 -6.60 8.31 -14.44
CA MET B 155 -6.35 8.79 -15.81
C MET B 155 -6.17 10.31 -15.90
N ASN B 156 -6.81 10.95 -16.86
CA ASN B 156 -6.79 12.41 -17.03
C ASN B 156 -5.37 12.98 -16.86
N HIS B 157 -4.43 12.45 -17.61
CA HIS B 157 -3.05 12.88 -17.45
C HIS B 157 -2.70 14.03 -18.38
N SER B 158 -1.73 14.82 -17.92
CA SER B 158 -1.42 16.13 -18.51
C SER B 158 0.09 16.32 -18.36
N PRO B 159 0.87 15.66 -19.19
CA PRO B 159 2.33 15.79 -19.08
C PRO B 159 2.78 17.22 -19.32
N ASP B 160 3.92 17.57 -18.72
CA ASP B 160 4.52 18.88 -18.91
C ASP B 160 5.37 18.87 -20.17
N TYR B 161 4.68 18.74 -21.31
CA TYR B 161 5.39 18.66 -22.59
C TYR B 161 6.26 19.89 -22.84
N ASP B 162 5.82 21.07 -22.41
CA ASP B 162 6.62 22.27 -22.67
C ASP B 162 8.05 22.08 -22.19
N ASN B 163 8.24 21.50 -21.00
CA ASN B 163 9.57 21.18 -20.51
C ASN B 163 10.05 19.81 -20.97
N LEU B 164 9.16 18.81 -21.05
CA LEU B 164 9.60 17.48 -21.42
C LEU B 164 10.33 17.53 -22.74
N ILE B 165 9.74 18.25 -23.71
CA ILE B 165 10.29 18.32 -25.06
C ILE B 165 11.68 18.94 -25.07
N LYS B 166 12.08 19.61 -23.98
CA LYS B 166 13.40 20.19 -23.85
C LYS B 166 14.36 19.34 -23.04
N ARG B 167 13.87 18.33 -22.31
CA ARG B 167 14.71 17.59 -21.38
C ARG B 167 14.79 16.10 -21.64
N GLY B 168 13.81 15.50 -22.30
CA GLY B 168 13.77 14.04 -22.43
C GLY B 168 13.62 13.31 -21.11
N TYR B 169 13.41 11.99 -21.16
CA TYR B 169 13.22 11.23 -19.93
C TYR B 169 14.43 11.30 -19.01
N ARG B 170 15.65 11.33 -19.58
CA ARG B 170 16.85 11.23 -18.76
C ARG B 170 16.89 12.30 -17.68
N TYR B 171 16.44 13.52 -18.00
CA TYR B 171 16.40 14.59 -17.00
C TYR B 171 15.64 14.14 -15.75
N TYR B 172 14.49 13.49 -15.94
CA TYR B 172 13.62 13.13 -14.83
C TYR B 172 14.13 11.90 -14.09
N ILE B 173 14.67 10.93 -14.84
CA ILE B 173 15.35 9.80 -14.20
C ILE B 173 16.45 10.32 -13.28
N ASP B 174 17.29 11.23 -13.78
CA ASP B 174 18.37 11.70 -12.94
C ASP B 174 17.85 12.49 -11.76
N GLU B 175 16.72 13.18 -11.92
CA GLU B 175 16.13 13.91 -10.79
C GLU B 175 15.63 12.94 -9.73
N CYS B 176 15.05 11.81 -10.15
CA CYS B 176 14.67 10.76 -9.20
C CYS B 176 15.90 10.16 -8.52
N LYS B 177 16.99 9.98 -9.26
CA LYS B 177 18.16 9.39 -8.64
C LYS B 177 18.76 10.34 -7.64
N GLU B 178 18.91 11.61 -8.01
CA GLU B 178 19.44 12.61 -7.07
C GLU B 178 18.56 12.70 -5.83
N LYS B 179 17.25 12.83 -6.01
CA LYS B 179 16.36 12.93 -4.85
C LYS B 179 16.47 11.70 -3.95
N LEU B 180 16.43 10.50 -4.54
CA LEU B 180 16.63 9.27 -3.77
C LEU B 180 17.93 9.33 -2.94
N ALA B 181 19.02 9.78 -3.54
CA ALA B 181 20.31 9.82 -2.86
C ALA B 181 20.28 10.72 -1.62
N GLU B 182 19.57 11.86 -1.70
CA GLU B 182 19.48 12.79 -0.58
C GLU B 182 18.50 12.36 0.50
N HIS B 183 17.57 11.47 0.18
CA HIS B 183 16.36 11.28 0.97
C HIS B 183 16.60 10.36 2.15
N GLN B 184 16.10 10.77 3.31
CA GLN B 184 16.18 9.98 4.52
C GLN B 184 14.81 9.41 4.85
N VAL B 185 14.80 8.20 5.37
CA VAL B 185 13.59 7.56 5.87
C VAL B 185 13.66 7.65 7.39
N ASN B 186 13.04 8.69 7.97
CA ASN B 186 13.00 8.83 9.41
C ASN B 186 11.66 8.49 10.02
N ASP B 187 10.60 8.42 9.21
CA ASP B 187 9.28 7.99 9.65
C ASP B 187 8.80 6.92 8.69
N VAL B 188 7.92 6.02 9.17
CA VAL B 188 7.48 4.93 8.29
C VAL B 188 6.92 5.49 6.98
N TYR B 189 6.12 6.55 7.06
CA TYR B 189 5.53 7.03 5.81
C TYR B 189 6.55 7.65 4.87
N ASP B 190 7.78 7.87 5.33
CA ASP B 190 8.77 8.37 4.40
C ASP B 190 9.05 7.39 3.28
N MET B 191 8.70 6.11 3.45
CA MET B 191 8.92 5.12 2.40
C MET B 191 8.08 5.41 1.15
N GLU B 192 6.96 6.11 1.31
CA GLU B 192 6.19 6.52 0.15
C GLU B 192 7.08 7.17 -0.90
N GLN B 193 8.00 8.04 -0.47
CA GLN B 193 8.81 8.79 -1.41
C GLN B 193 9.79 7.88 -2.14
N GLN B 194 10.51 7.03 -1.38
CA GLN B 194 11.36 6.01 -1.98
C GLN B 194 10.61 5.26 -3.06
N ILE B 195 9.40 4.80 -2.74
CA ILE B 195 8.65 3.97 -3.68
C ILE B 195 8.26 4.79 -4.91
N ALA B 196 7.89 6.05 -4.72
CA ALA B 196 7.48 6.86 -5.87
C ALA B 196 8.63 7.01 -6.86
N TRP B 197 9.80 7.45 -6.36
CA TRP B 197 10.93 7.72 -7.24
C TRP B 197 11.40 6.44 -7.92
N LYS B 198 11.46 5.32 -7.19
CA LYS B 198 11.93 4.09 -7.82
C LYS B 198 10.96 3.63 -8.89
N ALA B 199 9.65 3.74 -8.64
CA ALA B 199 8.70 3.29 -9.63
C ALA B 199 8.74 4.15 -10.89
N MET B 200 9.02 5.45 -10.71
CA MET B 200 9.08 6.32 -11.88
C MET B 200 10.33 6.04 -12.71
N ILE B 201 11.45 5.78 -12.05
CA ILE B 201 12.64 5.31 -12.75
C ILE B 201 12.34 4.05 -13.57
N ILE B 202 11.89 2.98 -12.90
CA ILE B 202 11.57 1.73 -13.60
C ILE B 202 10.71 2.02 -14.83
N ALA B 203 9.59 2.72 -14.63
CA ALA B 203 8.67 2.94 -15.73
C ALA B 203 9.29 3.77 -16.87
N MET B 204 10.17 4.72 -16.56
CA MET B 204 10.73 5.52 -17.65
C MET B 204 11.80 4.75 -18.41
N GLU B 205 12.59 3.95 -17.68
CA GLU B 205 13.57 3.13 -18.38
C GLU B 205 12.89 2.01 -19.17
N ALA B 206 11.72 1.59 -18.75
CA ALA B 206 10.96 0.62 -19.53
C ALA B 206 10.55 1.21 -20.87
N VAL B 207 10.04 2.44 -20.87
CA VAL B 207 9.65 3.03 -22.15
C VAL B 207 10.87 3.24 -23.05
N ILE B 208 12.05 3.55 -22.49
CA ILE B 208 13.26 3.67 -23.30
C ILE B 208 13.64 2.32 -23.91
N LYS B 209 13.66 1.25 -23.09
CA LYS B 209 13.95 -0.09 -23.61
C LYS B 209 12.99 -0.44 -24.73
N PHE B 210 11.73 -0.02 -24.58
CA PHE B 210 10.69 -0.24 -25.58
C PHE B 210 11.01 0.52 -26.85
N ALA B 211 11.40 1.79 -26.73
CA ALA B 211 11.83 2.55 -27.89
C ALA B 211 12.91 1.79 -28.65
N HIS B 212 13.89 1.24 -27.91
CA HIS B 212 14.95 0.48 -28.54
C HIS B 212 14.41 -0.73 -29.30
N ARG B 213 13.41 -1.39 -28.76
CA ARG B 213 12.87 -2.50 -29.53
C ARG B 213 12.49 -2.02 -30.93
N TYR B 214 12.03 -0.78 -31.05
CA TYR B 214 11.63 -0.28 -32.35
C TYR B 214 12.85 0.12 -33.18
N ALA B 215 13.84 0.77 -32.55
CA ALA B 215 15.10 1.01 -33.23
C ALA B 215 15.64 -0.28 -33.84
N ASP B 216 15.76 -1.32 -33.02
CA ASP B 216 16.28 -2.59 -33.52
C ASP B 216 15.45 -3.10 -34.68
N LEU B 217 14.12 -2.95 -34.59
CA LEU B 217 13.26 -3.46 -35.65
C LEU B 217 13.41 -2.63 -36.91
N ALA B 218 13.49 -1.30 -36.77
CA ALA B 218 13.63 -0.46 -37.94
C ALA B 218 14.98 -0.69 -38.62
N ASN B 219 16.06 -0.67 -37.84
CA ASN B 219 17.36 -1.05 -38.36
C ASN B 219 17.27 -2.35 -39.17
N LYS B 220 16.70 -3.40 -38.58
CA LYS B 220 16.59 -4.69 -39.26
C LYS B 220 15.90 -4.55 -40.60
N GLN B 221 14.77 -3.83 -40.63
CA GLN B 221 14.03 -3.64 -41.89
C GLN B 221 14.79 -2.76 -42.87
N ALA B 222 15.65 -1.87 -42.37
CA ALA B 222 16.48 -1.06 -43.23
C ALA B 222 17.34 -1.94 -44.13
N ALA B 223 18.04 -2.92 -43.55
CA ALA B 223 19.04 -3.68 -44.28
C ALA B 223 18.42 -4.55 -45.37
N GLU B 224 17.19 -5.02 -45.15
CA GLU B 224 16.48 -5.79 -46.15
C GLU B 224 15.71 -4.93 -47.14
N CYS B 225 15.85 -3.60 -47.05
CA CYS B 225 15.02 -2.69 -47.83
C CYS B 225 15.73 -2.31 -49.12
N ILE B 226 15.01 -2.48 -50.24
CA ILE B 226 15.59 -2.26 -51.55
C ILE B 226 15.29 -0.88 -52.11
N ASP B 227 14.51 -0.07 -51.41
CA ASP B 227 14.11 1.23 -51.87
C ASP B 227 14.87 2.28 -51.07
N PRO B 228 15.65 3.16 -51.71
CA PRO B 228 16.54 4.03 -50.92
C PRO B 228 15.79 5.14 -50.19
N LYS B 229 14.59 5.50 -50.63
CA LYS B 229 13.80 6.47 -49.86
C LYS B 229 13.30 5.84 -48.56
N ARG B 230 12.71 4.66 -48.65
CA ARG B 230 12.24 4.00 -47.43
C ARG B 230 13.41 3.52 -46.57
N LYS B 231 14.49 3.03 -47.18
CA LYS B 231 15.66 2.69 -46.39
C LYS B 231 16.11 3.87 -45.53
N GLU B 232 16.11 5.08 -46.10
CA GLU B 232 16.60 6.25 -45.36
C GLU B 232 15.62 6.62 -44.25
N GLU B 233 14.31 6.52 -44.51
CA GLU B 233 13.33 6.71 -43.46
C GLU B 233 13.59 5.76 -42.29
N LEU B 234 13.74 4.45 -42.58
CA LEU B 234 13.96 3.48 -41.51
C LEU B 234 15.21 3.81 -40.69
N LEU B 235 16.32 4.10 -41.36
CA LEU B 235 17.52 4.45 -40.61
C LEU B 235 17.32 5.69 -39.76
N ILE B 236 16.44 6.60 -40.21
CA ILE B 236 16.10 7.76 -39.40
C ILE B 236 15.26 7.32 -38.20
N MET B 237 14.23 6.51 -38.46
CA MET B 237 13.42 5.96 -37.38
C MET B 237 14.27 5.25 -36.34
N ALA B 238 15.22 4.43 -36.80
CA ALA B 238 16.09 3.74 -35.85
C ALA B 238 16.92 4.73 -35.04
N GLU B 239 17.50 5.73 -35.70
CA GLU B 239 18.28 6.72 -34.98
C GLU B 239 17.38 7.52 -34.06
N ASN B 240 16.16 7.80 -34.51
CA ASN B 240 15.18 8.49 -33.69
C ASN B 240 14.96 7.75 -32.37
N CYS B 241 14.59 6.48 -32.47
CA CYS B 241 14.23 5.70 -31.30
C CYS B 241 15.43 5.39 -30.42
N ARG B 242 16.65 5.54 -30.92
CA ARG B 242 17.77 5.52 -30.00
C ARG B 242 17.97 6.87 -29.32
N THR B 243 17.19 7.89 -29.71
CA THR B 243 17.35 9.24 -29.18
C THR B 243 16.25 9.62 -28.20
N VAL B 244 14.99 9.45 -28.59
CA VAL B 244 13.83 9.81 -27.75
C VAL B 244 13.26 8.53 -27.17
N PRO B 245 12.51 8.57 -26.06
CA PRO B 245 12.30 9.76 -25.24
C PRO B 245 13.40 9.90 -24.22
N GLU B 246 14.46 9.11 -24.35
CA GLU B 246 15.55 9.22 -23.40
C GLU B 246 16.13 10.63 -23.37
N ASN B 247 16.43 11.20 -24.52
CA ASN B 247 17.11 12.49 -24.59
C ASN B 247 16.24 13.56 -25.23
N PRO B 248 16.61 14.83 -25.07
CA PRO B 248 15.89 15.91 -25.77
C PRO B 248 15.89 15.69 -27.28
N PRO B 249 14.72 15.69 -27.93
CA PRO B 249 14.70 15.57 -29.38
C PRO B 249 15.48 16.70 -30.04
N LYS B 250 16.03 16.41 -31.23
CA LYS B 250 16.73 17.43 -32.01
C LYS B 250 15.95 17.89 -33.25
N THR B 251 14.86 17.21 -33.61
CA THR B 251 14.16 17.45 -34.86
C THR B 251 12.65 17.37 -34.68
N PHE B 252 11.92 18.03 -35.59
CA PHE B 252 10.46 18.00 -35.56
C PHE B 252 9.94 16.57 -35.43
N LEU B 253 10.49 15.67 -36.24
CA LEU B 253 10.01 14.28 -36.22
C LEU B 253 10.37 13.62 -34.89
N GLN B 254 11.52 13.96 -34.30
CA GLN B 254 11.85 13.38 -33.01
C GLN B 254 10.94 13.93 -31.91
N ALA B 255 10.80 15.25 -31.85
CA ALA B 255 9.86 15.85 -30.91
C ALA B 255 8.49 15.20 -31.02
N THR B 256 8.06 14.90 -32.25
CA THR B 256 6.77 14.22 -32.41
C THR B 256 6.86 12.76 -31.96
N GLN B 257 7.98 12.09 -32.27
CA GLN B 257 8.17 10.73 -31.82
C GLN B 257 8.16 10.65 -30.30
N LEU B 258 8.89 11.56 -29.64
CA LEU B 258 8.86 11.64 -28.19
C LEU B 258 7.44 11.76 -27.66
N VAL B 259 6.74 12.83 -28.06
CA VAL B 259 5.37 13.04 -27.60
C VAL B 259 4.56 11.75 -27.74
N TRP B 260 4.62 11.12 -28.91
CA TRP B 260 3.79 9.94 -29.16
C TRP B 260 4.19 8.75 -28.27
N PHE B 261 5.49 8.51 -28.10
CA PHE B 261 5.93 7.45 -27.20
C PHE B 261 5.35 7.65 -25.79
N ASN B 262 5.51 8.87 -25.26
CA ASN B 262 5.04 9.15 -23.90
C ASN B 262 3.52 8.95 -23.81
N HIS B 263 2.78 9.57 -24.72
CA HIS B 263 1.35 9.39 -24.77
C HIS B 263 1.01 7.91 -24.87
N LEU B 264 1.64 7.21 -25.82
CA LEU B 264 1.33 5.80 -26.02
C LEU B 264 1.68 4.99 -24.77
N ALA B 265 2.83 5.28 -24.15
CA ALA B 265 3.19 4.54 -22.94
C ALA B 265 2.13 4.71 -21.85
N ILE B 266 1.69 5.96 -21.62
CA ILE B 266 0.66 6.21 -20.61
C ILE B 266 -0.60 5.39 -20.90
N SER B 267 -1.01 5.33 -22.17
CA SER B 267 -2.25 4.65 -22.53
C SER B 267 -2.20 3.14 -22.31
N LEU B 268 -1.00 2.56 -22.25
CA LEU B 268 -0.84 1.12 -22.13
C LEU B 268 -0.66 0.68 -20.68
N GLU B 269 -0.18 1.55 -19.80
CA GLU B 269 0.06 1.16 -18.42
C GLU B 269 -1.23 0.86 -17.67
N ALA B 270 -2.27 1.67 -17.85
CA ALA B 270 -3.51 1.44 -17.11
C ALA B 270 -4.69 1.92 -17.93
N ALA B 271 -5.86 1.36 -17.62
CA ALA B 271 -7.07 1.68 -18.36
C ALA B 271 -7.46 3.14 -18.13
N GLY B 272 -8.06 3.74 -19.14
CA GLY B 272 -8.56 5.09 -19.10
C GLY B 272 -8.10 5.88 -20.31
N GLY B 273 -8.53 7.14 -20.35
CA GLY B 273 -8.17 8.06 -21.42
C GLY B 273 -8.12 9.49 -20.91
N ASP B 274 -8.49 10.44 -21.78
CA ASP B 274 -8.53 11.86 -21.48
C ASP B 274 -7.13 12.46 -21.25
N HIS B 275 -6.07 11.87 -21.80
CA HIS B 275 -4.74 12.45 -21.71
C HIS B 275 -4.52 13.51 -22.79
N ASN B 276 -4.06 14.71 -22.39
CA ASN B 276 -3.91 15.74 -23.40
C ASN B 276 -2.50 15.72 -24.01
N LEU B 277 -2.39 16.35 -25.17
CA LEU B 277 -1.14 16.33 -25.92
C LEU B 277 -0.43 17.67 -25.90
N GLY B 278 -0.92 18.63 -25.12
CA GLY B 278 -0.29 19.92 -25.06
C GLY B 278 -0.63 20.86 -26.21
N ARG B 279 0.08 22.00 -26.20
CA ARG B 279 -0.05 23.03 -27.22
C ARG B 279 1.00 22.76 -28.31
N TYR B 280 0.64 21.86 -29.22
CA TYR B 280 1.58 21.37 -30.22
C TYR B 280 2.12 22.50 -31.11
N ASP B 281 1.27 23.43 -31.55
CA ASP B 281 1.78 24.55 -32.33
C ASP B 281 2.77 25.40 -31.54
N GLN B 282 2.80 25.26 -30.21
CA GLN B 282 3.76 25.99 -29.37
C GLN B 282 5.07 25.23 -29.20
N TYR B 283 5.04 24.09 -28.50
CA TYR B 283 6.32 23.49 -28.14
C TYR B 283 7.05 22.96 -29.36
N MET B 284 6.36 22.77 -30.50
CA MET B 284 7.00 22.26 -31.71
C MET B 284 7.68 23.35 -32.56
N LEU B 285 7.41 24.63 -32.28
CA LEU B 285 7.78 25.69 -33.22
C LEU B 285 9.29 25.82 -33.42
N PRO B 286 10.12 25.74 -32.40
CA PRO B 286 11.57 25.82 -32.66
C PRO B 286 12.03 24.82 -33.70
N PHE B 287 11.51 23.59 -33.68
CA PHE B 287 11.94 22.60 -34.67
C PHE B 287 11.42 22.96 -36.04
N PHE B 288 10.19 23.46 -36.11
CA PHE B 288 9.63 23.77 -37.41
C PHE B 288 10.37 24.94 -38.05
N GLU B 289 10.69 25.96 -37.26
CA GLU B 289 11.38 27.11 -37.82
C GLU B 289 12.79 26.74 -38.29
N LYS B 290 13.55 26.05 -37.42
CA LYS B 290 14.91 25.69 -37.77
C LYS B 290 14.95 24.81 -39.01
N GLU B 291 14.01 23.89 -39.14
CA GLU B 291 14.04 23.01 -40.30
C GLU B 291 13.41 23.65 -41.52
N THR B 292 12.47 24.58 -41.33
CA THR B 292 12.00 25.33 -42.50
C THR B 292 13.11 26.26 -43.01
N ALA B 293 13.82 26.94 -42.10
CA ALA B 293 15.03 27.66 -42.49
C ALA B 293 15.95 26.79 -43.34
N GLU B 294 16.01 25.49 -43.06
CA GLU B 294 16.91 24.58 -43.74
C GLU B 294 16.33 24.02 -45.04
N GLY B 295 15.19 24.53 -45.50
CA GLY B 295 14.64 24.15 -46.78
C GLY B 295 13.57 23.06 -46.79
N LYS B 296 13.20 22.51 -45.64
CA LYS B 296 12.13 21.52 -45.62
C LYS B 296 10.81 22.19 -45.98
N PRO B 297 10.07 21.67 -46.95
CA PRO B 297 8.80 22.28 -47.33
C PRO B 297 7.67 21.93 -46.37
N GLU B 298 6.66 22.80 -46.36
CA GLU B 298 5.46 22.56 -45.56
C GLU B 298 5.03 21.10 -45.62
N GLU B 299 4.97 20.53 -46.82
CA GLU B 299 4.48 19.17 -46.98
C GLU B 299 5.28 18.18 -46.12
N TYR B 300 6.53 18.51 -45.80
CA TYR B 300 7.29 17.64 -44.90
C TYR B 300 6.63 17.54 -43.54
N PHE B 301 6.23 18.68 -42.98
CA PHE B 301 5.57 18.66 -41.69
C PHE B 301 4.11 18.23 -41.80
N ALA B 302 3.44 18.60 -42.89
CA ALA B 302 2.05 18.20 -43.04
C ALA B 302 1.89 16.67 -42.95
N ASP B 303 2.88 15.91 -43.41
CA ASP B 303 2.71 14.47 -43.42
C ASP B 303 3.06 13.85 -42.07
N ILE B 304 3.95 14.48 -41.31
CA ILE B 304 4.21 14.04 -39.94
C ILE B 304 3.01 14.36 -39.03
N ILE B 305 2.51 15.60 -39.11
CA ILE B 305 1.35 15.97 -38.31
C ILE B 305 0.17 15.04 -38.60
N HIS B 306 0.01 14.65 -39.87
CA HIS B 306 -1.06 13.73 -40.25
C HIS B 306 -0.86 12.35 -39.62
N GLU B 307 0.30 11.75 -39.82
CA GLU B 307 0.54 10.44 -39.24
C GLU B 307 0.38 10.49 -37.72
N PHE B 308 0.93 11.54 -37.09
CA PHE B 308 0.78 11.73 -35.66
C PHE B 308 -0.71 11.78 -35.27
N LYS B 309 -1.50 12.57 -36.00
CA LYS B 309 -2.94 12.61 -35.73
C LYS B 309 -3.59 11.25 -35.90
N LEU B 310 -3.10 10.44 -36.87
CA LEU B 310 -3.63 9.10 -37.09
C LEU B 310 -3.15 8.12 -36.03
N LYS B 311 -1.91 8.28 -35.55
CA LYS B 311 -1.47 7.45 -34.43
C LYS B 311 -2.45 7.54 -33.26
N VAL B 312 -3.04 8.71 -33.04
CA VAL B 312 -3.96 8.89 -31.92
C VAL B 312 -5.36 8.39 -32.29
N ALA B 313 -5.81 8.62 -33.52
CA ALA B 313 -7.15 8.20 -33.93
C ALA B 313 -7.32 6.67 -33.93
N GLU B 314 -6.22 5.93 -34.02
CA GLU B 314 -6.16 4.47 -33.99
C GLU B 314 -6.36 3.89 -32.59
N MET B 315 -6.35 4.73 -31.56
CA MET B 315 -6.37 4.26 -30.17
C MET B 315 -7.76 3.88 -29.71
N TRP B 316 -7.81 3.00 -28.72
CA TRP B 316 -9.05 2.54 -28.11
C TRP B 316 -8.99 2.72 -26.61
N ASN B 317 -10.14 3.00 -26.02
CA ASN B 317 -10.28 3.00 -24.56
C ASN B 317 -11.65 2.39 -24.30
N ILE B 318 -11.69 1.05 -24.31
CA ILE B 318 -12.94 0.32 -24.24
C ILE B 318 -13.56 0.47 -22.86
N ARG B 319 -14.83 0.82 -22.81
CA ARG B 319 -15.57 0.92 -21.56
C ARG B 319 -16.61 -0.20 -21.46
N CYS B 320 -17.26 -0.28 -20.29
CA CYS B 320 -18.33 -1.25 -20.10
C CYS B 320 -19.48 -0.97 -21.08
N TYR B 321 -20.37 -1.96 -21.21
CA TYR B 321 -21.42 -1.87 -22.23
C TYR B 321 -22.38 -0.71 -21.96
N ASN B 322 -22.51 -0.30 -20.69
CA ASN B 322 -23.36 0.84 -20.35
C ASN B 322 -22.69 2.16 -20.74
N GLU B 323 -21.49 2.43 -20.20
CA GLU B 323 -20.73 3.57 -20.68
C GLU B 323 -20.52 3.50 -22.19
N SER B 324 -20.48 2.28 -22.74
CA SER B 324 -20.25 2.11 -24.16
C SER B 324 -21.41 2.60 -25.02
N VAL B 325 -22.59 2.80 -24.45
CA VAL B 325 -23.72 3.34 -25.20
C VAL B 325 -24.00 4.80 -24.86
N ALA B 326 -23.68 5.25 -23.64
CA ALA B 326 -23.74 6.67 -23.30
C ALA B 326 -22.54 7.45 -23.83
N ASP B 327 -21.39 6.78 -24.06
CA ASP B 327 -20.23 7.34 -24.73
C ASP B 327 -20.05 6.63 -26.07
N PRO B 328 -20.95 6.84 -27.05
CA PRO B 328 -20.87 6.07 -28.30
C PRO B 328 -19.78 6.61 -29.21
N GLY B 329 -19.12 5.67 -29.92
CA GLY B 329 -18.00 6.01 -30.78
C GLY B 329 -16.63 5.95 -30.15
N ASN B 330 -16.54 5.66 -28.84
CA ASN B 330 -15.29 5.52 -28.10
C ASN B 330 -14.55 6.85 -28.02
N PRO B 331 -15.12 7.86 -27.38
CA PRO B 331 -14.35 9.08 -27.10
C PRO B 331 -13.07 8.75 -26.36
N LEU B 332 -11.96 9.30 -26.85
CA LEU B 332 -10.71 9.28 -26.11
C LEU B 332 -10.44 10.61 -25.43
N TRP B 333 -11.03 11.69 -25.93
CA TRP B 333 -10.93 13.00 -25.30
C TRP B 333 -9.47 13.39 -25.09
N MET B 334 -8.67 13.18 -26.12
CA MET B 334 -7.25 13.53 -26.13
C MET B 334 -7.08 14.80 -26.96
N HIS B 335 -6.82 15.92 -26.29
CA HIS B 335 -6.81 17.23 -26.95
C HIS B 335 -5.41 17.62 -27.36
N ILE B 336 -5.31 18.21 -28.54
CA ILE B 336 -4.19 19.06 -28.92
C ILE B 336 -4.71 20.51 -28.89
N MET B 337 -4.01 21.36 -28.15
CA MET B 337 -4.39 22.77 -28.05
C MET B 337 -3.66 23.58 -29.13
N LEU B 338 -4.38 24.55 -29.69
CA LEU B 338 -3.84 25.46 -30.69
C LEU B 338 -4.12 26.91 -30.30
N ALA B 339 -3.27 27.81 -30.78
CA ALA B 339 -3.51 29.25 -30.64
C ALA B 339 -3.40 29.70 -29.19
N GLY B 340 -4.29 30.61 -28.75
CA GLY B 340 -4.20 31.19 -27.43
C GLY B 340 -3.16 32.32 -27.32
N GLN B 341 -2.84 32.65 -26.07
CA GLN B 341 -1.86 33.66 -25.69
C GLN B 341 -0.56 33.02 -25.23
N LEU B 342 0.49 33.81 -25.26
CA LEU B 342 1.72 33.42 -24.61
C LEU B 342 1.70 33.90 -23.17
N GLU B 343 2.76 33.57 -22.42
CA GLU B 343 2.82 33.93 -21.01
C GLU B 343 2.48 35.40 -20.76
N ASN B 344 2.85 36.30 -21.68
CA ASN B 344 2.69 37.73 -21.47
C ASN B 344 1.37 38.28 -21.98
N GLY B 345 0.44 37.42 -22.40
CA GLY B 345 -0.86 37.84 -22.89
C GLY B 345 -0.93 38.06 -24.38
N LYS B 346 0.19 37.89 -25.08
CA LYS B 346 0.25 38.16 -26.50
C LYS B 346 -0.21 36.94 -27.30
N ASP B 347 -0.69 37.20 -28.52
CA ASP B 347 -1.19 36.15 -29.37
C ASP B 347 -0.13 35.09 -29.62
N ALA B 348 -0.53 33.82 -29.53
CA ALA B 348 0.40 32.72 -29.63
C ALA B 348 0.37 32.02 -30.99
N CYS B 349 -0.58 32.38 -31.86
CA CYS B 349 -0.61 31.82 -33.21
C CYS B 349 0.74 32.05 -33.92
N ASN B 350 1.01 31.18 -34.88
CA ASN B 350 2.26 31.23 -35.62
C ASN B 350 2.06 30.46 -36.93
N GLU B 351 3.10 30.39 -37.74
CA GLU B 351 2.97 29.64 -38.99
C GLU B 351 2.48 28.20 -38.73
N LEU B 352 3.00 27.57 -37.67
CA LEU B 352 2.70 26.18 -37.38
C LEU B 352 1.23 25.98 -37.04
N THR B 353 0.61 26.96 -36.38
CA THR B 353 -0.83 26.93 -36.18
C THR B 353 -1.55 26.78 -37.51
N ASN B 354 -1.13 27.56 -38.50
CA ASN B 354 -1.74 27.50 -39.82
C ASN B 354 -1.41 26.17 -40.50
N VAL B 355 -0.12 25.83 -40.59
CA VAL B 355 0.23 24.52 -41.14
C VAL B 355 -0.68 23.45 -40.56
N PHE B 356 -0.90 23.51 -39.24
CA PHE B 356 -1.71 22.49 -38.57
C PHE B 356 -3.16 22.57 -39.00
N LEU B 357 -3.70 23.79 -39.06
CA LEU B 357 -5.07 23.99 -39.54
C LEU B 357 -5.23 23.53 -40.98
N ARG B 358 -4.20 23.73 -41.81
CA ARG B 358 -4.28 23.32 -43.21
C ARG B 358 -4.42 21.81 -43.31
N CYS B 359 -3.67 21.06 -42.49
CA CYS B 359 -3.83 19.60 -42.46
C CYS B 359 -5.28 19.22 -42.20
N MET B 360 -5.90 19.84 -41.18
CA MET B 360 -7.27 19.51 -40.86
C MET B 360 -8.22 19.88 -41.99
N ARG B 361 -7.92 20.98 -42.69
CA ARG B 361 -8.66 21.31 -43.90
C ARG B 361 -8.69 20.13 -44.86
N ASP B 362 -7.55 19.42 -44.98
CA ASP B 362 -7.38 18.31 -45.91
C ASP B 362 -7.81 16.96 -45.33
N LEU B 363 -7.56 16.69 -44.05
CA LEU B 363 -7.89 15.39 -43.49
C LEU B 363 -8.30 15.56 -42.03
N GLN B 364 -9.55 15.26 -41.72
CA GLN B 364 -10.06 15.27 -40.35
C GLN B 364 -10.04 13.86 -39.76
N THR B 365 -9.52 13.73 -38.53
CA THR B 365 -9.58 12.49 -37.79
C THR B 365 -10.45 12.67 -36.54
N ASP B 366 -11.11 11.59 -36.10
CA ASP B 366 -12.05 11.70 -34.98
C ASP B 366 -11.37 12.22 -33.72
N GLU B 367 -10.25 11.62 -33.35
CA GLU B 367 -9.33 12.12 -32.35
C GLU B 367 -8.04 12.53 -33.02
N PRO B 368 -7.22 13.38 -32.39
CA PRO B 368 -7.50 14.13 -31.16
C PRO B 368 -8.57 15.19 -31.29
N CYS B 369 -9.24 15.48 -30.20
CA CYS B 369 -10.04 16.69 -30.16
C CYS B 369 -9.07 17.86 -30.28
N ILE B 370 -9.38 18.80 -31.18
CA ILE B 370 -8.56 19.96 -31.39
C ILE B 370 -9.27 21.15 -30.78
N THR B 371 -8.64 21.81 -29.82
CA THR B 371 -9.28 22.97 -29.22
C THR B 371 -8.54 24.22 -29.65
N PHE B 372 -9.23 25.08 -30.36
CA PHE B 372 -8.70 26.36 -30.80
C PHE B 372 -8.99 27.40 -29.73
N ARG B 373 -7.94 28.03 -29.23
CA ARG B 373 -8.07 29.00 -28.14
C ARG B 373 -8.19 30.41 -28.74
N PHE B 374 -9.40 30.95 -28.69
CA PHE B 374 -9.67 32.32 -29.08
C PHE B 374 -9.31 33.28 -27.97
N HIS B 375 -8.91 34.49 -28.35
CA HIS B 375 -8.73 35.57 -27.39
C HIS B 375 -8.79 36.90 -28.14
N PRO B 376 -9.03 38.01 -27.43
CA PRO B 376 -9.30 39.28 -28.12
C PRO B 376 -8.22 39.77 -29.07
N ASN B 377 -6.98 39.32 -28.92
CA ASN B 377 -5.91 39.75 -29.81
C ASN B 377 -5.55 38.70 -30.83
N ILE B 378 -6.48 37.78 -31.14
CA ILE B 378 -6.12 36.62 -31.94
C ILE B 378 -5.88 37.01 -33.38
N ASN B 379 -4.86 36.42 -33.99
CA ASN B 379 -4.56 36.62 -35.40
C ASN B 379 -5.82 36.41 -36.23
N GLU B 380 -6.17 37.42 -37.02
CA GLU B 380 -7.44 37.36 -37.75
C GLU B 380 -7.40 36.32 -38.87
N GLU B 381 -6.31 36.26 -39.63
CA GLU B 381 -6.13 35.20 -40.62
C GLU B 381 -6.37 33.84 -39.99
N THR B 382 -5.50 33.48 -39.02
CA THR B 382 -5.56 32.18 -38.34
C THR B 382 -6.96 31.88 -37.81
N PHE B 383 -7.54 32.84 -37.07
CA PHE B 383 -8.87 32.62 -36.51
C PHE B 383 -9.90 32.32 -37.61
N ARG B 384 -9.90 33.13 -38.68
CA ARG B 384 -10.91 32.91 -39.72
C ARG B 384 -10.63 31.61 -40.45
N LEU B 385 -9.35 31.28 -40.66
CA LEU B 385 -8.97 29.97 -41.17
C LEU B 385 -9.58 28.86 -40.33
N ALA B 386 -9.34 28.89 -39.01
CA ALA B 386 -9.86 27.84 -38.15
C ALA B 386 -11.37 27.69 -38.29
N ILE B 387 -12.10 28.80 -38.47
CA ILE B 387 -13.55 28.69 -38.68
C ILE B 387 -13.84 27.95 -39.97
N GLU B 388 -13.26 28.42 -41.09
CA GLU B 388 -13.40 27.75 -42.37
C GLU B 388 -13.38 26.24 -42.20
N VAL B 389 -12.33 25.74 -41.54
CA VAL B 389 -12.11 24.30 -41.45
C VAL B 389 -13.18 23.64 -40.60
N ALA B 390 -13.56 24.25 -39.48
CA ALA B 390 -14.67 23.68 -38.73
C ALA B 390 -15.89 23.50 -39.62
N ARG B 391 -16.10 24.39 -40.59
CA ARG B 391 -17.27 24.32 -41.46
C ARG B 391 -17.10 23.26 -42.56
N ASP B 392 -16.02 23.37 -43.36
CA ASP B 392 -15.81 22.54 -44.55
C ASP B 392 -15.06 21.26 -44.20
N SER B 393 -15.62 20.50 -43.26
CA SER B 393 -14.93 19.31 -42.77
C SER B 393 -15.48 18.90 -41.40
N GLY B 394 -15.34 17.63 -41.05
CA GLY B 394 -15.86 17.14 -39.79
C GLY B 394 -15.52 18.02 -38.60
N GLY B 395 -16.11 19.23 -38.58
CA GLY B 395 -15.79 20.28 -37.63
C GLY B 395 -14.78 19.90 -36.57
N HIS B 396 -13.56 20.43 -36.62
CA HIS B 396 -12.84 19.90 -35.48
C HIS B 396 -12.32 20.96 -34.53
N PRO B 397 -11.66 22.00 -34.98
CA PRO B 397 -11.32 23.01 -33.97
C PRO B 397 -12.65 23.42 -33.39
N ALA B 398 -13.00 22.86 -32.24
CA ALA B 398 -13.96 23.56 -31.38
C ALA B 398 -13.31 24.87 -30.91
N PHE B 399 -14.12 25.78 -30.40
CA PHE B 399 -13.63 27.12 -30.10
C PHE B 399 -13.83 27.44 -28.63
N TYR B 400 -12.80 28.04 -28.02
CA TYR B 400 -12.84 28.28 -26.58
C TYR B 400 -12.35 29.69 -26.29
N ASN B 401 -13.01 30.35 -25.35
CA ASN B 401 -12.71 31.73 -25.02
C ASN B 401 -11.67 31.80 -23.89
N ASP B 402 -10.49 32.34 -24.18
CA ASP B 402 -9.42 32.41 -23.18
C ASP B 402 -9.82 33.28 -21.99
N THR B 403 -10.53 34.40 -22.24
CA THR B 403 -10.91 35.27 -21.14
C THR B 403 -11.80 34.53 -20.15
N ALA B 404 -12.64 33.64 -20.66
CA ALA B 404 -13.51 32.93 -19.73
C ALA B 404 -12.76 31.83 -18.99
N ALA B 405 -11.88 31.10 -19.69
CA ALA B 405 -11.09 30.06 -19.05
C ALA B 405 -10.14 30.65 -18.01
N ILE B 406 -9.45 31.74 -18.38
CA ILE B 406 -8.49 32.32 -17.45
C ILE B 406 -9.20 32.83 -16.20
N THR B 407 -10.47 33.18 -16.33
CA THR B 407 -11.24 33.53 -15.13
C THR B 407 -11.54 32.30 -14.29
N TYR B 408 -11.90 31.17 -14.91
CA TYR B 408 -12.13 29.94 -14.15
C TYR B 408 -10.87 29.56 -13.39
N LEU B 409 -9.76 29.49 -14.12
CA LEU B 409 -8.54 28.97 -13.55
C LEU B 409 -8.01 29.88 -12.45
N LEU B 410 -8.20 31.19 -12.58
CA LEU B 410 -7.85 32.10 -11.48
C LEU B 410 -8.68 31.79 -10.22
N SER B 411 -9.98 31.55 -10.38
CA SER B 411 -10.81 31.23 -9.22
C SER B 411 -10.47 29.90 -8.62
N LEU B 412 -9.61 29.11 -9.28
CA LEU B 412 -9.20 27.80 -8.82
C LEU B 412 -7.82 27.80 -8.17
N GLY B 413 -7.26 28.97 -7.89
CA GLY B 413 -5.96 29.06 -7.27
C GLY B 413 -4.77 29.13 -8.20
N PHE B 414 -4.97 29.22 -9.50
CA PHE B 414 -3.85 29.34 -10.43
C PHE B 414 -3.43 30.80 -10.58
N THR B 415 -2.15 31.01 -10.90
CA THR B 415 -1.62 32.33 -11.23
C THR B 415 -2.00 32.73 -12.67
N LEU B 416 -1.87 34.02 -12.97
CA LEU B 416 -2.23 34.49 -14.31
C LEU B 416 -1.33 33.86 -15.37
N LYS B 417 -0.02 33.84 -15.14
CA LYS B 417 0.87 33.21 -16.09
C LYS B 417 0.54 31.72 -16.24
N GLU B 418 0.18 31.06 -15.14
CA GLU B 418 -0.22 29.66 -15.21
C GLU B 418 -1.48 29.49 -16.06
N ALA B 419 -2.50 30.32 -15.81
CA ALA B 419 -3.77 30.14 -16.48
C ALA B 419 -3.72 30.40 -17.98
N ARG B 420 -2.64 31.02 -18.48
CA ARG B 420 -2.56 31.26 -19.91
C ARG B 420 -2.08 30.02 -20.64
N ASN B 421 -1.42 29.10 -19.93
CA ASN B 421 -1.01 27.83 -20.50
C ASN B 421 -2.07 26.74 -20.26
N TRP B 422 -3.32 27.03 -20.62
CA TRP B 422 -4.41 26.12 -20.29
C TRP B 422 -4.83 25.23 -21.47
N GLY B 423 -5.26 24.01 -21.13
CA GLY B 423 -5.80 23.08 -22.11
C GLY B 423 -6.88 22.23 -21.47
N ILE B 424 -7.20 21.06 -22.05
CA ILE B 424 -8.29 20.22 -21.56
C ILE B 424 -7.86 18.75 -21.44
N CYS B 425 -8.14 18.16 -20.26
CA CYS B 425 -8.33 16.74 -20.09
C CYS B 425 -9.82 16.53 -19.86
N GLY B 426 -10.47 15.73 -20.70
CA GLY B 426 -11.90 15.55 -20.59
C GLY B 426 -12.56 16.13 -21.82
N CYS B 427 -13.80 16.62 -21.69
CA CYS B 427 -14.45 17.18 -22.86
C CYS B 427 -14.19 18.68 -23.01
N ILE B 428 -14.43 19.50 -21.98
CA ILE B 428 -14.26 20.95 -22.13
C ILE B 428 -13.69 21.64 -20.89
N GLU B 429 -13.29 20.88 -19.89
CA GLU B 429 -12.91 21.49 -18.62
C GLU B 429 -11.53 22.12 -18.71
N PRO B 430 -11.37 23.38 -18.33
CA PRO B 430 -10.03 24.00 -18.39
C PRO B 430 -9.11 23.48 -17.28
N GLN B 431 -7.84 23.37 -17.62
CA GLN B 431 -6.81 23.08 -16.63
C GLN B 431 -5.53 23.76 -17.08
N VAL B 432 -4.53 23.73 -16.22
CA VAL B 432 -3.23 24.28 -16.51
C VAL B 432 -2.34 23.12 -16.89
N LEU B 433 -1.89 23.11 -18.15
CA LEU B 433 -1.10 22.00 -18.68
C LEU B 433 0.16 21.73 -17.84
N GLY B 434 0.48 20.46 -17.67
CA GLY B 434 1.62 20.06 -16.89
C GLY B 434 1.52 20.28 -15.39
N LYS B 435 0.48 20.96 -14.90
CA LYS B 435 0.46 21.31 -13.49
C LYS B 435 -0.87 20.98 -12.80
N THR B 436 -1.73 20.19 -13.43
CA THR B 436 -3.05 19.88 -12.91
C THR B 436 -3.31 18.38 -12.90
N ASP B 437 -3.99 17.93 -11.87
CA ASP B 437 -4.50 16.57 -11.81
C ASP B 437 -6.02 16.68 -11.72
N PHE B 438 -6.69 16.73 -12.87
CA PHE B 438 -8.12 17.00 -12.94
C PHE B 438 -8.89 15.70 -13.06
N GLN B 439 -9.83 15.48 -12.13
CA GLN B 439 -10.74 14.34 -12.19
C GLN B 439 -11.94 14.73 -13.05
N SER B 440 -11.96 14.25 -14.29
CA SER B 440 -13.10 14.51 -15.16
C SER B 440 -14.24 13.55 -14.90
N ASN B 441 -13.98 12.47 -14.15
CA ASN B 441 -14.95 11.41 -13.95
C ASN B 441 -15.13 11.06 -12.47
N PRO B 442 -15.50 12.01 -11.63
CA PRO B 442 -16.09 11.61 -10.35
C PRO B 442 -17.39 10.84 -10.56
N GLY B 443 -18.12 11.16 -11.62
CA GLY B 443 -19.42 10.60 -11.93
C GLY B 443 -20.35 11.73 -12.35
N TYR B 444 -21.44 11.35 -13.04
CA TYR B 444 -22.47 12.31 -13.39
C TYR B 444 -23.54 12.36 -12.31
N PHE B 445 -24.30 13.44 -12.32
CA PHE B 445 -25.35 13.73 -11.35
C PHE B 445 -26.60 14.07 -12.14
N ASN B 446 -27.75 13.59 -11.67
CA ASN B 446 -28.94 13.74 -12.50
C ASN B 446 -29.93 14.67 -11.80
N PRO B 447 -29.77 15.99 -11.92
CA PRO B 447 -30.63 16.87 -11.13
C PRO B 447 -32.09 16.67 -11.45
N LEU B 448 -32.41 16.24 -12.67
CA LEU B 448 -33.80 15.94 -13.04
C LEU B 448 -34.36 14.75 -12.25
N LYS B 449 -33.58 13.69 -12.11
CA LYS B 449 -33.99 12.58 -11.25
C LYS B 449 -34.21 13.04 -9.81
N VAL B 450 -33.26 13.80 -9.26
CA VAL B 450 -33.45 14.34 -7.91
C VAL B 450 -34.79 15.06 -7.83
N PHE B 451 -35.15 15.76 -8.91
CA PHE B 451 -36.38 16.54 -8.95
C PHE B 451 -37.61 15.66 -8.88
N ASP B 452 -37.56 14.54 -9.62
CA ASP B 452 -38.57 13.49 -9.54
C ASP B 452 -38.78 13.05 -8.09
N VAL B 453 -37.71 12.66 -7.41
CA VAL B 453 -37.84 12.25 -6.02
C VAL B 453 -38.45 13.38 -5.21
N MET B 454 -38.05 14.62 -5.48
CA MET B 454 -38.64 15.75 -4.76
C MET B 454 -40.15 15.81 -4.95
N LEU B 455 -40.62 15.65 -6.18
CA LEU B 455 -42.06 15.65 -6.44
C LEU B 455 -42.79 14.55 -5.69
N HIS B 456 -42.11 13.45 -5.38
CA HIS B 456 -42.73 12.37 -4.65
C HIS B 456 -42.32 12.36 -3.19
N ASN B 457 -41.87 13.51 -2.67
CA ASN B 457 -41.47 13.69 -1.27
C ASN B 457 -40.56 12.56 -0.77
N GLY B 458 -39.55 12.22 -1.58
CA GLY B 458 -38.56 11.26 -1.20
C GLY B 458 -38.69 9.87 -1.80
N TYR B 459 -39.84 9.56 -2.42
CA TYR B 459 -40.03 8.24 -2.99
C TYR B 459 -39.59 8.22 -4.45
N ASP B 460 -39.04 7.10 -4.89
CA ASP B 460 -38.97 6.84 -6.32
C ASP B 460 -40.10 5.88 -6.66
N PRO B 461 -41.08 6.30 -7.46
CA PRO B 461 -42.25 5.43 -7.70
C PRO B 461 -41.95 4.18 -8.49
N VAL B 462 -41.08 4.25 -9.50
CA VAL B 462 -40.79 3.05 -10.30
C VAL B 462 -40.43 1.88 -9.39
N ILE B 463 -39.68 2.13 -8.33
CA ILE B 463 -39.26 1.05 -7.43
C ILE B 463 -39.99 1.08 -6.10
N GLY B 464 -40.80 2.10 -5.83
CA GLY B 464 -41.62 2.17 -4.64
C GLY B 464 -40.88 2.35 -3.34
N LYS B 465 -39.57 2.54 -3.36
CA LYS B 465 -38.82 2.75 -2.13
C LYS B 465 -38.53 4.24 -1.92
N LYS B 466 -38.61 4.66 -0.66
CA LYS B 466 -38.26 6.03 -0.26
C LYS B 466 -36.73 6.20 -0.20
N ILE B 467 -36.09 6.29 -1.37
CA ILE B 467 -34.63 6.39 -1.39
C ILE B 467 -34.10 7.78 -1.03
N GLY B 468 -34.95 8.80 -0.95
CA GLY B 468 -34.50 10.12 -0.54
C GLY B 468 -34.98 10.53 0.83
N ILE B 469 -35.26 11.82 1.03
CA ILE B 469 -35.64 12.35 2.33
C ILE B 469 -36.93 13.14 2.15
N GLU B 470 -37.43 13.69 3.26
CA GLU B 470 -38.67 14.46 3.24
C GLU B 470 -38.45 15.92 2.85
N SER B 471 -38.55 16.19 1.55
CA SER B 471 -38.47 17.55 1.03
C SER B 471 -39.63 18.40 1.49
N GLY B 472 -40.76 17.77 1.80
CA GLY B 472 -42.01 18.45 2.08
C GLY B 472 -43.09 17.91 1.18
N GLU B 473 -44.32 17.93 1.69
CA GLU B 473 -45.49 17.43 0.95
C GLU B 473 -45.93 18.42 -0.11
N VAL B 474 -45.93 18.00 -1.37
CA VAL B 474 -46.28 18.89 -2.47
C VAL B 474 -47.58 19.63 -2.20
N SER B 475 -48.51 19.03 -1.45
CA SER B 475 -49.76 19.74 -1.20
C SER B 475 -49.56 21.00 -0.37
N SER B 476 -48.36 21.25 0.14
CA SER B 476 -48.10 22.39 1.02
C SER B 476 -47.35 23.52 0.34
N PHE B 477 -46.95 23.35 -0.91
CA PHE B 477 -46.20 24.37 -1.61
C PHE B 477 -47.10 25.59 -1.87
N THR B 478 -46.89 26.68 -1.12
CA THR B 478 -47.61 27.92 -1.39
C THR B 478 -47.14 28.58 -2.68
N SER B 479 -45.85 28.52 -2.97
CA SER B 479 -45.23 29.31 -4.00
C SER B 479 -44.31 28.43 -4.85
N ILE B 480 -43.91 28.97 -6.00
CA ILE B 480 -42.78 28.37 -6.73
C ILE B 480 -41.55 28.35 -5.84
N ASP B 481 -41.42 29.34 -4.95
CA ASP B 481 -40.30 29.34 -4.00
C ASP B 481 -40.37 28.14 -3.06
N ASP B 482 -41.57 27.71 -2.68
CA ASP B 482 -41.70 26.55 -1.82
C ASP B 482 -41.17 25.30 -2.52
N VAL B 483 -41.46 25.14 -3.81
CA VAL B 483 -40.91 24.01 -4.55
C VAL B 483 -39.40 24.11 -4.65
N MET B 484 -38.90 25.33 -4.86
CA MET B 484 -37.45 25.52 -4.96
C MET B 484 -36.77 25.20 -3.65
N ARG B 485 -37.32 25.67 -2.53
CA ARG B 485 -36.71 25.28 -1.26
C ARG B 485 -36.77 23.78 -1.08
N ALA B 486 -37.85 23.14 -1.56
CA ALA B 486 -37.96 21.69 -1.44
C ALA B 486 -36.86 20.98 -2.24
N TYR B 487 -36.73 21.32 -3.52
CA TYR B 487 -35.71 20.68 -4.34
C TYR B 487 -34.32 20.85 -3.74
N GLU B 488 -34.08 21.99 -3.08
CA GLU B 488 -32.76 22.21 -2.50
C GLU B 488 -32.44 21.17 -1.44
N LYS B 489 -33.41 20.85 -0.58
CA LYS B 489 -33.18 19.86 0.47
C LYS B 489 -32.86 18.51 -0.13
N GLN B 490 -33.62 18.12 -1.15
CA GLN B 490 -33.36 16.84 -1.81
C GLN B 490 -32.02 16.86 -2.51
N LEU B 491 -31.68 17.97 -3.16
CA LEU B 491 -30.40 18.11 -3.85
C LEU B 491 -29.24 17.96 -2.87
N ASP B 492 -29.35 18.60 -1.71
CA ASP B 492 -28.28 18.48 -0.72
C ASP B 492 -28.09 17.04 -0.30
N PHE B 493 -29.19 16.32 -0.11
CA PHE B 493 -29.11 14.93 0.32
C PHE B 493 -28.37 14.10 -0.70
N PHE B 494 -28.83 14.11 -1.95
CA PHE B 494 -28.17 13.28 -2.94
C PHE B 494 -26.76 13.78 -3.27
N MET B 495 -26.52 15.09 -3.26
CA MET B 495 -25.17 15.57 -3.56
C MET B 495 -24.18 15.05 -2.52
N GLU B 496 -24.57 15.01 -1.26
CA GLU B 496 -23.68 14.49 -0.25
C GLU B 496 -23.47 12.98 -0.43
N LYS B 497 -24.51 12.25 -0.79
CA LYS B 497 -24.33 10.84 -1.11
C LYS B 497 -23.31 10.67 -2.23
N PHE B 498 -23.48 11.41 -3.32
CA PHE B 498 -22.54 11.35 -4.44
C PHE B 498 -21.11 11.68 -4.00
N VAL B 499 -20.94 12.80 -3.30
CA VAL B 499 -19.59 13.18 -2.93
C VAL B 499 -18.99 12.13 -2.01
N THR B 500 -19.79 11.56 -1.11
CA THR B 500 -19.26 10.52 -0.23
C THR B 500 -18.65 9.39 -1.05
N LEU B 501 -19.34 8.97 -2.11
CA LEU B 501 -18.91 7.85 -2.91
C LEU B 501 -17.71 8.20 -3.78
N ALA B 502 -17.73 9.38 -4.42
CA ALA B 502 -16.57 9.79 -5.22
C ALA B 502 -15.32 9.94 -4.34
N ASN B 503 -15.48 10.51 -3.16
CA ASN B 503 -14.33 10.70 -2.27
C ASN B 503 -13.76 9.36 -1.85
N ARG B 504 -14.61 8.45 -1.42
CA ARG B 504 -14.16 7.12 -1.07
C ARG B 504 -13.42 6.46 -2.22
N THR B 505 -13.95 6.60 -3.44
CA THR B 505 -13.34 5.95 -4.60
C THR B 505 -11.96 6.51 -4.87
N LEU B 506 -11.85 7.85 -4.98
CA LEU B 506 -10.54 8.45 -5.21
C LEU B 506 -9.54 8.05 -4.13
N ALA B 507 -9.99 7.94 -2.87
CA ALA B 507 -9.17 7.34 -1.83
C ALA B 507 -8.77 5.91 -2.18
N GLY B 508 -9.68 5.15 -2.81
CA GLY B 508 -9.37 3.76 -3.12
C GLY B 508 -8.19 3.62 -4.06
N HIS B 509 -8.13 4.44 -5.10
CA HIS B 509 -6.98 4.39 -6.02
C HIS B 509 -5.67 4.53 -5.28
N ALA B 510 -5.63 5.35 -4.22
CA ALA B 510 -4.41 5.64 -3.48
C ALA B 510 -3.89 4.43 -2.70
N PHE B 511 -4.63 3.33 -2.65
CA PHE B 511 -4.15 2.12 -2.02
C PHE B 511 -4.18 0.90 -2.93
N THR B 512 -4.54 1.05 -4.20
CA THR B 512 -4.61 -0.12 -5.07
C THR B 512 -4.05 0.12 -6.47
N LEU B 513 -4.31 1.27 -7.09
CA LEU B 513 -4.10 1.47 -8.53
C LEU B 513 -3.28 2.73 -8.83
N PRO B 514 -1.99 2.59 -9.10
CA PRO B 514 -1.18 3.74 -9.48
C PRO B 514 -1.27 4.06 -10.96
N THR B 515 -0.94 5.31 -11.29
CA THR B 515 -0.65 5.70 -12.67
C THR B 515 0.78 6.28 -12.67
N ILE B 516 1.77 5.40 -12.93
CA ILE B 516 3.17 5.80 -12.80
C ILE B 516 3.59 6.73 -13.94
N MET B 517 3.52 6.26 -15.19
CA MET B 517 3.98 7.07 -16.32
C MET B 517 3.32 8.44 -16.34
N GLY B 518 2.02 8.50 -16.08
CA GLY B 518 1.35 9.77 -16.03
C GLY B 518 1.74 10.61 -14.86
N SER B 519 2.38 10.01 -13.86
CA SER B 519 2.91 10.83 -12.77
C SER B 519 4.21 11.50 -13.17
N CYS B 520 4.99 10.86 -14.04
CA CYS B 520 6.38 11.27 -14.27
C CYS B 520 6.53 12.76 -14.57
N PHE B 521 5.71 13.29 -15.47
CA PHE B 521 5.90 14.65 -15.96
C PHE B 521 4.75 15.55 -15.57
N SER B 522 4.02 15.19 -14.53
CA SER B 522 3.06 16.06 -13.87
C SER B 522 3.82 16.87 -12.82
N VAL B 523 3.87 18.20 -13.00
CA VAL B 523 4.67 19.01 -12.09
C VAL B 523 4.18 18.79 -10.67
N GLY B 524 5.12 18.53 -9.76
CA GLY B 524 4.78 18.16 -8.41
C GLY B 524 5.19 16.74 -8.01
N CYS B 525 5.08 15.77 -8.90
CA CYS B 525 5.28 14.37 -8.48
C CYS B 525 6.75 14.06 -8.25
N VAL B 526 7.57 14.23 -9.28
CA VAL B 526 9.00 14.02 -9.09
C VAL B 526 9.53 14.93 -7.98
N GLU B 527 9.13 16.20 -7.99
CA GLU B 527 9.57 17.12 -6.93
C GLU B 527 9.22 16.60 -5.53
N LYS B 528 7.97 16.14 -5.31
CA LYS B 528 7.55 15.70 -3.98
C LYS B 528 7.79 14.22 -3.71
N GLY B 529 8.19 13.43 -4.69
CA GLY B 529 8.14 12.00 -4.49
C GLY B 529 6.75 11.46 -4.17
N LYS B 530 5.75 11.83 -4.98
CA LYS B 530 4.39 11.33 -4.83
C LYS B 530 3.79 11.08 -6.21
N LEU B 531 3.24 9.89 -6.40
CA LEU B 531 2.44 9.65 -7.59
C LEU B 531 1.14 10.44 -7.46
N LEU B 532 0.42 10.55 -8.56
CA LEU B 532 -0.75 11.42 -8.55
C LEU B 532 -1.73 11.03 -7.46
N GLN B 533 -1.92 9.72 -7.25
CA GLN B 533 -2.95 9.28 -6.30
C GLN B 533 -2.61 9.66 -4.87
N GLN B 534 -1.33 9.89 -4.57
CA GLN B 534 -0.87 10.32 -3.26
C GLN B 534 -0.71 11.83 -3.17
N LYS B 535 -1.41 12.57 -4.02
CA LYS B 535 -1.52 14.03 -3.92
C LYS B 535 -0.28 14.73 -4.46
N GLY B 536 0.28 14.20 -5.55
CA GLY B 536 1.45 14.80 -6.21
C GLY B 536 1.28 16.15 -6.89
N SER B 537 0.18 16.33 -7.63
CA SER B 537 -0.06 17.62 -8.27
C SER B 537 -0.31 18.66 -7.20
N ASP B 538 0.02 19.92 -7.51
CA ASP B 538 -0.37 20.99 -6.62
C ASP B 538 -1.85 21.31 -6.76
N HIS B 539 -2.48 20.86 -7.84
CA HIS B 539 -3.86 21.21 -8.11
C HIS B 539 -4.66 19.96 -8.43
N HIS B 540 -5.63 19.65 -7.59
CA HIS B 540 -6.60 18.62 -7.91
C HIS B 540 -7.99 19.24 -7.76
N TYR B 541 -8.81 19.08 -8.79
CA TYR B 541 -10.22 19.43 -8.66
C TYR B 541 -11.02 18.45 -9.53
N SER B 542 -12.32 18.39 -9.26
CA SER B 542 -13.20 17.35 -9.78
C SER B 542 -14.45 17.98 -10.35
N ALA B 543 -14.75 17.68 -11.60
CA ALA B 543 -15.95 18.18 -12.23
C ALA B 543 -17.10 17.17 -12.08
N VAL B 544 -18.17 17.59 -11.43
CA VAL B 544 -19.42 16.83 -11.42
C VAL B 544 -20.10 17.00 -12.77
N GLY B 545 -20.19 15.93 -13.56
CA GLY B 545 -20.96 16.00 -14.79
C GLY B 545 -22.46 16.08 -14.55
N VAL B 546 -23.03 17.25 -14.71
CA VAL B 546 -24.45 17.47 -14.45
C VAL B 546 -25.22 17.15 -15.71
N ALA B 547 -26.09 16.14 -15.65
CA ALA B 547 -26.79 15.63 -16.83
C ALA B 547 -27.85 16.65 -17.27
N GLY B 548 -27.40 17.66 -18.01
CA GLY B 548 -28.29 18.62 -18.61
C GLY B 548 -28.81 19.61 -17.61
N ILE B 549 -29.66 20.51 -18.10
CA ILE B 549 -30.23 21.57 -17.27
C ILE B 549 -31.53 22.10 -17.88
N ALA B 550 -31.75 21.80 -19.16
CA ALA B 550 -32.86 22.44 -19.88
C ALA B 550 -34.21 21.99 -19.31
N ASN B 551 -34.42 20.66 -19.21
CA ASN B 551 -35.69 20.14 -18.72
C ASN B 551 -36.01 20.66 -17.31
N MET B 552 -34.98 20.78 -16.47
CA MET B 552 -35.17 21.36 -15.14
C MET B 552 -35.63 22.80 -15.24
N ILE B 553 -34.97 23.58 -16.10
CA ILE B 553 -35.33 24.98 -16.27
C ILE B 553 -36.75 25.09 -16.79
N ASP B 554 -37.08 24.31 -17.82
CA ASP B 554 -38.43 24.39 -18.38
C ASP B 554 -39.49 23.90 -17.39
N SER B 555 -39.18 22.85 -16.62
CA SER B 555 -40.17 22.34 -15.67
C SER B 555 -40.53 23.40 -14.65
N PHE B 556 -39.52 24.11 -14.13
CA PHE B 556 -39.79 25.12 -13.11
C PHE B 556 -40.55 26.30 -13.70
N ALA B 557 -40.19 26.71 -14.92
CA ALA B 557 -41.02 27.68 -15.65
C ALA B 557 -42.44 27.16 -15.78
N ALA B 558 -42.62 25.97 -16.37
CA ALA B 558 -43.96 25.42 -16.53
C ALA B 558 -44.72 25.37 -15.22
N MET B 559 -44.04 25.12 -14.11
CA MET B 559 -44.78 25.09 -12.87
C MET B 559 -45.15 26.49 -12.40
N GLU B 560 -44.26 27.48 -12.57
CA GLU B 560 -44.61 28.83 -12.14
C GLU B 560 -45.80 29.36 -12.93
N GLU B 561 -45.82 29.07 -14.24
CA GLU B 561 -46.88 29.44 -15.17
C GLU B 561 -48.22 28.80 -14.81
N CYS B 562 -48.30 27.47 -14.98
CA CYS B 562 -49.56 26.75 -14.98
C CYS B 562 -50.06 26.38 -13.60
N VAL B 563 -49.20 26.25 -12.60
CA VAL B 563 -49.69 25.86 -11.28
C VAL B 563 -50.00 27.07 -10.43
N PHE B 564 -49.05 28.01 -10.37
CA PHE B 564 -49.09 29.08 -9.40
C PHE B 564 -49.63 30.38 -9.96
N ASN B 565 -49.28 30.71 -11.20
CA ASN B 565 -49.78 31.94 -11.81
C ASN B 565 -51.23 31.78 -12.26
N LYS B 566 -51.46 30.94 -13.28
CA LYS B 566 -52.77 30.78 -13.90
C LYS B 566 -53.57 29.59 -13.35
N ASN B 567 -53.16 29.02 -12.22
CA ASN B 567 -53.89 27.97 -11.52
C ASN B 567 -54.61 26.95 -12.39
N TYR B 568 -53.99 26.55 -13.51
CA TYR B 568 -54.57 25.48 -14.32
C TYR B 568 -54.70 24.17 -13.54
N LEU B 569 -53.76 23.87 -12.64
CA LEU B 569 -53.91 22.72 -11.76
C LEU B 569 -53.13 22.98 -10.48
N THR B 570 -53.23 22.04 -9.55
CA THR B 570 -52.51 22.08 -8.30
C THR B 570 -51.34 21.10 -8.35
N MET B 571 -50.51 21.12 -7.30
CA MET B 571 -49.32 20.27 -7.32
C MET B 571 -49.67 18.79 -7.31
N GLU B 572 -50.70 18.41 -6.52
CA GLU B 572 -51.12 17.02 -6.51
C GLU B 572 -51.68 16.59 -7.86
N GLU B 573 -52.39 17.47 -8.54
CA GLU B 573 -52.87 17.15 -9.88
C GLU B 573 -51.73 17.00 -10.87
N LEU B 574 -50.73 17.89 -10.79
CA LEU B 574 -49.54 17.78 -11.62
C LEU B 574 -48.84 16.45 -11.38
N VAL B 575 -48.70 16.04 -10.12
CA VAL B 575 -48.05 14.77 -9.86
C VAL B 575 -48.82 13.63 -10.51
N ARG B 576 -50.15 13.60 -10.34
CA ARG B 576 -50.95 12.56 -10.99
C ARG B 576 -50.83 12.65 -12.51
N LEU B 577 -50.89 13.86 -13.05
CA LEU B 577 -50.54 14.05 -14.44
C LEU B 577 -49.24 13.31 -14.78
N LEU B 578 -48.20 13.53 -13.99
CA LEU B 578 -46.90 12.98 -14.35
C LEU B 578 -46.84 11.47 -14.10
N ASP B 579 -47.47 10.99 -13.03
CA ASP B 579 -47.39 9.57 -12.71
C ASP B 579 -48.10 8.73 -13.76
N THR B 580 -48.97 9.34 -14.55
CA THR B 580 -49.73 8.66 -15.58
C THR B 580 -49.25 9.00 -16.98
N ASN B 581 -48.12 9.70 -17.09
CA ASN B 581 -47.53 10.09 -18.38
C ASN B 581 -48.54 10.83 -19.23
N PHE B 582 -49.32 11.70 -18.60
CA PHE B 582 -50.25 12.59 -19.28
C PHE B 582 -51.41 11.85 -19.93
N GLU B 583 -51.62 10.58 -19.58
CA GLU B 583 -52.61 9.73 -20.23
C GLU B 583 -53.99 10.37 -20.22
N GLY B 584 -54.61 10.43 -21.39
CA GLY B 584 -55.95 10.99 -21.52
C GLY B 584 -56.06 12.41 -21.04
N LYS B 585 -54.98 13.19 -21.14
CA LYS B 585 -55.03 14.60 -20.80
C LYS B 585 -54.02 15.36 -21.65
N GLU B 586 -53.88 14.95 -22.91
CA GLU B 586 -52.92 15.57 -23.81
C GLU B 586 -53.19 17.05 -24.01
N ASN B 587 -54.42 17.51 -23.76
CA ASN B 587 -54.68 18.94 -23.67
C ASN B 587 -53.72 19.58 -22.69
N MET B 588 -53.59 18.96 -21.50
CA MET B 588 -52.78 19.47 -20.42
C MET B 588 -51.30 19.49 -20.78
N ARG B 589 -50.77 18.36 -21.27
CA ARG B 589 -49.38 18.33 -21.70
C ARG B 589 -49.10 19.47 -22.68
N GLN B 590 -50.05 19.76 -23.57
CA GLN B 590 -49.86 20.87 -24.51
C GLN B 590 -49.86 22.22 -23.78
N LEU B 591 -50.65 22.34 -22.72
CA LEU B 591 -50.60 23.53 -21.87
C LEU B 591 -49.19 23.75 -21.34
N LEU B 592 -48.69 22.78 -20.55
CA LEU B 592 -47.33 22.89 -20.05
C LEU B 592 -46.35 23.07 -21.20
N LEU B 593 -46.63 22.43 -22.34
CA LEU B 593 -45.70 22.49 -23.48
C LEU B 593 -45.62 23.90 -24.08
N ASN B 594 -46.75 24.61 -24.15
CA ASN B 594 -46.81 25.81 -24.97
C ASN B 594 -47.26 27.07 -24.24
N LYS B 595 -48.00 26.96 -23.14
CA LYS B 595 -48.42 28.13 -22.39
C LYS B 595 -47.37 28.59 -21.38
N ALA B 596 -46.12 28.08 -21.49
CA ALA B 596 -45.01 28.47 -20.61
C ALA B 596 -43.73 28.61 -21.41
N PRO B 597 -42.91 29.61 -21.11
CA PRO B 597 -41.70 29.83 -21.92
C PRO B 597 -40.68 28.70 -21.77
N LYS B 598 -39.86 28.53 -22.80
CA LYS B 598 -38.81 27.54 -22.82
C LYS B 598 -37.44 28.21 -22.86
N PHE B 599 -36.39 27.41 -22.72
CA PHE B 599 -35.01 27.89 -22.63
C PHE B 599 -34.36 27.92 -24.01
N GLY B 600 -33.45 28.87 -24.20
CA GLY B 600 -32.80 29.05 -25.49
C GLY B 600 -33.52 29.98 -26.43
N ASN B 601 -34.44 30.80 -25.92
CA ASN B 601 -35.18 31.79 -26.70
C ASN B 601 -35.11 33.18 -26.07
N ASP B 602 -34.16 33.40 -25.16
CA ASP B 602 -33.91 34.72 -24.56
C ASP B 602 -35.15 35.28 -23.86
N ILE B 603 -35.95 34.42 -23.25
CA ILE B 603 -37.10 34.84 -22.47
C ILE B 603 -36.70 34.80 -20.99
N GLU B 604 -36.64 35.99 -20.37
CA GLU B 604 -36.21 36.09 -18.99
C GLU B 604 -37.05 35.21 -18.06
N GLN B 605 -38.36 35.14 -18.31
CA GLN B 605 -39.27 34.44 -17.39
C GLN B 605 -38.77 33.03 -17.11
N VAL B 606 -38.34 32.30 -18.13
CA VAL B 606 -37.76 30.98 -17.94
C VAL B 606 -36.27 31.05 -17.60
N ASP B 607 -35.53 31.98 -18.21
CA ASP B 607 -34.07 31.99 -18.09
C ASP B 607 -33.59 32.33 -16.68
N LYS B 608 -34.41 33.00 -15.86
CA LYS B 608 -34.02 33.27 -14.48
C LYS B 608 -33.76 32.00 -13.67
N TYR B 609 -34.46 30.89 -14.00
CA TYR B 609 -34.24 29.65 -13.27
C TYR B 609 -32.88 29.02 -13.59
N SER B 610 -32.27 29.39 -14.70
CA SER B 610 -30.95 28.82 -14.98
C SER B 610 -29.93 29.33 -13.99
N TYR B 611 -30.09 30.56 -13.51
CA TYR B 611 -29.17 31.06 -12.50
C TYR B 611 -29.39 30.35 -11.18
N TRP B 612 -30.64 30.23 -10.75
CA TRP B 612 -30.93 29.56 -9.49
C TRP B 612 -30.38 28.13 -9.48
N LEU B 613 -30.64 27.36 -10.54
CA LEU B 613 -30.20 25.96 -10.59
C LEU B 613 -28.68 25.85 -10.56
N ILE B 614 -27.98 26.56 -11.45
CA ILE B 614 -26.53 26.52 -11.46
C ILE B 614 -25.96 26.97 -10.11
N ASP B 615 -26.58 27.97 -9.49
CA ASP B 615 -26.12 28.39 -8.18
C ASP B 615 -26.33 27.30 -7.15
N ALA B 616 -27.49 26.64 -7.20
CA ALA B 616 -27.80 25.61 -6.21
C ALA B 616 -26.85 24.43 -6.32
N LEU B 617 -26.54 23.99 -7.54
CA LEU B 617 -25.62 22.86 -7.69
C LEU B 617 -24.21 23.25 -7.28
N ASP B 618 -23.77 24.47 -7.61
CA ASP B 618 -22.47 24.92 -7.16
C ASP B 618 -22.42 25.01 -5.65
N THR B 619 -23.39 25.71 -5.04
CA THR B 619 -23.35 25.86 -3.58
C THR B 619 -23.38 24.50 -2.90
N SER B 620 -24.17 23.56 -3.42
CA SER B 620 -24.33 22.28 -2.75
C SER B 620 -23.04 21.47 -2.78
N MET B 621 -22.34 21.45 -3.91
CA MET B 621 -21.12 20.67 -3.94
C MET B 621 -19.96 21.38 -3.24
N LYS B 622 -19.98 22.71 -3.14
CA LYS B 622 -18.93 23.43 -2.44
C LYS B 622 -18.95 23.21 -0.93
N ARG B 623 -19.95 22.54 -0.38
CA ARG B 623 -19.88 22.14 1.01
C ARG B 623 -18.72 21.17 1.27
N PHE B 624 -18.15 20.59 0.23
CA PHE B 624 -17.15 19.54 0.37
C PHE B 624 -15.93 19.84 -0.51
N HIS B 625 -14.88 19.08 -0.24
CA HIS B 625 -13.66 19.02 -1.05
C HIS B 625 -13.52 17.59 -1.56
N ASP B 626 -12.76 17.41 -2.65
CA ASP B 626 -12.49 16.04 -3.05
C ASP B 626 -11.42 15.43 -2.15
N ALA B 627 -11.08 14.16 -2.39
CA ALA B 627 -10.22 13.45 -1.45
C ALA B 627 -8.78 13.93 -1.52
N GLN B 628 -8.41 14.71 -2.53
CA GLN B 628 -7.10 15.33 -2.60
C GLN B 628 -7.13 16.79 -2.19
N GLY B 629 -8.27 17.24 -1.66
CA GLY B 629 -8.39 18.57 -1.10
C GLY B 629 -8.94 19.62 -2.02
N GLY B 630 -9.15 19.31 -3.30
CA GLY B 630 -9.58 20.29 -4.26
C GLY B 630 -11.08 20.51 -4.27
N PRO B 631 -11.52 21.57 -4.92
CA PRO B 631 -12.95 21.83 -5.03
C PRO B 631 -13.65 20.89 -6.01
N TYR B 632 -14.96 20.79 -5.84
CA TYR B 632 -15.83 20.26 -6.87
C TYR B 632 -16.34 21.41 -7.73
N THR B 633 -16.37 21.20 -9.03
CA THR B 633 -16.79 22.21 -10.00
C THR B 633 -17.95 21.69 -10.85
N VAL B 634 -18.72 22.59 -11.41
CA VAL B 634 -19.86 22.22 -12.23
C VAL B 634 -19.41 22.09 -13.67
N LEU B 635 -19.84 21.00 -14.29
CA LEU B 635 -19.68 20.71 -15.72
C LEU B 635 -21.07 20.30 -16.19
N VAL B 636 -21.76 21.19 -16.90
CA VAL B 636 -23.05 20.84 -17.49
C VAL B 636 -22.76 20.17 -18.83
N ALA B 637 -22.81 18.84 -18.84
CA ALA B 637 -22.60 18.08 -20.07
C ALA B 637 -23.25 16.72 -19.89
N THR B 638 -24.27 16.44 -20.71
CA THR B 638 -24.97 15.16 -20.70
C THR B 638 -24.22 14.06 -21.43
N GLN B 639 -23.33 14.43 -22.37
CA GLN B 639 -22.85 13.46 -23.34
C GLN B 639 -24.08 12.79 -23.95
N ALA B 640 -23.99 11.49 -24.20
CA ALA B 640 -25.14 10.71 -24.64
C ALA B 640 -25.89 10.08 -23.48
N TYR B 641 -25.57 10.49 -22.24
CA TYR B 641 -26.34 10.08 -21.07
C TYR B 641 -27.75 10.67 -21.08
N ASN B 642 -27.99 11.73 -21.86
CA ASN B 642 -29.35 12.27 -21.96
C ASN B 642 -30.32 11.19 -22.45
N VAL B 643 -29.87 10.24 -23.25
CA VAL B 643 -30.74 9.13 -23.63
C VAL B 643 -30.85 8.13 -22.48
N GLU B 644 -29.72 7.69 -21.96
CA GLU B 644 -29.72 6.55 -21.04
C GLU B 644 -30.14 6.95 -19.63
N MET B 645 -29.86 8.20 -19.21
CA MET B 645 -30.48 8.71 -17.99
C MET B 645 -31.94 9.07 -18.21
N GLY B 646 -32.27 9.57 -19.41
CA GLY B 646 -33.67 9.88 -19.71
C GLY B 646 -34.60 8.75 -19.34
N LYS B 647 -34.25 7.52 -19.77
CA LYS B 647 -35.12 6.36 -19.60
C LYS B 647 -35.49 6.08 -18.14
N ASN B 648 -34.82 6.72 -17.18
CA ASN B 648 -35.11 6.51 -15.77
C ASN B 648 -35.82 7.70 -15.13
N VAL B 649 -36.21 8.70 -15.89
CA VAL B 649 -36.95 9.84 -15.35
C VAL B 649 -38.36 9.82 -15.90
N GLY B 650 -39.35 9.86 -15.00
CA GLY B 650 -40.75 9.89 -15.39
C GLY B 650 -41.10 11.13 -16.18
N ALA B 651 -42.35 11.27 -16.59
CA ALA B 651 -42.78 12.52 -17.20
C ALA B 651 -42.43 13.68 -16.27
N THR B 652 -42.16 14.84 -16.85
CA THR B 652 -41.84 16.04 -16.08
C THR B 652 -42.71 17.21 -16.50
N PRO B 653 -42.76 18.25 -15.68
CA PRO B 653 -43.74 19.35 -15.91
C PRO B 653 -43.50 20.19 -17.16
N ASP B 654 -42.33 20.09 -17.79
CA ASP B 654 -42.09 20.78 -19.04
C ASP B 654 -42.73 20.09 -20.24
N GLY B 655 -43.51 19.03 -20.01
CA GLY B 655 -44.17 18.30 -21.05
C GLY B 655 -43.42 17.10 -21.57
N ARG B 656 -42.16 16.90 -21.18
CA ARG B 656 -41.44 15.72 -21.61
C ARG B 656 -42.13 14.48 -21.03
N MET B 657 -42.00 13.35 -21.72
CA MET B 657 -42.72 12.15 -21.35
C MET B 657 -41.79 11.09 -20.76
N ALA B 658 -42.34 10.25 -19.90
CA ALA B 658 -41.55 9.24 -19.21
C ALA B 658 -40.70 8.44 -20.20
N GLY B 659 -39.44 8.21 -19.82
CA GLY B 659 -38.46 7.50 -20.64
C GLY B 659 -37.80 8.32 -21.73
N THR B 660 -38.22 9.56 -21.93
CA THR B 660 -37.82 10.38 -23.08
C THR B 660 -36.45 11.03 -22.86
N PRO B 661 -35.61 11.07 -23.91
CA PRO B 661 -34.30 11.70 -23.76
C PRO B 661 -34.42 13.10 -23.18
N LEU B 662 -33.46 13.43 -22.33
CA LEU B 662 -33.24 14.79 -21.86
C LEU B 662 -32.68 15.65 -22.98
N ALA B 663 -32.69 16.96 -22.78
CA ALA B 663 -31.88 17.83 -23.63
C ALA B 663 -30.42 17.37 -23.61
N ASP B 664 -29.72 17.59 -24.72
CA ASP B 664 -28.33 17.14 -24.81
C ASP B 664 -27.39 18.19 -24.20
N ASN B 665 -26.51 17.73 -23.30
CA ASN B 665 -25.54 18.56 -22.60
C ASN B 665 -26.14 19.89 -22.11
N ALA B 666 -25.39 20.99 -22.28
CA ALA B 666 -25.80 22.33 -21.87
C ALA B 666 -26.65 23.05 -22.92
N SER B 667 -27.30 22.32 -23.82
CA SER B 667 -28.10 22.87 -24.90
C SER B 667 -29.58 22.88 -24.52
N PRO B 668 -30.41 23.60 -25.28
CA PRO B 668 -31.86 23.52 -25.07
C PRO B 668 -32.40 22.22 -25.65
N MET B 669 -33.65 21.91 -25.27
CA MET B 669 -34.25 20.63 -25.66
C MET B 669 -34.75 20.65 -27.10
N VAL B 670 -34.64 19.50 -27.76
CA VAL B 670 -35.07 19.31 -29.14
C VAL B 670 -36.41 20.01 -29.39
N GLY B 671 -36.41 21.00 -30.30
CA GLY B 671 -37.61 21.70 -30.72
C GLY B 671 -37.86 23.05 -30.06
N MET B 672 -37.19 23.33 -28.94
CA MET B 672 -37.56 24.46 -28.09
C MET B 672 -36.88 25.78 -28.48
N ASP B 673 -35.61 25.75 -28.89
CA ASP B 673 -34.95 26.96 -29.39
C ASP B 673 -35.47 27.22 -30.80
N VAL B 674 -36.46 28.10 -30.93
CA VAL B 674 -37.10 28.38 -32.20
C VAL B 674 -36.78 29.78 -32.72
N ASN B 675 -35.92 30.54 -32.03
CA ASN B 675 -35.66 31.94 -32.36
C ASN B 675 -34.22 32.20 -32.81
N GLY B 676 -33.43 31.16 -33.14
CA GLY B 676 -32.12 31.35 -33.73
C GLY B 676 -30.96 31.06 -32.79
N PRO B 677 -29.76 30.89 -33.35
CA PRO B 677 -28.59 30.56 -32.50
C PRO B 677 -28.11 31.72 -31.63
N THR B 678 -28.26 32.97 -32.08
CA THR B 678 -27.82 34.10 -31.26
C THR B 678 -28.61 34.19 -29.96
N ALA B 679 -29.86 33.72 -29.95
CA ALA B 679 -30.69 33.75 -28.74
C ALA B 679 -30.34 32.63 -27.77
N VAL B 680 -29.89 31.48 -28.29
CA VAL B 680 -29.47 30.36 -27.44
C VAL B 680 -28.30 30.77 -26.56
N VAL B 681 -27.37 31.56 -27.10
CA VAL B 681 -26.20 32.01 -26.33
C VAL B 681 -26.54 33.17 -25.40
N ASN B 682 -27.58 33.95 -25.72
CA ASN B 682 -28.08 34.94 -24.77
C ASN B 682 -28.76 34.26 -23.58
N SER B 683 -29.47 33.16 -23.83
CA SER B 683 -30.13 32.42 -22.75
C SER B 683 -29.11 31.82 -21.77
N LEU B 684 -28.07 31.17 -22.29
CA LEU B 684 -26.98 30.67 -21.44
C LEU B 684 -26.21 31.79 -20.74
N ALA B 685 -26.39 33.05 -21.14
CA ALA B 685 -25.74 34.16 -20.45
C ALA B 685 -26.38 34.48 -19.10
N CYS B 686 -27.63 34.04 -18.86
CA CYS B 686 -28.28 34.18 -17.56
C CYS B 686 -27.85 33.11 -16.56
N CYS B 687 -27.15 32.06 -17.03
CA CYS B 687 -26.44 31.15 -16.14
C CYS B 687 -25.45 31.91 -15.26
N ASP B 688 -24.94 33.04 -15.76
CA ASP B 688 -23.71 33.63 -15.25
C ASP B 688 -22.56 32.69 -15.57
N GLU B 689 -22.05 32.75 -16.79
CA GLU B 689 -21.13 31.74 -17.30
C GLU B 689 -19.71 31.92 -16.77
N LEU B 690 -19.50 32.77 -15.77
CA LEU B 690 -18.23 32.78 -15.06
C LEU B 690 -18.25 31.88 -13.84
N VAL B 691 -19.39 31.25 -13.54
CA VAL B 691 -19.62 30.43 -12.35
C VAL B 691 -19.35 28.94 -12.60
N PRO B 692 -19.83 28.34 -13.70
CA PRO B 692 -19.46 26.93 -13.93
C PRO B 692 -17.99 26.76 -14.32
N GLN B 693 -17.08 26.86 -13.33
CA GLN B 693 -15.68 26.48 -13.52
C GLN B 693 -15.66 25.04 -14.02
N SER B 694 -15.10 24.81 -15.21
CA SER B 694 -15.16 23.52 -15.92
C SER B 694 -16.20 23.48 -17.04
N GLY B 695 -17.05 24.51 -17.16
CA GLY B 695 -17.75 24.81 -18.41
C GLY B 695 -19.11 24.14 -18.61
N LEU B 696 -19.90 24.78 -19.48
CA LEU B 696 -21.13 24.22 -20.04
C LEU B 696 -20.83 23.81 -21.48
N LEU B 697 -21.09 22.54 -21.82
CA LEU B 697 -20.82 22.03 -23.15
C LEU B 697 -21.96 22.46 -24.08
N LEU B 698 -21.62 23.18 -25.15
CA LEU B 698 -22.61 23.79 -26.04
C LEU B 698 -22.48 23.16 -27.42
N ASN B 699 -23.57 22.64 -27.94
CA ASN B 699 -23.63 22.13 -29.31
C ASN B 699 -24.47 23.06 -30.16
N GLN B 700 -23.98 23.41 -31.36
CA GLN B 700 -24.78 24.17 -32.30
C GLN B 700 -24.58 23.61 -33.70
N ARG B 701 -25.67 23.37 -34.41
CA ARG B 701 -25.63 22.95 -35.80
C ARG B 701 -26.10 24.11 -36.68
N PHE B 702 -25.67 24.07 -37.94
CA PHE B 702 -26.07 25.09 -38.91
C PHE B 702 -26.41 24.42 -40.23
N ASP B 703 -27.41 24.97 -40.91
CA ASP B 703 -27.77 24.50 -42.24
C ASP B 703 -26.65 24.86 -43.23
N PRO B 704 -26.17 23.90 -44.04
CA PRO B 704 -24.95 24.17 -44.83
C PRO B 704 -25.11 25.26 -45.88
N ALA B 705 -26.31 25.41 -46.45
CA ALA B 705 -26.53 26.46 -47.44
C ALA B 705 -26.30 27.85 -46.84
N VAL B 706 -26.70 28.05 -45.59
CA VAL B 706 -26.78 29.40 -45.02
C VAL B 706 -25.39 30.00 -44.83
N VAL B 707 -24.50 29.28 -44.15
CA VAL B 707 -23.22 29.85 -43.73
C VAL B 707 -22.11 29.50 -44.73
N ALA B 708 -22.39 29.66 -46.02
CA ALA B 708 -21.41 29.36 -47.06
C ALA B 708 -20.74 30.64 -47.54
N GLY B 709 -19.65 30.47 -48.29
CA GLY B 709 -18.90 31.58 -48.83
C GLY B 709 -18.19 32.37 -47.74
N GLU B 710 -17.55 33.45 -48.18
CA GLU B 710 -16.92 34.36 -47.22
C GLU B 710 -17.94 35.07 -46.34
N LYS B 711 -19.16 35.24 -46.84
CA LYS B 711 -20.20 35.73 -45.94
C LYS B 711 -20.59 34.67 -44.87
N GLY B 712 -19.75 33.63 -44.78
CA GLY B 712 -19.79 32.66 -43.70
C GLY B 712 -18.61 32.85 -42.76
N ILE B 713 -17.39 33.00 -43.32
CA ILE B 713 -16.20 33.31 -42.54
C ILE B 713 -16.18 34.81 -42.23
N ASP B 714 -17.31 35.46 -42.47
CA ASP B 714 -17.69 36.76 -41.93
C ASP B 714 -18.92 36.66 -41.04
N ILE B 715 -19.90 35.84 -41.43
CA ILE B 715 -21.07 35.63 -40.60
C ILE B 715 -20.82 34.62 -39.49
N ILE B 716 -19.76 33.81 -39.59
CA ILE B 716 -19.46 32.84 -38.54
C ILE B 716 -18.84 33.54 -37.34
N GLU B 717 -17.75 34.29 -37.57
CA GLU B 717 -17.22 35.23 -36.59
C GLU B 717 -18.38 35.79 -35.78
N SER B 718 -19.29 36.49 -36.46
CA SER B 718 -20.52 37.05 -35.89
C SER B 718 -21.01 36.36 -34.63
N VAL B 719 -21.55 35.14 -34.75
CA VAL B 719 -22.12 34.44 -33.60
C VAL B 719 -21.03 33.97 -32.64
N PHE B 720 -19.80 33.82 -33.12
CA PHE B 720 -18.68 33.45 -32.26
C PHE B 720 -18.33 34.59 -31.31
N ARG B 721 -17.93 35.74 -31.86
CA ARG B 721 -17.47 36.86 -31.03
C ARG B 721 -18.54 37.32 -30.04
N ALA B 722 -19.81 37.24 -30.42
CA ALA B 722 -20.89 37.64 -29.53
C ALA B 722 -21.16 36.61 -28.45
N HIS B 723 -20.66 35.39 -28.62
CA HIS B 723 -20.69 34.45 -27.53
C HIS B 723 -19.59 34.79 -26.53
N PHE B 724 -18.43 35.19 -27.06
CA PHE B 724 -17.25 35.41 -26.23
C PHE B 724 -17.34 36.71 -25.47
N ALA B 725 -17.75 37.81 -26.13
CA ALA B 725 -17.99 39.05 -25.40
C ALA B 725 -19.00 38.86 -24.26
N GLN B 726 -20.01 38.01 -24.45
CA GLN B 726 -20.94 37.68 -23.37
C GLN B 726 -20.37 36.68 -22.38
N ASN B 727 -19.06 36.40 -22.44
CA ASN B 727 -18.36 35.53 -21.50
C ASN B 727 -18.62 34.05 -21.77
N GLY B 728 -18.94 33.71 -23.02
CA GLY B 728 -19.15 32.32 -23.38
C GLY B 728 -17.84 31.57 -23.45
N PHE B 729 -17.86 30.33 -22.96
CA PHE B 729 -16.64 29.52 -22.97
C PHE B 729 -16.48 28.75 -24.27
N HIS B 730 -17.43 27.87 -24.56
CA HIS B 730 -17.29 26.82 -25.56
C HIS B 730 -18.38 26.99 -26.61
N ILE B 731 -17.97 26.96 -27.88
CA ILE B 731 -18.87 27.09 -29.03
C ILE B 731 -18.41 26.12 -30.11
N GLN B 732 -18.98 24.93 -30.13
CA GLN B 732 -18.53 23.84 -30.99
C GLN B 732 -19.65 23.48 -31.96
N ILE B 733 -19.38 23.59 -33.26
CA ILE B 733 -20.42 23.48 -34.28
C ILE B 733 -20.29 22.18 -35.08
N ASN B 734 -21.42 21.80 -35.67
CA ASN B 734 -21.49 20.77 -36.70
C ASN B 734 -22.35 21.32 -37.82
N VAL B 735 -21.86 21.25 -39.05
CA VAL B 735 -22.59 21.78 -40.20
C VAL B 735 -22.91 20.64 -41.16
N LEU B 736 -23.85 19.79 -40.76
CA LEU B 736 -24.30 18.66 -41.56
C LEU B 736 -25.71 18.94 -42.08
N ASP B 737 -26.00 18.40 -43.28
CA ASP B 737 -27.14 18.78 -44.10
C ASP B 737 -28.49 18.24 -43.64
N ASP B 738 -28.52 17.41 -42.58
CA ASP B 738 -29.74 16.74 -42.11
C ASP B 738 -30.33 15.81 -43.17
N GLU B 739 -30.51 16.29 -44.40
CA GLU B 739 -30.80 15.38 -45.50
C GLU B 739 -29.57 14.55 -45.88
N THR B 740 -28.36 15.11 -45.63
CA THR B 740 -27.13 14.35 -45.83
C THR B 740 -26.95 13.25 -44.78
N LEU B 741 -27.37 13.51 -43.54
CA LEU B 741 -27.22 12.53 -42.46
C LEU B 741 -28.26 11.42 -42.52
N ARG B 742 -29.36 11.60 -43.26
CA ARG B 742 -30.30 10.51 -43.49
C ARG B 742 -29.88 9.63 -44.67
N ALA B 743 -29.38 10.25 -45.75
CA ALA B 743 -28.88 9.46 -46.88
C ALA B 743 -27.63 8.66 -46.49
N ALA B 744 -26.88 9.13 -45.50
CA ALA B 744 -25.71 8.42 -45.03
C ALA B 744 -26.04 7.21 -44.15
N GLN B 745 -27.32 6.97 -43.87
CA GLN B 745 -27.73 5.73 -43.20
C GLN B 745 -28.05 4.62 -44.22
N LYS B 746 -28.64 4.97 -45.36
CA LYS B 746 -28.92 4.00 -46.40
C LYS B 746 -27.66 3.58 -47.15
N ASN B 747 -26.72 4.50 -47.36
CA ASN B 747 -25.43 4.20 -47.96
C ASN B 747 -24.32 4.40 -46.93
N PRO B 748 -24.18 3.49 -45.95
CA PRO B 748 -23.13 3.71 -44.93
C PRO B 748 -21.73 3.78 -45.50
N ASP B 749 -21.36 2.81 -46.33
CA ASP B 749 -20.00 2.73 -46.85
C ASP B 749 -19.71 3.90 -47.79
N ASP B 750 -20.71 4.75 -48.04
CA ASP B 750 -20.60 5.89 -48.93
C ASP B 750 -20.40 7.22 -48.19
N HIS B 751 -20.63 7.25 -46.87
CA HIS B 751 -20.39 8.43 -46.05
C HIS B 751 -19.53 8.08 -44.83
N ARG B 752 -18.52 7.23 -45.04
CA ARG B 752 -17.64 6.74 -43.96
C ARG B 752 -16.77 7.83 -43.36
N ASN B 753 -16.63 8.99 -44.00
CA ASN B 753 -15.77 10.06 -43.52
C ASN B 753 -16.53 11.23 -42.88
N ILE B 754 -17.84 11.08 -42.67
CA ILE B 754 -18.65 12.15 -42.09
C ILE B 754 -18.42 12.17 -40.57
N LEU B 755 -17.87 13.29 -40.09
CA LEU B 755 -17.45 13.47 -38.71
C LEU B 755 -18.36 14.49 -38.04
N VAL B 756 -19.06 14.08 -37.00
CA VAL B 756 -19.97 14.95 -36.25
C VAL B 756 -19.41 15.18 -34.85
N ARG B 757 -19.58 16.40 -34.35
CA ARG B 757 -19.25 16.70 -32.96
C ARG B 757 -20.43 16.28 -32.09
N VAL B 758 -20.24 15.23 -31.30
CA VAL B 758 -21.30 14.65 -30.45
C VAL B 758 -20.81 14.78 -29.01
N ALA B 759 -21.14 15.91 -28.37
CA ALA B 759 -20.88 16.14 -26.95
C ALA B 759 -19.39 16.20 -26.55
N GLY B 760 -18.63 17.14 -27.12
CA GLY B 760 -17.26 17.32 -26.68
C GLY B 760 -16.26 16.26 -27.13
N TYR B 761 -16.64 15.39 -28.08
CA TYR B 761 -15.80 14.28 -28.48
C TYR B 761 -15.53 14.25 -29.99
N SER B 762 -16.60 14.11 -30.79
CA SER B 762 -16.53 13.94 -32.24
C SER B 762 -16.33 12.47 -32.66
N ALA B 763 -17.11 12.03 -33.66
CA ALA B 763 -17.09 10.66 -34.15
C ALA B 763 -17.65 10.65 -35.57
N TYR B 764 -17.31 9.60 -36.34
CA TYR B 764 -17.90 9.41 -37.65
C TYR B 764 -19.32 8.88 -37.51
N PHE B 765 -20.29 9.54 -38.18
CA PHE B 765 -21.69 9.19 -37.94
C PHE B 765 -21.97 7.73 -38.29
N VAL B 766 -21.26 7.16 -39.27
CA VAL B 766 -21.47 5.76 -39.66
C VAL B 766 -20.79 4.81 -38.67
N ASP B 767 -20.60 5.27 -37.44
CA ASP B 767 -20.07 4.44 -36.36
C ASP B 767 -20.93 4.51 -35.11
N LEU B 768 -22.14 5.06 -35.21
CA LEU B 768 -23.04 5.23 -34.09
C LEU B 768 -24.27 4.35 -34.26
N SER B 769 -24.90 4.02 -33.13
CA SER B 769 -26.16 3.28 -33.14
C SER B 769 -27.25 4.12 -33.81
N GLU B 770 -28.35 3.46 -34.18
CA GLU B 770 -29.44 4.20 -34.80
C GLU B 770 -30.08 5.16 -33.80
N GLU B 771 -30.28 4.72 -32.55
CA GLU B 771 -30.94 5.55 -31.54
C GLU B 771 -30.11 6.80 -31.23
N ILE B 772 -28.79 6.67 -31.18
CA ILE B 772 -27.92 7.83 -30.98
C ILE B 772 -27.85 8.70 -32.23
N GLN B 773 -28.08 8.10 -33.42
CA GLN B 773 -28.07 8.82 -34.69
C GLN B 773 -29.33 9.66 -34.88
N ASN B 774 -30.50 9.02 -34.76
CA ASN B 774 -31.76 9.75 -34.85
C ASN B 774 -31.90 10.81 -33.76
N ASN B 775 -31.16 10.68 -32.64
CA ASN B 775 -31.16 11.71 -31.59
C ASN B 775 -30.22 12.86 -31.93
N ILE B 776 -29.07 12.57 -32.55
CA ILE B 776 -28.19 13.63 -33.04
C ILE B 776 -28.82 14.37 -34.20
N ILE B 777 -29.79 13.73 -34.90
CA ILE B 777 -30.50 14.36 -36.02
C ILE B 777 -31.68 15.20 -35.58
N GLU B 778 -32.07 15.15 -34.30
CA GLU B 778 -33.13 16.02 -33.77
C GLU B 778 -32.61 17.36 -33.21
N ARG B 779 -31.31 17.63 -33.34
CA ARG B 779 -30.76 18.90 -32.88
C ARG B 779 -31.23 20.04 -33.79
N THR B 780 -31.64 21.14 -33.18
CA THR B 780 -32.12 22.31 -33.90
C THR B 780 -31.14 22.72 -34.99
N ILE B 781 -31.63 22.88 -36.22
CA ILE B 781 -30.85 23.41 -37.33
C ILE B 781 -31.11 24.92 -37.40
N GLN B 782 -30.03 25.69 -37.30
CA GLN B 782 -30.13 27.15 -37.33
C GLN B 782 -29.94 27.64 -38.76
N ARG B 783 -30.94 28.36 -39.26
CA ARG B 783 -30.88 28.98 -40.58
C ARG B 783 -30.35 30.42 -40.51
N GLY B 784 -29.74 30.81 -39.40
CA GLY B 784 -29.07 32.10 -39.28
C GLY B 784 -29.35 32.90 -38.01
N LEU B 785 -28.37 33.69 -37.60
CA LEU B 785 -28.53 34.69 -36.53
C LEU B 785 -27.25 35.51 -36.36
CB UY7 C . 15.18 -11.28 20.54
CG UY7 C . 16.12 -10.46 21.61
CD UY7 C . 17.00 -9.76 20.92
CA UY7 C . 15.27 -10.59 19.40
C UY7 C . 15.01 -11.62 18.25
N UY7 C . 16.72 -10.05 19.37
OXT UY7 C . 15.92 -11.81 17.33
O UY7 C . 13.93 -12.25 18.30
O09 UY7 C . 15.23 -9.62 22.36
HB2 UY7 C . 15.51 -12.18 20.42
HB3 UY7 C . 14.26 -11.31 20.85
HG2 UY7 C . 16.63 -11.05 22.18
HD2 UY7 C . 17.89 -10.04 21.14
HD3 UY7 C . 16.88 -8.81 21.10
HA UY7 C . 14.68 -9.82 19.35
H UY7 C . 16.77 -9.30 18.89
H10 UY7 C . 14.43 -9.83 22.20
CB UY7 D . -15.03 12.87 -19.76
CG UY7 D . -15.82 14.31 -19.61
CD UY7 D . -16.97 13.97 -19.10
CA UY7 D . -15.20 12.28 -18.54
C UY7 D . -15.14 10.72 -18.68
N UY7 D . -16.57 12.81 -18.07
OXT UY7 D . -14.10 10.17 -19.19
O UY7 D . -16.10 10.00 -18.28
O09 UY7 D . -15.19 15.19 -18.69
HB2 UY7 D . -14.09 13.00 -19.94
HB3 UY7 D . -15.44 12.32 -20.44
HG2 UY7 D . -15.87 14.73 -20.49
HD2 UY7 D . -17.37 14.72 -18.65
HD3 UY7 D . -17.56 13.63 -19.79
HA UY7 D . -14.52 12.56 -17.91
H UY7 D . -16.50 13.16 -17.25
H10 UY7 D . -15.34 14.93 -17.90
#